data_2EB9
# 
_entry.id   2EB9 
# 
_audit_conform.dict_name       mmcif_pdbx.dic 
_audit_conform.dict_version    5.380 
_audit_conform.dict_location   http://mmcif.pdb.org/dictionaries/ascii/mmcif_pdbx.dic 
# 
loop_
_database_2.database_id 
_database_2.database_code 
_database_2.pdbx_database_accession 
_database_2.pdbx_DOI 
PDB   2EB9         pdb_00002eb9 10.2210/pdb2eb9/pdb 
RCSB  RCSB026457   ?            ?                   
WWPDB D_1000026457 ?            ?                   
# 
_pdbx_database_related.db_name        PDB 
_pdbx_database_related.db_id          2EB8 
_pdbx_database_related.details        . 
_pdbx_database_related.content_type   unspecified 
# 
_pdbx_database_status.status_code                     REL 
_pdbx_database_status.entry_id                        2EB9 
_pdbx_database_status.recvd_initial_deposition_date   2007-02-07 
_pdbx_database_status.deposit_site                    PDBJ 
_pdbx_database_status.process_site                    PDBJ 
_pdbx_database_status.status_code_sf                  REL 
_pdbx_database_status.status_code_mr                  ? 
_pdbx_database_status.SG_entry                        ? 
_pdbx_database_status.pdb_format_compatible           Y 
_pdbx_database_status.status_code_cs                  ? 
_pdbx_database_status.status_code_nmr_data            ? 
_pdbx_database_status.methods_development_category    ? 
# 
loop_
_audit_author.name 
_audit_author.pdbx_ordinal 
'Abe, S.'      1 
'Okazaki, S.'  2 
'Ueno, T.'     3 
'Hikage, T.'   4 
'Suzuki, A.'   5 
'Yamane, T.'   6 
'Watanabe, Y.' 7 
# 
_citation.id                        primary 
_citation.title                     
;Design and Structure Analysis of Artificial Metalloproteins: Selective Coordination of His64 to Copper Complexes with Square-Planar Structure in the apo-Myoglobin Scaffold
;
_citation.journal_abbrev            Inorg.Chem. 
_citation.journal_volume            46 
_citation.page_first                5137 
_citation.page_last                 5139 
_citation.year                      2007 
_citation.journal_id_ASTM           INOCAJ 
_citation.country                   US 
_citation.journal_id_ISSN           0020-1669 
_citation.journal_id_CSD            0009 
_citation.book_publisher            ? 
_citation.pdbx_database_id_PubMed   17523632 
_citation.pdbx_database_id_DOI      10.1021/ic070289m 
# 
loop_
_citation_author.citation_id 
_citation_author.name 
_citation_author.ordinal 
_citation_author.identifier_ORCID 
primary 'Abe, S.'       1 ? 
primary 'Ueno, T.'      2 ? 
primary 'Reddy, P.A.N.' 3 ? 
primary 'Okazaki, S.'   4 ? 
primary 'Hikage, T.'    5 ? 
primary 'Suzuki, A.'    6 ? 
primary 'Yamane, T.'    7 ? 
primary 'Nakajima, H.'  8 ? 
primary 'Watanabe, Y.'  9 ? 
# 
_cell.entry_id           2EB9 
_cell.length_a           32.580 
_cell.length_b           57.901 
_cell.length_c           75.282 
_cell.angle_alpha        90.00 
_cell.angle_beta         90.00 
_cell.angle_gamma        90.00 
_cell.Z_PDB              4 
_cell.pdbx_unique_axis   ? 
_cell.length_a_esd       ? 
_cell.length_b_esd       ? 
_cell.length_c_esd       ? 
_cell.angle_alpha_esd    ? 
_cell.angle_beta_esd     ? 
_cell.angle_gamma_esd    ? 
# 
_symmetry.entry_id                         2EB9 
_symmetry.space_group_name_H-M             'P 21 21 21' 
_symmetry.pdbx_full_space_group_name_H-M   ? 
_symmetry.cell_setting                     ? 
_symmetry.Int_Tables_number                19 
_symmetry.space_group_name_Hall            ? 
# 
loop_
_entity.id 
_entity.type 
_entity.src_method 
_entity.pdbx_description 
_entity.formula_weight 
_entity.pdbx_number_of_molecules 
_entity.pdbx_ec 
_entity.pdbx_mutation 
_entity.pdbx_fragment 
_entity.details 
1 polymer     man Myoglobin                                17366.148 1   ? ? ? ? 
2 non-polymer syn 'PHOSPHATE ION'                          94.971    5   ? ? ? ? 
3 non-polymer syn '(N-SALICYLIDEN-L-LEUCINATO)-COPPER(II)' 296.809   1   ? ? ? ? 
4 non-polymer syn GLYCEROL                                 92.094    1   ? ? ? ? 
5 water       nat water                                    18.015    124 ? ? ? ? 
# 
_entity_poly.entity_id                      1 
_entity_poly.type                           'polypeptide(L)' 
_entity_poly.nstd_linkage                   no 
_entity_poly.nstd_monomer                   no 
_entity_poly.pdbx_seq_one_letter_code       
;MVLSEGEWQLVLHVWAKVEADVAGHGQDILIRLFKSHPETLEKFDRFKHLKTEAEMKASEDLKKHGVTVLTALGAILKKK
GHHEAELKPLAQSHATKHKIPIKYLEFISEAIIHVLHSRHPGDFGADAQGAMNKALELFRKDIAAKYKELGYQG
;
_entity_poly.pdbx_seq_one_letter_code_can   
;MVLSEGEWQLVLHVWAKVEADVAGHGQDILIRLFKSHPETLEKFDRFKHLKTEAEMKASEDLKKHGVTVLTALGAILKKK
GHHEAELKPLAQSHATKHKIPIKYLEFISEAIIHVLHSRHPGDFGADAQGAMNKALELFRKDIAAKYKELGYQG
;
_entity_poly.pdbx_strand_id                 A 
_entity_poly.pdbx_target_identifier         ? 
# 
loop_
_entity_poly_seq.entity_id 
_entity_poly_seq.num 
_entity_poly_seq.mon_id 
_entity_poly_seq.hetero 
1 1   MET n 
1 2   VAL n 
1 3   LEU n 
1 4   SER n 
1 5   GLU n 
1 6   GLY n 
1 7   GLU n 
1 8   TRP n 
1 9   GLN n 
1 10  LEU n 
1 11  VAL n 
1 12  LEU n 
1 13  HIS n 
1 14  VAL n 
1 15  TRP n 
1 16  ALA n 
1 17  LYS n 
1 18  VAL n 
1 19  GLU n 
1 20  ALA n 
1 21  ASP n 
1 22  VAL n 
1 23  ALA n 
1 24  GLY n 
1 25  HIS n 
1 26  GLY n 
1 27  GLN n 
1 28  ASP n 
1 29  ILE n 
1 30  LEU n 
1 31  ILE n 
1 32  ARG n 
1 33  LEU n 
1 34  PHE n 
1 35  LYS n 
1 36  SER n 
1 37  HIS n 
1 38  PRO n 
1 39  GLU n 
1 40  THR n 
1 41  LEU n 
1 42  GLU n 
1 43  LYS n 
1 44  PHE n 
1 45  ASP n 
1 46  ARG n 
1 47  PHE n 
1 48  LYS n 
1 49  HIS n 
1 50  LEU n 
1 51  LYS n 
1 52  THR n 
1 53  GLU n 
1 54  ALA n 
1 55  GLU n 
1 56  MET n 
1 57  LYS n 
1 58  ALA n 
1 59  SER n 
1 60  GLU n 
1 61  ASP n 
1 62  LEU n 
1 63  LYS n 
1 64  LYS n 
1 65  HIS n 
1 66  GLY n 
1 67  VAL n 
1 68  THR n 
1 69  VAL n 
1 70  LEU n 
1 71  THR n 
1 72  ALA n 
1 73  LEU n 
1 74  GLY n 
1 75  ALA n 
1 76  ILE n 
1 77  LEU n 
1 78  LYS n 
1 79  LYS n 
1 80  LYS n 
1 81  GLY n 
1 82  HIS n 
1 83  HIS n 
1 84  GLU n 
1 85  ALA n 
1 86  GLU n 
1 87  LEU n 
1 88  LYS n 
1 89  PRO n 
1 90  LEU n 
1 91  ALA n 
1 92  GLN n 
1 93  SER n 
1 94  HIS n 
1 95  ALA n 
1 96  THR n 
1 97  LYS n 
1 98  HIS n 
1 99  LYS n 
1 100 ILE n 
1 101 PRO n 
1 102 ILE n 
1 103 LYS n 
1 104 TYR n 
1 105 LEU n 
1 106 GLU n 
1 107 PHE n 
1 108 ILE n 
1 109 SER n 
1 110 GLU n 
1 111 ALA n 
1 112 ILE n 
1 113 ILE n 
1 114 HIS n 
1 115 VAL n 
1 116 LEU n 
1 117 HIS n 
1 118 SER n 
1 119 ARG n 
1 120 HIS n 
1 121 PRO n 
1 122 GLY n 
1 123 ASP n 
1 124 PHE n 
1 125 GLY n 
1 126 ALA n 
1 127 ASP n 
1 128 ALA n 
1 129 GLN n 
1 130 GLY n 
1 131 ALA n 
1 132 MET n 
1 133 ASN n 
1 134 LYS n 
1 135 ALA n 
1 136 LEU n 
1 137 GLU n 
1 138 LEU n 
1 139 PHE n 
1 140 ARG n 
1 141 LYS n 
1 142 ASP n 
1 143 ILE n 
1 144 ALA n 
1 145 ALA n 
1 146 LYS n 
1 147 TYR n 
1 148 LYS n 
1 149 GLU n 
1 150 LEU n 
1 151 GLY n 
1 152 TYR n 
1 153 GLN n 
1 154 GLY n 
# 
_entity_src_gen.entity_id                          1 
_entity_src_gen.pdbx_src_id                        1 
_entity_src_gen.pdbx_alt_source_flag               sample 
_entity_src_gen.pdbx_seq_type                      ? 
_entity_src_gen.pdbx_beg_seq_num                   ? 
_entity_src_gen.pdbx_end_seq_num                   ? 
_entity_src_gen.gene_src_common_name               'sperm whale' 
_entity_src_gen.gene_src_genus                     Physeter 
_entity_src_gen.pdbx_gene_src_gene                 ? 
_entity_src_gen.gene_src_species                   ? 
_entity_src_gen.gene_src_strain                    ? 
_entity_src_gen.gene_src_tissue                    ? 
_entity_src_gen.gene_src_tissue_fraction           ? 
_entity_src_gen.gene_src_details                   ? 
_entity_src_gen.pdbx_gene_src_fragment             ? 
_entity_src_gen.pdbx_gene_src_scientific_name      'Physeter catodon' 
_entity_src_gen.pdbx_gene_src_ncbi_taxonomy_id     9755 
_entity_src_gen.pdbx_gene_src_variant              ? 
_entity_src_gen.pdbx_gene_src_cell_line            ? 
_entity_src_gen.pdbx_gene_src_atcc                 ? 
_entity_src_gen.pdbx_gene_src_organ                ? 
_entity_src_gen.pdbx_gene_src_organelle            ? 
_entity_src_gen.pdbx_gene_src_cell                 ? 
_entity_src_gen.pdbx_gene_src_cellular_location    ? 
_entity_src_gen.host_org_common_name               ? 
_entity_src_gen.pdbx_host_org_scientific_name      'Escherichia coli' 
_entity_src_gen.pdbx_host_org_ncbi_taxonomy_id     562 
_entity_src_gen.host_org_genus                     Escherichia 
_entity_src_gen.pdbx_host_org_gene                 ? 
_entity_src_gen.pdbx_host_org_organ                ? 
_entity_src_gen.host_org_species                   ? 
_entity_src_gen.pdbx_host_org_tissue               ? 
_entity_src_gen.pdbx_host_org_tissue_fraction      ? 
_entity_src_gen.pdbx_host_org_strain               TB-1 
_entity_src_gen.pdbx_host_org_variant              ? 
_entity_src_gen.pdbx_host_org_cell_line            ? 
_entity_src_gen.pdbx_host_org_atcc                 ? 
_entity_src_gen.pdbx_host_org_culture_collection   ? 
_entity_src_gen.pdbx_host_org_cell                 ? 
_entity_src_gen.pdbx_host_org_organelle            ? 
_entity_src_gen.pdbx_host_org_cellular_location    ? 
_entity_src_gen.pdbx_host_org_vector_type          PLASMID 
_entity_src_gen.pdbx_host_org_vector               ? 
_entity_src_gen.host_org_details                   ? 
_entity_src_gen.expression_system_id               ? 
_entity_src_gen.plasmid_name                       PUC19 
_entity_src_gen.plasmid_details                    ? 
_entity_src_gen.pdbx_description                   ? 
# 
_struct_ref.id                         1 
_struct_ref.db_name                    UNP 
_struct_ref.db_code                    MYG_PHYCA 
_struct_ref.pdbx_db_accession          P02185 
_struct_ref.entity_id                  1 
_struct_ref.pdbx_seq_one_letter_code   
;MVLSEGEWQLVLHVWAKVEADVAGHGQDILIRLFKSHPETLEKFDRFKHLKTEAEMKASEDLKKHGVTVLTALGAILKKK
GHHEAELKPLAQSHATKHKIPIKYLEFISEAIIHVLHSRHPGDFGADAQGAMNKALELFRKDIAAKYKELGYQG
;
_struct_ref.pdbx_align_begin           1 
_struct_ref.pdbx_db_isoform            ? 
# 
_struct_ref_seq.align_id                      1 
_struct_ref_seq.ref_id                        1 
_struct_ref_seq.pdbx_PDB_id_code              2EB9 
_struct_ref_seq.pdbx_strand_id                A 
_struct_ref_seq.seq_align_beg                 1 
_struct_ref_seq.pdbx_seq_align_beg_ins_code   ? 
_struct_ref_seq.seq_align_end                 154 
_struct_ref_seq.pdbx_seq_align_end_ins_code   ? 
_struct_ref_seq.pdbx_db_accession             P02185 
_struct_ref_seq.db_align_beg                  1 
_struct_ref_seq.pdbx_db_align_beg_ins_code    ? 
_struct_ref_seq.db_align_end                  154 
_struct_ref_seq.pdbx_db_align_end_ins_code    ? 
_struct_ref_seq.pdbx_auth_seq_align_beg       0 
_struct_ref_seq.pdbx_auth_seq_align_end       153 
# 
loop_
_chem_comp.id 
_chem_comp.type 
_chem_comp.mon_nstd_flag 
_chem_comp.name 
_chem_comp.pdbx_synonyms 
_chem_comp.formula 
_chem_comp.formula_weight 
ALA 'L-peptide linking' y ALANINE                                  ?                               'C3 H7 N O2'      89.093  
ARG 'L-peptide linking' y ARGININE                                 ?                               'C6 H15 N4 O2 1'  175.209 
ASN 'L-peptide linking' y ASPARAGINE                               ?                               'C4 H8 N2 O3'     132.118 
ASP 'L-peptide linking' y 'ASPARTIC ACID'                          ?                               'C4 H7 N O4'      133.103 
CUS non-polymer         . '(N-SALICYLIDEN-L-LEUCINATO)-COPPER(II)' ?                               'C13 H15 Cu N O3' 296.809 
GLN 'L-peptide linking' y GLUTAMINE                                ?                               'C5 H10 N2 O3'    146.144 
GLU 'L-peptide linking' y 'GLUTAMIC ACID'                          ?                               'C5 H9 N O4'      147.129 
GLY 'peptide linking'   y GLYCINE                                  ?                               'C2 H5 N O2'      75.067  
GOL non-polymer         . GLYCEROL                                 'GLYCERIN; PROPANE-1,2,3-TRIOL' 'C3 H8 O3'        92.094  
HIS 'L-peptide linking' y HISTIDINE                                ?                               'C6 H10 N3 O2 1'  156.162 
HOH non-polymer         . WATER                                    ?                               'H2 O'            18.015  
ILE 'L-peptide linking' y ISOLEUCINE                               ?                               'C6 H13 N O2'     131.173 
LEU 'L-peptide linking' y LEUCINE                                  ?                               'C6 H13 N O2'     131.173 
LYS 'L-peptide linking' y LYSINE                                   ?                               'C6 H15 N2 O2 1'  147.195 
MET 'L-peptide linking' y METHIONINE                               ?                               'C5 H11 N O2 S'   149.211 
PHE 'L-peptide linking' y PHENYLALANINE                            ?                               'C9 H11 N O2'     165.189 
PO4 non-polymer         . 'PHOSPHATE ION'                          ?                               'O4 P -3'         94.971  
PRO 'L-peptide linking' y PROLINE                                  ?                               'C5 H9 N O2'      115.130 
SER 'L-peptide linking' y SERINE                                   ?                               'C3 H7 N O3'      105.093 
THR 'L-peptide linking' y THREONINE                                ?                               'C4 H9 N O3'      119.119 
TRP 'L-peptide linking' y TRYPTOPHAN                               ?                               'C11 H12 N2 O2'   204.225 
TYR 'L-peptide linking' y TYROSINE                                 ?                               'C9 H11 N O3'     181.189 
VAL 'L-peptide linking' y VALINE                                   ?                               'C5 H11 N O2'     117.146 
# 
_exptl.entry_id          2EB9 
_exptl.method            'X-RAY DIFFRACTION' 
_exptl.crystals_number   1 
# 
_exptl_crystal.id                    1 
_exptl_crystal.density_meas          ? 
_exptl_crystal.density_Matthews      2.04 
_exptl_crystal.density_percent_sol   39.82 
_exptl_crystal.description           ? 
_exptl_crystal.F_000                 ? 
_exptl_crystal.preparation           ? 
# 
_exptl_crystal_grow.crystal_id      1 
_exptl_crystal_grow.method          'VAPOR DIFFUSION, HANGING DROP' 
_exptl_crystal_grow.temp            277 
_exptl_crystal_grow.temp_details    ? 
_exptl_crystal_grow.pH              6.8 
_exptl_crystal_grow.pdbx_details    '1.37M Sodium, Pottasium phosphate, pH 6.8, VAPOR DIFFUSION, HANGING DROP, temperature 277K' 
_exptl_crystal_grow.pdbx_pH_range   . 
# 
_diffrn.id                     1 
_diffrn.ambient_temp           100 
_diffrn.ambient_temp_details   ? 
_diffrn.crystal_id             1 
# 
_diffrn_detector.diffrn_id              1 
_diffrn_detector.detector               'IMAGE PLATE' 
_diffrn_detector.type                   'RIGAKU RAXIS VII' 
_diffrn_detector.pdbx_collection_date   2006-02-06 
_diffrn_detector.details                ? 
# 
_diffrn_radiation.diffrn_id                        1 
_diffrn_radiation.wavelength_id                    1 
_diffrn_radiation.pdbx_monochromatic_or_laue_m_l   M 
_diffrn_radiation.monochromator                    'CONFOCAL MIRRORS' 
_diffrn_radiation.pdbx_diffrn_protocol             'SINGLE WAVELENGTH' 
_diffrn_radiation.pdbx_scattering_type             x-ray 
# 
_diffrn_radiation_wavelength.id           1 
_diffrn_radiation_wavelength.wavelength   1.5418 
_diffrn_radiation_wavelength.wt           1.0 
# 
_diffrn_source.diffrn_id                   1 
_diffrn_source.source                      'ROTATING ANODE' 
_diffrn_source.type                        RIGAKU 
_diffrn_source.pdbx_synchrotron_site       ? 
_diffrn_source.pdbx_synchrotron_beamline   ? 
_diffrn_source.pdbx_wavelength             ? 
_diffrn_source.pdbx_wavelength_list        1.5418 
# 
_reflns.entry_id                     2EB9 
_reflns.observed_criterion_sigma_F   0.0 
_reflns.observed_criterion_sigma_I   ? 
_reflns.d_resolution_high            1.80 
_reflns.d_resolution_low             50.0 
_reflns.number_all                   ? 
_reflns.number_obs                   13338 
_reflns.percent_possible_obs         96.3 
_reflns.pdbx_Rmerge_I_obs            0.091 
_reflns.pdbx_Rsym_value              ? 
_reflns.pdbx_netI_over_sigmaI        37.87 
_reflns.B_iso_Wilson_estimate        25.186 
_reflns.pdbx_redundancy              9.7 
_reflns.R_free_details               ? 
_reflns.limit_h_max                  ? 
_reflns.limit_h_min                  ? 
_reflns.limit_k_max                  ? 
_reflns.limit_k_min                  ? 
_reflns.limit_l_max                  ? 
_reflns.limit_l_min                  ? 
_reflns.observed_criterion_F_max     ? 
_reflns.observed_criterion_F_min     ? 
_reflns.pdbx_chi_squared             ? 
_reflns.pdbx_scaling_rejects         ? 
_reflns.pdbx_ordinal                 1 
_reflns.pdbx_diffrn_id               1 
# 
_reflns_shell.d_res_high             1.80 
_reflns_shell.d_res_low              1.86 
_reflns_shell.percent_possible_all   92.6 
_reflns_shell.Rmerge_I_obs           0.266 
_reflns_shell.pdbx_Rsym_value        ? 
_reflns_shell.meanI_over_sigI_obs    ? 
_reflns_shell.pdbx_redundancy        6.5 
_reflns_shell.percent_possible_obs   ? 
_reflns_shell.number_unique_all      ? 
_reflns_shell.number_measured_all    ? 
_reflns_shell.number_measured_obs    ? 
_reflns_shell.number_unique_obs      ? 
_reflns_shell.pdbx_chi_squared       ? 
_reflns_shell.pdbx_ordinal           1 
_reflns_shell.pdbx_diffrn_id         1 
# 
_refine.entry_id                                 2EB9 
_refine.ls_number_reflns_obs                     12641 
_refine.ls_number_reflns_all                     ? 
_refine.pdbx_ls_sigma_I                          ? 
_refine.pdbx_ls_sigma_F                          ? 
_refine.pdbx_data_cutoff_high_absF               ? 
_refine.pdbx_data_cutoff_low_absF                ? 
_refine.pdbx_data_cutoff_high_rms_absF           ? 
_refine.ls_d_res_low                             23.03 
_refine.ls_d_res_high                            1.80 
_refine.ls_percent_reflns_obs                    96.39 
_refine.ls_R_factor_obs                          0.19162 
_refine.ls_R_factor_all                          ? 
_refine.ls_R_factor_R_work                       0.18923 
_refine.ls_R_factor_R_free                       0.23948 
_refine.ls_R_factor_R_free_error                 ? 
_refine.ls_R_factor_R_free_error_details         ? 
_refine.ls_percent_reflns_R_free                 5.1 
_refine.ls_number_reflns_R_free                  678 
_refine.ls_number_parameters                     ? 
_refine.ls_number_restraints                     ? 
_refine.occupancy_min                            ? 
_refine.occupancy_max                            ? 
_refine.correlation_coeff_Fo_to_Fc               0.954 
_refine.correlation_coeff_Fo_to_Fc_free          0.922 
_refine.B_iso_mean                               25.314 
_refine.aniso_B[1][1]                            0.00 
_refine.aniso_B[2][2]                            0.00 
_refine.aniso_B[3][3]                            0.00 
_refine.aniso_B[1][2]                            0.00 
_refine.aniso_B[1][3]                            0.00 
_refine.aniso_B[2][3]                            0.00 
_refine.solvent_model_details                    MASK 
_refine.solvent_model_param_ksol                 ? 
_refine.solvent_model_param_bsol                 ? 
_refine.pdbx_solvent_vdw_probe_radii             1.20 
_refine.pdbx_solvent_ion_probe_radii             0.80 
_refine.pdbx_solvent_shrinkage_radii             0.80 
_refine.pdbx_ls_cross_valid_method               THROUGHOUT 
_refine.details                                  ? 
_refine.pdbx_starting_model                      1V9Q 
_refine.pdbx_method_to_determine_struct          'MOLECULAR REPLACEMENT' 
_refine.pdbx_isotropic_thermal_model             ? 
_refine.pdbx_stereochemistry_target_values       'MAXIMUM LIKELIHOOD' 
_refine.pdbx_stereochem_target_val_spec_case     ? 
_refine.pdbx_R_Free_selection_details            RANDOM 
_refine.pdbx_overall_ESU_R                       0.153 
_refine.pdbx_overall_ESU_R_Free                  0.146 
_refine.overall_SU_ML                            0.096 
_refine.overall_SU_B                             3.053 
_refine.ls_redundancy_reflns_obs                 ? 
_refine.B_iso_min                                ? 
_refine.B_iso_max                                ? 
_refine.overall_SU_R_Cruickshank_DPI             ? 
_refine.overall_SU_R_free                        ? 
_refine.ls_wR_factor_R_free                      ? 
_refine.ls_wR_factor_R_work                      ? 
_refine.overall_FOM_free_R_set                   ? 
_refine.overall_FOM_work_R_set                   ? 
_refine.pdbx_refine_id                           'X-RAY DIFFRACTION' 
_refine.pdbx_diffrn_id                           1 
_refine.pdbx_TLS_residual_ADP_flag               ? 
_refine.pdbx_overall_phase_error                 ? 
_refine.pdbx_overall_SU_R_free_Cruickshank_DPI   ? 
_refine.pdbx_overall_SU_R_Blow_DPI               ? 
_refine.pdbx_overall_SU_R_free_Blow_DPI          ? 
# 
_refine_hist.pdbx_refine_id                   'X-RAY DIFFRACTION' 
_refine_hist.cycle_id                         LAST 
_refine_hist.pdbx_number_atoms_protein        1194 
_refine_hist.pdbx_number_atoms_nucleic_acid   0 
_refine_hist.pdbx_number_atoms_ligand         49 
_refine_hist.number_atoms_solvent             124 
_refine_hist.number_atoms_total               1367 
_refine_hist.d_res_high                       1.80 
_refine_hist.d_res_low                        23.03 
# 
loop_
_refine_ls_restr.type 
_refine_ls_restr.dev_ideal 
_refine_ls_restr.dev_ideal_target 
_refine_ls_restr.weight 
_refine_ls_restr.number 
_refine_ls_restr.pdbx_refine_id 
_refine_ls_restr.pdbx_restraint_function 
r_bond_refined_d         0.016  0.022  ? 1270 'X-RAY DIFFRACTION' ? 
r_angle_refined_deg      1.477  1.996  ? 1710 'X-RAY DIFFRACTION' ? 
r_dihedral_angle_1_deg   4.728  5.000  ? 150  'X-RAY DIFFRACTION' ? 
r_dihedral_angle_2_deg   38.198 24.340 ? 53   'X-RAY DIFFRACTION' ? 
r_dihedral_angle_3_deg   15.575 15.000 ? 234  'X-RAY DIFFRACTION' ? 
r_dihedral_angle_4_deg   16.062 15.000 ? 4    'X-RAY DIFFRACTION' ? 
r_chiral_restr           0.101  0.200  ? 182  'X-RAY DIFFRACTION' ? 
r_gen_planes_refined     0.006  0.020  ? 912  'X-RAY DIFFRACTION' ? 
r_nbd_refined            0.211  0.200  ? 659  'X-RAY DIFFRACTION' ? 
r_nbtor_refined          0.306  0.200  ? 843  'X-RAY DIFFRACTION' ? 
r_xyhbond_nbd_refined    0.152  0.200  ? 84   'X-RAY DIFFRACTION' ? 
r_symmetry_vdw_refined   0.242  0.200  ? 46   'X-RAY DIFFRACTION' ? 
r_symmetry_hbond_refined 0.149  0.200  ? 24   'X-RAY DIFFRACTION' ? 
r_mcbond_it              0.913  1.500  ? 769  'X-RAY DIFFRACTION' ? 
r_mcangle_it             1.484  2.000  ? 1187 'X-RAY DIFFRACTION' ? 
r_scbond_it              2.695  3.000  ? 561  'X-RAY DIFFRACTION' ? 
r_scangle_it             4.166  4.500  ? 521  'X-RAY DIFFRACTION' ? 
# 
_refine_ls_shell.pdbx_total_number_of_bins_used   20 
_refine_ls_shell.d_res_high                       1.797 
_refine_ls_shell.d_res_low                        1.844 
_refine_ls_shell.number_reflns_R_work             817 
_refine_ls_shell.R_factor_R_work                  0.267 
_refine_ls_shell.percent_reflns_obs               89.63 
_refine_ls_shell.R_factor_R_free                  0.329 
_refine_ls_shell.R_factor_R_free_error            ? 
_refine_ls_shell.percent_reflns_R_free            ? 
_refine_ls_shell.number_reflns_R_free             56 
_refine_ls_shell.number_reflns_all                ? 
_refine_ls_shell.R_factor_all                     ? 
_refine_ls_shell.number_reflns_obs                ? 
_refine_ls_shell.redundancy_reflns_obs            ? 
_refine_ls_shell.pdbx_refine_id                   'X-RAY DIFFRACTION' 
# 
_struct.entry_id                  2EB9 
_struct.title                     'Crystal Structure of Cu(II)(Sal-Leu)/apo-Myoglobin' 
_struct.pdbx_model_details        ? 
_struct.pdbx_CASP_flag            ? 
_struct.pdbx_model_type_details   ? 
# 
_struct_keywords.entry_id        2EB9 
_struct_keywords.pdbx_keywords   'OXYGEN STORAGE/TRANSPORT' 
_struct_keywords.text            'OXYGEN STORAGE/TRANSPORT, OXYGEN STORAGE-TRANSPORT complex' 
# 
loop_
_struct_asym.id 
_struct_asym.pdbx_blank_PDB_chainid_flag 
_struct_asym.pdbx_modified 
_struct_asym.entity_id 
_struct_asym.details 
A N N 1 ? 
B N N 2 ? 
C N N 2 ? 
D N N 2 ? 
E N N 2 ? 
F N N 2 ? 
G N N 3 ? 
H N N 4 ? 
I N N 5 ? 
# 
_struct_biol.id   1 
# 
loop_
_struct_conf.conf_type_id 
_struct_conf.id 
_struct_conf.pdbx_PDB_helix_id 
_struct_conf.beg_label_comp_id 
_struct_conf.beg_label_asym_id 
_struct_conf.beg_label_seq_id 
_struct_conf.pdbx_beg_PDB_ins_code 
_struct_conf.end_label_comp_id 
_struct_conf.end_label_asym_id 
_struct_conf.end_label_seq_id 
_struct_conf.pdbx_end_PDB_ins_code 
_struct_conf.beg_auth_comp_id 
_struct_conf.beg_auth_asym_id 
_struct_conf.beg_auth_seq_id 
_struct_conf.end_auth_comp_id 
_struct_conf.end_auth_asym_id 
_struct_conf.end_auth_seq_id 
_struct_conf.pdbx_PDB_helix_class 
_struct_conf.details 
_struct_conf.pdbx_PDB_helix_length 
HELX_P HELX_P1 1 SER A 4   ? GLU A 19  ? SER A 3   GLU A 18  1 ? 16 
HELX_P HELX_P2 2 ASP A 21  ? SER A 36  ? ASP A 20  SER A 35  1 ? 16 
HELX_P HELX_P3 3 PRO A 38  ? PHE A 44  ? PRO A 37  PHE A 43  5 ? 7  
HELX_P HELX_P4 4 THR A 52  ? ALA A 58  ? THR A 51  ALA A 57  1 ? 7  
HELX_P HELX_P5 5 GLU A 60  ? LYS A 79  ? GLU A 59  LYS A 78  1 ? 20 
HELX_P HELX_P6 6 HIS A 83  ? HIS A 94  ? HIS A 82  HIS A 93  1 ? 12 
HELX_P HELX_P7 7 PRO A 101 ? HIS A 120 ? PRO A 100 HIS A 119 1 ? 20 
HELX_P HELX_P8 8 GLY A 125 ? LEU A 150 ? GLY A 124 LEU A 149 1 ? 26 
# 
_struct_conf_type.id          HELX_P 
_struct_conf_type.criteria    ? 
_struct_conf_type.reference   ? 
# 
_struct_conn.id                            metalc1 
_struct_conn.conn_type_id                  metalc 
_struct_conn.pdbx_leaving_atom_flag        ? 
_struct_conn.pdbx_PDB_id                   ? 
_struct_conn.ptnr1_label_asym_id           A 
_struct_conn.ptnr1_label_comp_id           HIS 
_struct_conn.ptnr1_label_seq_id            65 
_struct_conn.ptnr1_label_atom_id           NE2 
_struct_conn.pdbx_ptnr1_label_alt_id       ? 
_struct_conn.pdbx_ptnr1_PDB_ins_code       ? 
_struct_conn.pdbx_ptnr1_standard_comp_id   ? 
_struct_conn.ptnr1_symmetry                1_555 
_struct_conn.ptnr2_label_asym_id           G 
_struct_conn.ptnr2_label_comp_id           CUS 
_struct_conn.ptnr2_label_seq_id            . 
_struct_conn.ptnr2_label_atom_id           CU1 
_struct_conn.pdbx_ptnr2_label_alt_id       ? 
_struct_conn.pdbx_ptnr2_PDB_ins_code       ? 
_struct_conn.ptnr1_auth_asym_id            A 
_struct_conn.ptnr1_auth_comp_id            HIS 
_struct_conn.ptnr1_auth_seq_id             64 
_struct_conn.ptnr2_auth_asym_id            A 
_struct_conn.ptnr2_auth_comp_id            CUS 
_struct_conn.ptnr2_auth_seq_id             1001 
_struct_conn.ptnr2_symmetry                1_555 
_struct_conn.pdbx_ptnr3_label_atom_id      ? 
_struct_conn.pdbx_ptnr3_label_seq_id       ? 
_struct_conn.pdbx_ptnr3_label_comp_id      ? 
_struct_conn.pdbx_ptnr3_label_asym_id      ? 
_struct_conn.pdbx_ptnr3_label_alt_id       ? 
_struct_conn.pdbx_ptnr3_PDB_ins_code       ? 
_struct_conn.details                       ? 
_struct_conn.pdbx_dist_value               2.065 
_struct_conn.pdbx_value_order              ? 
_struct_conn.pdbx_role                     ? 
# 
_struct_conn_type.id          metalc 
_struct_conn_type.criteria    ? 
_struct_conn_type.reference   ? 
# 
loop_
_struct_site.id 
_struct_site.pdbx_evidence_code 
_struct_site.pdbx_auth_asym_id 
_struct_site.pdbx_auth_comp_id 
_struct_site.pdbx_auth_seq_id 
_struct_site.pdbx_auth_ins_code 
_struct_site.pdbx_num_residues 
_struct_site.details 
AC1 Software A PO4 2001 ? 4  'BINDING SITE FOR RESIDUE PO4 A 2001' 
AC2 Software A PO4 2002 ? 7  'BINDING SITE FOR RESIDUE PO4 A 2002' 
AC3 Software A PO4 2003 ? 7  'BINDING SITE FOR RESIDUE PO4 A 2003' 
AC4 Software A PO4 2004 ? 5  'BINDING SITE FOR RESIDUE PO4 A 2004' 
AC5 Software A PO4 2005 ? 6  'BINDING SITE FOR RESIDUE PO4 A 2005' 
AC6 Software A CUS 1001 ? 6  'BINDING SITE FOR RESIDUE CUS A 1001' 
AC7 Software A GOL 3001 ? 12 'BINDING SITE FOR RESIDUE GOL A 3001' 
# 
loop_
_struct_site_gen.id 
_struct_site_gen.site_id 
_struct_site_gen.pdbx_num_res 
_struct_site_gen.label_comp_id 
_struct_site_gen.label_asym_id 
_struct_site_gen.label_seq_id 
_struct_site_gen.pdbx_auth_ins_code 
_struct_site_gen.auth_comp_id 
_struct_site_gen.auth_asym_id 
_struct_site_gen.auth_seq_id 
_struct_site_gen.label_atom_id 
_struct_site_gen.label_alt_id 
_struct_site_gen.symmetry 
_struct_site_gen.details 
1  AC1 4  LYS A 17  ? LYS A 16   . ? 1_555 ? 
2  AC1 4  ARG A 119 ? ARG A 118  . ? 1_555 ? 
3  AC1 4  HIS A 120 ? HIS A 119  . ? 1_555 ? 
4  AC1 4  HOH I .   ? HOH A 3075 . ? 1_555 ? 
5  AC2 7  MET A 1   ? MET A 0    . ? 3_545 ? 
6  AC2 7  HIS A 114 ? HIS A 113  . ? 1_555 ? 
7  AC2 7  SER A 118 ? SER A 117  . ? 1_555 ? 
8  AC2 7  HOH I .   ? HOH A 3003 . ? 1_555 ? 
9  AC2 7  HOH I .   ? HOH A 3014 . ? 1_555 ? 
10 AC2 7  HOH I .   ? HOH A 3025 . ? 1_555 ? 
11 AC2 7  HOH I .   ? HOH A 3093 . ? 1_555 ? 
12 AC3 7  ARG A 46  ? ARG A 45   . ? 2_555 ? 
13 AC3 7  GLU A 84  ? GLU A 83   . ? 3_545 ? 
14 AC3 7  HIS A 117 ? HIS A 116  . ? 1_555 ? 
15 AC3 7  LYS A 146 ? LYS A 145  . ? 3_545 ? 
16 AC3 7  GLU A 149 ? GLU A 148  . ? 3_545 ? 
17 AC3 7  HOH I .   ? HOH A 3012 . ? 1_555 ? 
18 AC3 7  HOH I .   ? HOH A 3092 . ? 1_555 ? 
19 AC4 5  HIS A 13  ? HIS A 12   . ? 1_555 ? 
20 AC4 5  LYS A 17  ? LYS A 16   . ? 1_555 ? 
21 AC4 5  LYS A 48  ? LYS A 47   . ? 2_555 ? 
22 AC4 5  ASP A 123 ? ASP A 122  . ? 1_555 ? 
23 AC4 5  HOH I .   ? HOH A 3020 . ? 2_555 ? 
24 AC5 6  LYS A 43  ? LYS A 42   . ? 1_655 ? 
25 AC5 6  LYS A 63  ? LYS A 62   . ? 1_555 ? 
26 AC5 6  LYS A 103 ? LYS A 102  . ? 1_655 ? 
27 AC5 6  HOH I .   ? HOH A 3022 . ? 1_655 ? 
28 AC5 6  HOH I .   ? HOH A 3026 . ? 1_555 ? 
29 AC5 6  HOH I .   ? HOH A 3063 . ? 1_655 ? 
30 AC6 6  LEU A 33  ? LEU A 32   . ? 1_555 ? 
31 AC6 6  PHE A 44  ? PHE A 43   . ? 1_555 ? 
32 AC6 6  HIS A 65  ? HIS A 64   . ? 1_555 ? 
33 AC6 6  VAL A 69  ? VAL A 68   . ? 1_555 ? 
34 AC6 6  LEU A 90  ? LEU A 89   . ? 1_555 ? 
35 AC6 6  HIS A 94  ? HIS A 93   . ? 1_555 ? 
36 AC7 12 ASP A 45  ? ASP A 44   . ? 2_555 ? 
37 AC7 12 ARG A 46  ? ARG A 45   . ? 2_555 ? 
38 AC7 12 HIS A 49  ? HIS A 48   . ? 2_555 ? 
39 AC7 12 ASP A 61  ? ASP A 60   . ? 2_555 ? 
40 AC7 12 GLY A 122 ? GLY A 121  . ? 1_555 ? 
41 AC7 12 ASP A 123 ? ASP A 122  . ? 1_555 ? 
42 AC7 12 PHE A 124 ? PHE A 123  . ? 1_555 ? 
43 AC7 12 GLY A 125 ? GLY A 124  . ? 1_555 ? 
44 AC7 12 ALA A 126 ? ALA A 125  . ? 1_555 ? 
45 AC7 12 ASP A 127 ? ASP A 126  . ? 1_555 ? 
46 AC7 12 ALA A 128 ? ALA A 127  . ? 1_555 ? 
47 AC7 12 HOH I .   ? HOH A 3124 . ? 1_555 ? 
# 
_atom_sites.entry_id                    2EB9 
_atom_sites.fract_transf_matrix[1][1]   0.03006642 
_atom_sites.fract_transf_matrix[1][2]   0.00051054 
_atom_sites.fract_transf_matrix[1][3]   0.00615397 
_atom_sites.fract_transf_matrix[2][1]   0.00032368 
_atom_sites.fract_transf_matrix[2][2]   0.01700673 
_atom_sites.fract_transf_matrix[2][3]   -0.00299227 
_atom_sites.fract_transf_matrix[3][1]   -0.00266069 
_atom_sites.fract_transf_matrix[3][2]   0.00230419 
_atom_sites.fract_transf_matrix[3][3]   0.01280818 
_atom_sites.fract_transf_vector[1]      0.104312 
_atom_sites.fract_transf_vector[2]      0.078887 
_atom_sites.fract_transf_vector[3]      0.138970 
# 
loop_
_atom_type.symbol 
C  
CU 
N  
O  
P  
S  
# 
loop_
_atom_site.group_PDB 
_atom_site.id 
_atom_site.type_symbol 
_atom_site.label_atom_id 
_atom_site.label_alt_id 
_atom_site.label_comp_id 
_atom_site.label_asym_id 
_atom_site.label_entity_id 
_atom_site.label_seq_id 
_atom_site.pdbx_PDB_ins_code 
_atom_site.Cartn_x 
_atom_site.Cartn_y 
_atom_site.Cartn_z 
_atom_site.occupancy 
_atom_site.B_iso_or_equiv 
_atom_site.pdbx_formal_charge 
_atom_site.auth_seq_id 
_atom_site.auth_comp_id 
_atom_site.auth_asym_id 
_atom_site.auth_atom_id 
_atom_site.pdbx_PDB_model_num 
ATOM   1    N  N   . MET A 1 1   ? -11.915 11.990  7.194   1.00 30.27 ? 0    MET A N   1 
ATOM   2    C  CA  . MET A 1 1   ? -10.827 11.274  7.910   1.00 29.44 ? 0    MET A CA  1 
ATOM   3    C  C   . MET A 1 1   ? -9.680  12.235  8.263   1.00 27.51 ? 0    MET A C   1 
ATOM   4    O  O   . MET A 1 1   ? -9.146  12.956  7.377   1.00 27.99 ? 0    MET A O   1 
ATOM   5    C  CB  . MET A 1 1   ? -10.326 10.057  7.087   1.00 30.22 ? 0    MET A CB  1 
ATOM   6    C  CG  . MET A 1 1   ? -9.156  9.273   7.758   1.00 31.48 ? 0    MET A CG  1 
ATOM   7    S  SD  . MET A 1 1   ? -9.466  8.796   9.487   1.00 36.92 ? 0    MET A SD  1 
ATOM   8    C  CE  . MET A 1 1   ? -10.662 7.471   9.265   1.00 37.59 ? 0    MET A CE  1 
ATOM   9    N  N   . VAL A 1 2   ? -9.306  12.246  9.549   1.00 25.05 ? 1    VAL A N   1 
ATOM   10   C  CA  A VAL A 1 2   ? -8.268  13.157  10.020  0.50 23.51 ? 1    VAL A CA  1 
ATOM   11   C  CA  B VAL A 1 2   ? -8.288  13.180  10.067  0.50 23.15 ? 1    VAL A CA  1 
ATOM   12   C  C   . VAL A 1 2   ? -7.288  12.489  11.001  1.00 22.00 ? 1    VAL A C   1 
ATOM   13   O  O   . VAL A 1 2   ? -7.690  11.819  11.955  1.00 22.31 ? 1    VAL A O   1 
ATOM   14   C  CB  A VAL A 1 2   ? -8.904  14.448  10.636  0.50 23.70 ? 1    VAL A CB  1 
ATOM   15   C  CB  B VAL A 1 2   ? -8.950  14.378  10.842  0.50 23.14 ? 1    VAL A CB  1 
ATOM   16   C  CG1 A VAL A 1 2   ? -9.505  14.167  11.998  0.50 23.14 ? 1    VAL A CG1 1 
ATOM   17   C  CG1 B VAL A 1 2   ? -7.915  15.214  11.602  0.50 20.99 ? 1    VAL A CG1 1 
ATOM   18   C  CG2 A VAL A 1 2   ? -7.900  15.572  10.707  0.50 23.69 ? 1    VAL A CG2 1 
ATOM   19   C  CG2 B VAL A 1 2   ? -9.741  15.252  9.896   0.50 22.86 ? 1    VAL A CG2 1 
ATOM   20   N  N   . LEU A 1 3   ? -5.992  12.672  10.741  1.00 20.16 ? 2    LEU A N   1 
ATOM   21   C  CA  . LEU A 1 3   ? -4.957  12.220  11.660  1.00 18.05 ? 2    LEU A CA  1 
ATOM   22   C  C   . LEU A 1 3   ? -4.448  13.419  12.403  1.00 17.21 ? 2    LEU A C   1 
ATOM   23   O  O   . LEU A 1 3   ? -4.380  14.514  11.839  1.00 16.96 ? 2    LEU A O   1 
ATOM   24   C  CB  . LEU A 1 3   ? -3.754  11.615  10.921  1.00 18.58 ? 2    LEU A CB  1 
ATOM   25   C  CG  . LEU A 1 3   ? -3.978  10.197  10.403  1.00 17.58 ? 2    LEU A CG  1 
ATOM   26   C  CD1 . LEU A 1 3   ? -4.927  10.178  9.190   1.00 20.64 ? 2    LEU A CD1 1 
ATOM   27   C  CD2 . LEU A 1 3   ? -2.638  9.593   10.066  1.00 17.39 ? 2    LEU A CD2 1 
ATOM   28   N  N   . SER A 1 4   ? -4.083  13.212  13.656  1.00 16.35 ? 3    SER A N   1 
ATOM   29   C  CA  . SER A 1 4   ? -3.410  14.263  14.420  1.00 17.54 ? 3    SER A CA  1 
ATOM   30   C  C   . SER A 1 4   ? -1.977  14.350  13.889  1.00 17.30 ? 3    SER A C   1 
ATOM   31   O  O   . SER A 1 4   ? -1.455  13.387  13.260  1.00 15.86 ? 3    SER A O   1 
ATOM   32   C  CB  . SER A 1 4   ? -3.423  13.938  15.924  1.00 18.40 ? 3    SER A CB  1 
ATOM   33   O  OG  . SER A 1 4   ? -2.585  12.825  16.185  1.00 19.07 ? 3    SER A OG  1 
ATOM   34   N  N   . GLU A 1 5   ? -1.319  15.475  14.123  1.00 17.62 ? 4    GLU A N   1 
ATOM   35   C  CA  . GLU A 1 5   ? 0.097   15.573  13.744  1.00 18.18 ? 4    GLU A CA  1 
ATOM   36   C  C   . GLU A 1 5   ? 0.932   14.468  14.429  1.00 17.63 ? 4    GLU A C   1 
ATOM   37   O  O   . GLU A 1 5   ? 1.794   13.849  13.786  1.00 17.18 ? 4    GLU A O   1 
ATOM   38   C  CB  . GLU A 1 5   ? 0.643   16.975  14.035  1.00 18.70 ? 4    GLU A CB  1 
ATOM   39   C  CG  . GLU A 1 5   ? 2.188   17.144  13.947  1.00 19.69 ? 4    GLU A CG  1 
ATOM   40   C  CD  . GLU A 1 5   ? 2.828   16.962  12.545  1.00 26.22 ? 4    GLU A CD  1 
ATOM   41   O  OE1 . GLU A 1 5   ? 2.152   17.080  11.496  1.00 25.19 ? 4    GLU A OE1 1 
ATOM   42   O  OE2 . GLU A 1 5   ? 4.073   16.731  12.505  1.00 30.04 ? 4    GLU A OE2 1 
ATOM   43   N  N   . GLY A 1 6   ? 0.647   14.190  15.705  1.00 18.01 ? 5    GLY A N   1 
ATOM   44   C  CA  . GLY A 1 6   ? 1.282   13.043  16.394  1.00 17.48 ? 5    GLY A CA  1 
ATOM   45   C  C   . GLY A 1 6   ? 1.114   11.716  15.633  1.00 16.76 ? 5    GLY A C   1 
ATOM   46   O  O   . GLY A 1 6   ? 2.070   10.921  15.510  1.00 16.45 ? 5    GLY A O   1 
ATOM   47   N  N   . GLU A 1 7   ? -0.095  11.451  15.151  1.00 15.16 ? 6    GLU A N   1 
ATOM   48   C  CA  . GLU A 1 7   ? -0.343  10.232  14.369  1.00 15.60 ? 6    GLU A CA  1 
ATOM   49   C  C   . GLU A 1 7   ? 0.440   10.243  13.049  1.00 15.29 ? 6    GLU A C   1 
ATOM   50   O  O   . GLU A 1 7   ? 1.000   9.196   12.628  1.00 14.70 ? 6    GLU A O   1 
ATOM   51   C  CB  . GLU A 1 7   ? -1.836  10.010  14.133  1.00 15.55 ? 6    GLU A CB  1 
ATOM   52   C  CG  . GLU A 1 7   ? -2.637  9.572   15.383  1.00 17.26 ? 6    GLU A CG  1 
ATOM   53   C  CD  . GLU A 1 7   ? -4.153  9.569   15.104  1.00 19.59 ? 6    GLU A CD  1 
ATOM   54   O  OE1 . GLU A 1 7   ? -4.686  10.558  14.556  1.00 19.28 ? 6    GLU A OE1 1 
ATOM   55   O  OE2 . GLU A 1 7   ? -4.804  8.556   15.400  1.00 25.40 ? 6    GLU A OE2 1 
ATOM   56   N  N   . TRP A 1 8   ? 0.520   11.397  12.405  1.00 14.40 ? 7    TRP A N   1 
ATOM   57   C  CA  . TRP A 1 8   ? 1.293   11.471  11.154  1.00 14.87 ? 7    TRP A CA  1 
ATOM   58   C  C   . TRP A 1 8   ? 2.767   11.144  11.425  1.00 15.10 ? 7    TRP A C   1 
ATOM   59   O  O   . TRP A 1 8   ? 3.406   10.465  10.642  1.00 16.07 ? 7    TRP A O   1 
ATOM   60   C  CB  . TRP A 1 8   ? 1.167   12.850  10.494  1.00 14.69 ? 7    TRP A CB  1 
ATOM   61   C  CG  . TRP A 1 8   ? -0.111  13.028  9.666   1.00 15.44 ? 7    TRP A CG  1 
ATOM   62   C  CD1 . TRP A 1 8   ? -1.092  13.965  9.858   1.00 16.62 ? 7    TRP A CD1 1 
ATOM   63   C  CD2 . TRP A 1 8   ? -0.514  12.244  8.520   1.00 14.89 ? 7    TRP A CD2 1 
ATOM   64   N  NE1 . TRP A 1 8   ? -2.087  13.818  8.894   1.00 16.29 ? 7    TRP A NE1 1 
ATOM   65   C  CE2 . TRP A 1 8   ? -1.749  12.775  8.058   1.00 15.71 ? 7    TRP A CE2 1 
ATOM   66   C  CE3 . TRP A 1 8   ? 0.062   11.165  7.824   1.00 14.96 ? 7    TRP A CE3 1 
ATOM   67   C  CZ2 . TRP A 1 8   ? -2.428  12.237  6.942   1.00 15.64 ? 7    TRP A CZ2 1 
ATOM   68   C  CZ3 . TRP A 1 8   ? -0.628  10.604  6.719   1.00 14.63 ? 7    TRP A CZ3 1 
ATOM   69   C  CH2 . TRP A 1 8   ? -1.838  11.158  6.274   1.00 16.64 ? 7    TRP A CH2 1 
ATOM   70   N  N   . GLN A 1 9   ? 3.270   11.620  12.553  1.00 15.76 ? 8    GLN A N   1 
ATOM   71   C  CA  . GLN A 1 9   ? 4.659   11.337  13.000  1.00 16.76 ? 8    GLN A CA  1 
ATOM   72   C  C   . GLN A 1 9   ? 4.897   9.848   13.208  1.00 16.31 ? 8    GLN A C   1 
ATOM   73   O  O   . GLN A 1 9   ? 5.935   9.349   12.797  1.00 15.82 ? 8    GLN A O   1 
ATOM   74   C  CB  . GLN A 1 9   ? 5.043   12.194  14.229  1.00 17.36 ? 8    GLN A CB  1 
ATOM   75   C  CG  . GLN A 1 9   ? 5.260   13.693  13.842  1.00 21.68 ? 8    GLN A CG  1 
ATOM   76   C  CD  . GLN A 1 9   ? 6.091   13.889  12.538  1.00 27.34 ? 8    GLN A CD  1 
ATOM   77   O  OE1 . GLN A 1 9   ? 7.163   13.300  12.375  1.00 30.08 ? 8    GLN A OE1 1 
ATOM   78   N  NE2 . GLN A 1 9   ? 5.592   14.722  11.616  1.00 28.76 ? 8    GLN A NE2 1 
ATOM   79   N  N   . LEU A 1 10  ? 3.910   9.122   13.745  1.00 15.30 ? 9    LEU A N   1 
ATOM   80   C  CA  . LEU A 1 10  ? 4.013   7.651   13.862  1.00 16.00 ? 9    LEU A CA  1 
ATOM   81   C  C   . LEU A 1 10  ? 4.115   6.970   12.479  1.00 15.56 ? 9    LEU A C   1 
ATOM   82   O  O   . LEU A 1 10  ? 4.914   6.055   12.254  1.00 14.69 ? 9    LEU A O   1 
ATOM   83   C  CB  . LEU A 1 10  ? 2.824   7.090   14.645  1.00 15.23 ? 9    LEU A CB  1 
ATOM   84   C  CG  . LEU A 1 10  ? 2.709   7.444   16.129  1.00 16.58 ? 9    LEU A CG  1 
ATOM   85   C  CD1 . LEU A 1 10  ? 1.453   6.805   16.788  1.00 16.21 ? 9    LEU A CD1 1 
ATOM   86   C  CD2 . LEU A 1 10  ? 3.975   6.939   16.827  1.00 18.60 ? 9    LEU A CD2 1 
ATOM   87   N  N   . VAL A 1 11  ? 3.286   7.428   11.567  1.00 13.69 ? 10   VAL A N   1 
ATOM   88   C  CA  . VAL A 1 11  ? 3.265   6.894   10.220  1.00 15.27 ? 10   VAL A CA  1 
ATOM   89   C  C   . VAL A 1 11  ? 4.611   7.169   9.529   1.00 16.15 ? 10   VAL A C   1 
ATOM   90   O  O   . VAL A 1 11  ? 5.212   6.257   8.938   1.00 16.31 ? 10   VAL A O   1 
ATOM   91   C  CB  . VAL A 1 11  ? 2.115   7.538   9.414   1.00 15.46 ? 10   VAL A CB  1 
ATOM   92   C  CG1 . VAL A 1 11  ? 2.264   7.246   7.898   1.00 16.96 ? 10   VAL A CG1 1 
ATOM   93   C  CG2 . VAL A 1 11  ? 0.752   7.050   9.992   1.00 15.19 ? 10   VAL A CG2 1 
ATOM   94   N  N   . LEU A 1 12  ? 5.097   8.396   9.628   1.00 15.91 ? 11   LEU A N   1 
ATOM   95   C  CA  . LEU A 1 12  ? 6.348   8.738   8.957   1.00 17.34 ? 11   LEU A CA  1 
ATOM   96   C  C   . LEU A 1 12  ? 7.566   8.041   9.576   1.00 17.08 ? 11   LEU A C   1 
ATOM   97   O  O   . LEU A 1 12  ? 8.508   7.670   8.845   1.00 16.86 ? 11   LEU A O   1 
ATOM   98   C  CB  . LEU A 1 12  ? 6.541   10.255  8.828   1.00 17.90 ? 11   LEU A CB  1 
ATOM   99   C  CG  . LEU A 1 12  ? 5.451   10.973  7.982   1.00 17.62 ? 11   LEU A CG  1 
ATOM   100  C  CD1 . LEU A 1 12  ? 5.752   12.420  7.857   1.00 21.57 ? 11   LEU A CD1 1 
ATOM   101  C  CD2 . LEU A 1 12  ? 5.232   10.325  6.600   1.00 20.74 ? 11   LEU A CD2 1 
ATOM   102  N  N   . HIS A 1 13  ? 7.527   7.852   10.896  1.00 17.55 ? 12   HIS A N   1 
ATOM   103  C  CA  . HIS A 1 13  ? 8.623   7.176   11.621  1.00 17.57 ? 12   HIS A CA  1 
ATOM   104  C  C   . HIS A 1 13  ? 8.790   5.715   11.196  1.00 17.51 ? 12   HIS A C   1 
ATOM   105  O  O   . HIS A 1 13  ? 9.917   5.252   10.913  1.00 16.44 ? 12   HIS A O   1 
ATOM   106  C  CB  . HIS A 1 13  ? 8.386   7.275   13.122  1.00 18.64 ? 12   HIS A CB  1 
ATOM   107  C  CG  . HIS A 1 13  ? 9.515   6.754   13.941  1.00 21.81 ? 12   HIS A CG  1 
ATOM   108  N  ND1 . HIS A 1 13  ? 10.716  7.425   14.054  1.00 28.01 ? 12   HIS A ND1 1 
ATOM   109  C  CD2 . HIS A 1 13  ? 9.640   5.627   14.680  1.00 22.96 ? 12   HIS A CD2 1 
ATOM   110  C  CE1 . HIS A 1 13  ? 11.529  6.733   14.834  1.00 27.23 ? 12   HIS A CE1 1 
ATOM   111  N  NE2 . HIS A 1 13  ? 10.901  5.641   15.226  1.00 27.32 ? 12   HIS A NE2 1 
ATOM   112  N  N   . VAL A 1 14  ? 7.673   4.985   11.151  1.00 15.97 ? 13   VAL A N   1 
ATOM   113  C  CA  . VAL A 1 14  ? 7.692   3.599   10.654  1.00 16.53 ? 13   VAL A CA  1 
ATOM   114  C  C   . VAL A 1 14  ? 8.003   3.578   9.143   1.00 16.14 ? 13   VAL A C   1 
ATOM   115  O  O   . VAL A 1 14  ? 8.719   2.676   8.698   1.00 16.25 ? 13   VAL A O   1 
ATOM   116  C  CB  . VAL A 1 14  ? 6.413   2.761   11.017  1.00 16.09 ? 13   VAL A CB  1 
ATOM   117  C  CG1 . VAL A 1 14  ? 5.206   3.189   10.183  1.00 17.33 ? 13   VAL A CG1 1 
ATOM   118  C  CG2 . VAL A 1 14  ? 6.692   1.268   10.774  1.00 17.70 ? 13   VAL A CG2 1 
ATOM   119  N  N   . TRP A 1 15  ? 7.525   4.583   8.383   1.00 16.03 ? 14   TRP A N   1 
ATOM   120  C  CA  . TRP A 1 15  ? 7.848   4.614   6.951   1.00 17.30 ? 14   TRP A CA  1 
ATOM   121  C  C   . TRP A 1 15  ? 9.365   4.721   6.742   1.00 17.55 ? 14   TRP A C   1 
ATOM   122  O  O   . TRP A 1 15  ? 9.903   4.133   5.804   1.00 16.67 ? 14   TRP A O   1 
ATOM   123  C  CB  . TRP A 1 15  ? 7.140   5.714   6.156   1.00 17.14 ? 14   TRP A CB  1 
ATOM   124  C  CG  . TRP A 1 15  ? 6.975   5.233   4.709   1.00 18.14 ? 14   TRP A CG  1 
ATOM   125  C  CD1 . TRP A 1 15  ? 7.687   5.622   3.620   1.00 19.51 ? 14   TRP A CD1 1 
ATOM   126  C  CD2 . TRP A 1 15  ? 6.055   4.223   4.251   1.00 21.46 ? 14   TRP A CD2 1 
ATOM   127  N  NE1 . TRP A 1 15  ? 7.250   4.935   2.494   1.00 19.78 ? 14   TRP A NE1 1 
ATOM   128  C  CE2 . TRP A 1 15  ? 6.255   4.070   2.853   1.00 19.76 ? 14   TRP A CE2 1 
ATOM   129  C  CE3 . TRP A 1 15  ? 5.059   3.461   4.879   1.00 20.54 ? 14   TRP A CE3 1 
ATOM   130  C  CZ2 . TRP A 1 15  ? 5.506   3.176   2.083   1.00 19.08 ? 14   TRP A CZ2 1 
ATOM   131  C  CZ3 . TRP A 1 15  ? 4.317   2.556   4.105   1.00 20.12 ? 14   TRP A CZ3 1 
ATOM   132  C  CH2 . TRP A 1 15  ? 4.544   2.422   2.729   1.00 18.46 ? 14   TRP A CH2 1 
ATOM   133  N  N   . ALA A 1 16  ? 10.038  5.478   7.619   1.00 17.88 ? 15   ALA A N   1 
ATOM   134  C  CA  . ALA A 1 16  ? 11.500  5.588   7.530   1.00 18.19 ? 15   ALA A CA  1 
ATOM   135  C  C   . ALA A 1 16  ? 12.161  4.195   7.567   1.00 18.60 ? 15   ALA A C   1 
ATOM   136  O  O   . ALA A 1 16  ? 13.169  3.936   6.873   1.00 17.96 ? 15   ALA A O   1 
ATOM   137  C  CB  . ALA A 1 16  ? 12.050  6.516   8.627   1.00 17.48 ? 15   ALA A CB  1 
ATOM   138  N  N   . LYS A 1 17  ? 11.578  3.288   8.350   1.00 18.61 ? 16   LYS A N   1 
ATOM   139  C  CA  . LYS A 1 17  ? 12.100  1.914   8.457   1.00 18.89 ? 16   LYS A CA  1 
ATOM   140  C  C   . LYS A 1 17  ? 11.814  1.139   7.199   1.00 18.69 ? 16   LYS A C   1 
ATOM   141  O  O   . LYS A 1 17  ? 12.667  0.363   6.727   1.00 18.05 ? 16   LYS A O   1 
ATOM   142  C  CB  . LYS A 1 17  ? 11.551  1.199   9.695   1.00 19.16 ? 16   LYS A CB  1 
ATOM   143  C  CG  . LYS A 1 17  ? 11.636  2.042   10.969  1.00 22.15 ? 16   LYS A CG  1 
ATOM   144  C  CD  . LYS A 1 17  ? 11.461  1.242   12.242  1.00 27.57 ? 16   LYS A CD  1 
ATOM   145  C  CE  . LYS A 1 17  ? 11.601  2.140   13.450  1.00 29.21 ? 16   LYS A CE  1 
ATOM   146  N  NZ  . LYS A 1 17  ? 13.023  2.574   13.677  1.00 31.25 ? 16   LYS A NZ  1 
ATOM   147  N  N   . VAL A 1 18  ? 10.625  1.331   6.634   1.00 17.39 ? 17   VAL A N   1 
ATOM   148  C  CA  . VAL A 1 18  ? 10.324  0.740   5.333   1.00 16.86 ? 17   VAL A CA  1 
ATOM   149  C  C   . VAL A 1 18  ? 11.390  1.146   4.323   1.00 18.07 ? 17   VAL A C   1 
ATOM   150  O  O   . VAL A 1 18  ? 11.845  0.318   3.516   1.00 17.58 ? 17   VAL A O   1 
ATOM   151  C  CB  . VAL A 1 18  ? 8.911   1.167   4.808   1.00 17.36 ? 17   VAL A CB  1 
ATOM   152  C  CG1 . VAL A 1 18  ? 8.668   0.637   3.396   1.00 15.79 ? 17   VAL A CG1 1 
ATOM   153  C  CG2 . VAL A 1 18  ? 7.852   0.640   5.773   1.00 15.77 ? 17   VAL A CG2 1 
ATOM   154  N  N   . GLU A 1 19  ? 11.782  2.412   4.362   1.00 17.08 ? 18   GLU A N   1 
ATOM   155  C  CA  . GLU A 1 19  ? 12.684  2.949   3.367   1.00 18.53 ? 18   GLU A CA  1 
ATOM   156  C  C   . GLU A 1 19  ? 14.084  2.394   3.478   1.00 17.72 ? 18   GLU A C   1 
ATOM   157  O  O   . GLU A 1 19  ? 14.854  2.532   2.547   1.00 18.81 ? 18   GLU A O   1 
ATOM   158  C  CB  . GLU A 1 19  ? 12.681  4.462   3.400   1.00 18.12 ? 18   GLU A CB  1 
ATOM   159  C  CG  . GLU A 1 19  ? 11.380  5.022   2.785   1.00 20.17 ? 18   GLU A CG  1 
ATOM   160  C  CD  . GLU A 1 19  ? 11.345  6.530   2.718   1.00 24.81 ? 18   GLU A CD  1 
ATOM   161  O  OE1 . GLU A 1 19  ? 10.504  7.061   1.963   1.00 30.14 ? 18   GLU A OE1 1 
ATOM   162  O  OE2 . GLU A 1 19  ? 12.123  7.192   3.431   1.00 26.54 ? 18   GLU A OE2 1 
ATOM   163  N  N   . ALA A 1 20  ? 14.387  1.723   4.578   1.00 18.05 ? 19   ALA A N   1 
ATOM   164  C  CA  . ALA A 1 20  ? 15.715  1.104   4.703   1.00 17.33 ? 19   ALA A CA  1 
ATOM   165  C  C   . ALA A 1 20  ? 15.781  -0.226  3.922   1.00 17.24 ? 19   ALA A C   1 
ATOM   166  O  O   . ALA A 1 20  ? 16.852  -0.785  3.724   1.00 17.01 ? 19   ALA A O   1 
ATOM   167  C  CB  . ALA A 1 20  ? 16.069  0.889   6.122   1.00 17.44 ? 19   ALA A CB  1 
ATOM   168  N  N   . ASP A 1 21  ? 14.631  -0.751  3.506   1.00 15.76 ? 20   ASP A N   1 
ATOM   169  C  CA  . ASP A 1 21  ? 14.578  -1.988  2.740   1.00 15.86 ? 20   ASP A CA  1 
ATOM   170  C  C   . ASP A 1 21  ? 13.267  -1.981  1.949   1.00 15.54 ? 20   ASP A C   1 
ATOM   171  O  O   . ASP A 1 21  ? 12.365  -2.784  2.223   1.00 14.30 ? 20   ASP A O   1 
ATOM   172  C  CB  . ASP A 1 21  ? 14.655  -3.221  3.644   1.00 17.06 ? 20   ASP A CB  1 
ATOM   173  C  CG  . ASP A 1 21  ? 14.610  -4.556  2.858   1.00 17.24 ? 20   ASP A CG  1 
ATOM   174  O  OD1 . ASP A 1 21  ? 14.837  -4.572  1.642   1.00 18.83 ? 20   ASP A OD1 1 
ATOM   175  O  OD2 . ASP A 1 21  ? 14.346  -5.579  3.489   1.00 20.83 ? 20   ASP A OD2 1 
ATOM   176  N  N   . VAL A 1 22  ? 13.201  -1.103  0.952   1.00 15.20 ? 21   VAL A N   1 
ATOM   177  C  CA  . VAL A 1 22  ? 11.935  -0.926  0.198   1.00 15.67 ? 21   VAL A CA  1 
ATOM   178  C  C   . VAL A 1 22  ? 11.588  -2.240  -0.500  1.00 14.76 ? 21   VAL A C   1 
ATOM   179  O  O   . VAL A 1 22  ? 10.472  -2.735  -0.365  1.00 13.82 ? 21   VAL A O   1 
ATOM   180  C  CB  . VAL A 1 22  ? 12.012  0.244   -0.786  1.00 16.39 ? 21   VAL A CB  1 
ATOM   181  C  CG1 . VAL A 1 22  ? 10.740  0.307   -1.722  1.00 17.70 ? 21   VAL A CG1 1 
ATOM   182  C  CG2 . VAL A 1 22  ? 12.137  1.544   0.025   1.00 18.10 ? 21   VAL A CG2 1 
ATOM   183  N  N   . ALA A 1 23  ? 12.565  -2.810  -1.205  1.00 15.70 ? 22   ALA A N   1 
ATOM   184  C  CA  . ALA A 1 23  ? 12.326  -4.021  -1.999  1.00 15.23 ? 22   ALA A CA  1 
ATOM   185  C  C   . ALA A 1 23  ? 11.890  -5.215  -1.123  1.00 15.21 ? 22   ALA A C   1 
ATOM   186  O  O   . ALA A 1 23  ? 10.955  -5.928  -1.496  1.00 14.39 ? 22   ALA A O   1 
ATOM   187  C  CB  . ALA A 1 23  ? 13.569  -4.356  -2.867  1.00 15.93 ? 22   ALA A CB  1 
ATOM   188  N  N   . GLY A 1 24  ? 12.540  -5.423  0.040   1.00 14.25 ? 23   GLY A N   1 
ATOM   189  C  CA  . GLY A 1 24  ? 12.164  -6.508  0.957   1.00 14.90 ? 23   GLY A CA  1 
ATOM   190  C  C   . GLY A 1 24  ? 10.742  -6.352  1.512   1.00 15.56 ? 23   GLY A C   1 
ATOM   191  O  O   . GLY A 1 24  ? 9.969   -7.304  1.545   1.00 14.34 ? 23   GLY A O   1 
ATOM   192  N  N   . HIS A 1 25  ? 10.406  -5.143  1.951   1.00 14.84 ? 24   HIS A N   1 
ATOM   193  C  CA  . HIS A 1 25  ? 9.044   -4.840  2.411   1.00 14.89 ? 24   HIS A CA  1 
ATOM   194  C  C   . HIS A 1 25  ? 8.020   -5.054  1.284   1.00 14.63 ? 24   HIS A C   1 
ATOM   195  O  O   . HIS A 1 25  ? 6.970   -5.657  1.530   1.00 15.10 ? 24   HIS A O   1 
ATOM   196  C  CB  . HIS A 1 25  ? 8.932   -3.402  2.948   1.00 14.75 ? 24   HIS A CB  1 
ATOM   197  C  CG  . HIS A 1 25  ? 9.637   -3.176  4.263   1.00 13.07 ? 24   HIS A CG  1 
ATOM   198  N  ND1 . HIS A 1 25  ? 8.976   -3.152  5.480   1.00 17.58 ? 24   HIS A ND1 1 
ATOM   199  C  CD2 . HIS A 1 25  ? 10.952  -2.973  4.545   1.00 12.72 ? 24   HIS A CD2 1 
ATOM   200  C  CE1 . HIS A 1 25  ? 9.847   -2.908  6.452   1.00 15.12 ? 24   HIS A CE1 1 
ATOM   201  N  NE2 . HIS A 1 25  ? 11.054  -2.795  5.910   1.00 18.23 ? 24   HIS A NE2 1 
ATOM   202  N  N   . GLY A 1 26  ? 8.305   -4.511  0.094   1.00 14.27 ? 25   GLY A N   1 
ATOM   203  C  CA  . GLY A 1 26  ? 7.445   -4.681  -1.098  1.00 15.35 ? 25   GLY A CA  1 
ATOM   204  C  C   . GLY A 1 26  ? 7.136   -6.144  -1.418  1.00 14.60 ? 25   GLY A C   1 
ATOM   205  O  O   . GLY A 1 26  ? 5.977   -6.508  -1.659  1.00 14.48 ? 25   GLY A O   1 
ATOM   206  N  N   . GLN A 1 27  ? 8.165   -6.998  -1.373  1.00 14.91 ? 26   GLN A N   1 
ATOM   207  C  CA  . GLN A 1 27  ? 8.000   -8.430  -1.580  1.00 15.25 ? 26   GLN A CA  1 
ATOM   208  C  C   . GLN A 1 27  ? 7.075   -9.050  -0.531  1.00 15.31 ? 26   GLN A C   1 
ATOM   209  O  O   . GLN A 1 27  ? 6.118   -9.760  -0.871  1.00 15.30 ? 26   GLN A O   1 
ATOM   210  C  CB  . GLN A 1 27  ? 9.378   -9.156  -1.538  1.00 15.53 ? 26   GLN A CB  1 
ATOM   211  C  CG  . GLN A 1 27  ? 10.215  -8.916  -2.782  1.00 17.68 ? 26   GLN A CG  1 
ATOM   212  C  CD  . GLN A 1 27  ? 11.578  -9.502  -2.616  1.00 22.36 ? 26   GLN A CD  1 
ATOM   213  O  OE1 . GLN A 1 27  ? 12.316  -9.109  -1.703  1.00 19.61 ? 26   GLN A OE1 1 
ATOM   214  N  NE2 . GLN A 1 27  ? 11.920  -10.467 -3.476  1.00 23.87 ? 26   GLN A NE2 1 
ATOM   215  N  N   . ASP A 1 28  ? 7.362   -8.756  0.728   1.00 14.78 ? 27   ASP A N   1 
ATOM   216  C  CA  . ASP A 1 28  ? 6.611   -9.277  1.869   1.00 14.79 ? 27   ASP A CA  1 
ATOM   217  C  C   . ASP A 1 28  ? 5.144   -8.864  1.722   1.00 14.37 ? 27   ASP A C   1 
ATOM   218  O  O   . ASP A 1 28  ? 4.233   -9.685  1.888   1.00 15.78 ? 27   ASP A O   1 
ATOM   219  C  CB  . ASP A 1 28  ? 7.200   -8.718  3.168   1.00 15.09 ? 27   ASP A CB  1 
ATOM   220  C  CG  . ASP A 1 28  ? 8.480   -9.435  3.603   1.00 16.90 ? 27   ASP A CG  1 
ATOM   221  O  OD1 . ASP A 1 28  ? 9.025   -9.051  4.624   1.00 19.66 ? 27   ASP A OD1 1 
ATOM   222  O  OD2 . ASP A 1 28  ? 8.908   -10.380 2.963   1.00 18.35 ? 27   ASP A OD2 1 
ATOM   223  N  N   . ILE A 1 29  ? 4.924   -7.602  1.369   1.00 13.88 ? 28   ILE A N   1 
ATOM   224  C  CA  . ILE A 1 29  ? 3.579   -7.070  1.225   1.00 13.26 ? 28   ILE A CA  1 
ATOM   225  C  C   . ILE A 1 29  ? 2.786   -7.760  0.073   1.00 13.92 ? 28   ILE A C   1 
ATOM   226  O  O   . ILE A 1 29  ? 1.651   -8.213  0.278   1.00 14.12 ? 28   ILE A O   1 
ATOM   227  C  CB  . ILE A 1 29  ? 3.636   -5.509  1.085   1.00 12.82 ? 28   ILE A CB  1 
ATOM   228  C  CG1 . ILE A 1 29  ? 4.024   -4.896  2.452   1.00 13.11 ? 28   ILE A CG1 1 
ATOM   229  C  CG2 . ILE A 1 29  ? 2.260   -4.897  0.652   1.00 13.66 ? 28   ILE A CG2 1 
ATOM   230  C  CD1 . ILE A 1 29  ? 4.473   -3.468  2.328   1.00 16.94 ? 28   ILE A CD1 1 
ATOM   231  N  N   . LEU A 1 30  ? 3.363   -7.780  -1.133  1.00 13.74 ? 29   LEU A N   1 
ATOM   232  C  CA  . LEU A 1 30  ? 2.700   -8.404  -2.308  1.00 13.92 ? 29   LEU A CA  1 
ATOM   233  C  C   . LEU A 1 30  ? 2.488   -9.902  -2.128  1.00 14.28 ? 29   LEU A C   1 
ATOM   234  O  O   . LEU A 1 30  ? 1.435   -10.429 -2.472  1.00 14.08 ? 29   LEU A O   1 
ATOM   235  C  CB  . LEU A 1 30  ? 3.467   -8.108  -3.596  1.00 12.85 ? 29   LEU A CB  1 
ATOM   236  C  CG  . LEU A 1 30  ? 3.390   -6.647  -4.054  1.00 14.28 ? 29   LEU A CG  1 
ATOM   237  C  CD1 . LEU A 1 30  ? 4.198   -6.480  -5.331  1.00 14.81 ? 29   LEU A CD1 1 
ATOM   238  C  CD2 . LEU A 1 30  ? 1.884   -6.164  -4.241  1.00 15.84 ? 29   LEU A CD2 1 
ATOM   239  N  N   . ILE A 1 31  ? 3.480   -10.587 -1.571  1.00 14.45 ? 30   ILE A N   1 
ATOM   240  C  CA  . ILE A 1 31  ? 3.332   -12.007 -1.219  1.00 15.37 ? 30   ILE A CA  1 
ATOM   241  C  C   . ILE A 1 31  ? 2.204   -12.237 -0.220  1.00 14.71 ? 30   ILE A C   1 
ATOM   242  O  O   . ILE A 1 31  ? 1.330   -13.091 -0.459  1.00 15.44 ? 30   ILE A O   1 
ATOM   243  C  CB  . ILE A 1 31  ? 4.666   -12.581 -0.625  1.00 15.38 ? 30   ILE A CB  1 
ATOM   244  C  CG1 . ILE A 1 31  ? 5.700   -12.738 -1.757  1.00 14.48 ? 30   ILE A CG1 1 
ATOM   245  C  CG2 . ILE A 1 31  ? 4.377   -13.911 0.080   1.00 16.72 ? 30   ILE A CG2 1 
ATOM   246  C  CD1 . ILE A 1 31  ? 7.087   -13.134 -1.245  1.00 17.11 ? 30   ILE A CD1 1 
ATOM   247  N  N   . ARG A 1 32  ? 2.173   -11.452 0.861   1.00 14.70 ? 31   ARG A N   1 
ATOM   248  C  CA  . ARG A 1 32  ? 1.038   -11.521 1.801   1.00 16.03 ? 31   ARG A CA  1 
ATOM   249  C  C   . ARG A 1 32  ? -0.315  -11.275 1.081   1.00 14.70 ? 31   ARG A C   1 
ATOM   250  O  O   . ARG A 1 32  ? -1.271  -12.039 1.276   1.00 14.51 ? 31   ARG A O   1 
ATOM   251  C  CB  . ARG A 1 32  ? 1.209   -10.497 2.937   1.00 15.22 ? 31   ARG A CB  1 
ATOM   252  C  CG  . ARG A 1 32  ? -0.044  -10.311 3.785   1.00 19.86 ? 31   ARG A CG  1 
ATOM   253  C  CD  . ARG A 1 32  ? -0.022  -11.117 5.011   1.00 23.87 ? 31   ARG A CD  1 
ATOM   254  N  NE  . ARG A 1 32  ? -1.226  -10.932 5.836   1.00 27.34 ? 31   ARG A NE  1 
ATOM   255  C  CZ  . ARG A 1 32  ? -1.521  -11.701 6.880   1.00 25.66 ? 31   ARG A CZ  1 
ATOM   256  N  NH1 . ARG A 1 32  ? -2.633  -11.485 7.588   1.00 25.63 ? 31   ARG A NH1 1 
ATOM   257  N  NH2 . ARG A 1 32  ? -0.691  -12.673 7.218   1.00 24.24 ? 31   ARG A NH2 1 
ATOM   258  N  N   . LEU A 1 33  ? -0.370  -10.225 0.260   1.00 15.82 ? 32   LEU A N   1 
ATOM   259  C  CA  . LEU A 1 33  ? -1.563  -9.895  -0.543  1.00 16.99 ? 32   LEU A CA  1 
ATOM   260  C  C   . LEU A 1 33  ? -2.005  -11.072 -1.429  1.00 16.99 ? 32   LEU A C   1 
ATOM   261  O  O   . LEU A 1 33  ? -3.167  -11.502 -1.387  1.00 16.88 ? 32   LEU A O   1 
ATOM   262  C  CB  . LEU A 1 33  ? -1.252  -8.686  -1.430  1.00 17.01 ? 32   LEU A CB  1 
ATOM   263  C  CG  . LEU A 1 33  ? -2.296  -8.368  -2.504  1.00 20.09 ? 32   LEU A CG  1 
ATOM   264  C  CD1 . LEU A 1 33  ? -3.497  -7.943  -1.801  1.00 21.87 ? 32   LEU A CD1 1 
ATOM   265  C  CD2 . LEU A 1 33  ? -1.750  -7.230  -3.408  1.00 20.58 ? 32   LEU A CD2 1 
ATOM   266  N  N   . PHE A 1 34  ? -1.056  -11.600 -2.210  1.00 16.36 ? 33   PHE A N   1 
ATOM   267  C  CA  . PHE A 1 34  ? -1.346  -12.708 -3.104  1.00 17.27 ? 33   PHE A CA  1 
ATOM   268  C  C   . PHE A 1 34  ? -1.651  -14.039 -2.420  1.00 17.58 ? 33   PHE A C   1 
ATOM   269  O  O   . PHE A 1 34  ? -2.427  -14.816 -2.961  1.00 17.55 ? 33   PHE A O   1 
ATOM   270  C  CB  . PHE A 1 34  ? -0.291  -12.836 -4.193  1.00 17.75 ? 33   PHE A CB  1 
ATOM   271  C  CG  . PHE A 1 34  ? -0.286  -11.681 -5.148  1.00 19.11 ? 33   PHE A CG  1 
ATOM   272  C  CD1 . PHE A 1 34  ? -1.474  -11.232 -5.720  1.00 22.24 ? 33   PHE A CD1 1 
ATOM   273  C  CD2 . PHE A 1 34  ? 0.901   -11.047 -5.484  1.00 22.95 ? 33   PHE A CD2 1 
ATOM   274  C  CE1 . PHE A 1 34  ? -1.474  -10.164 -6.610  1.00 25.98 ? 33   PHE A CE1 1 
ATOM   275  C  CE2 . PHE A 1 34  ? 0.907   -9.970  -6.399  1.00 23.86 ? 33   PHE A CE2 1 
ATOM   276  C  CZ  . PHE A 1 34  ? -0.291  -9.525  -6.933  1.00 21.13 ? 33   PHE A CZ  1 
ATOM   277  N  N   . LYS A 1 35  ? -1.099  -14.274 -1.233  1.00 17.41 ? 34   LYS A N   1 
ATOM   278  C  CA  . LYS A 1 35  ? -1.512  -15.469 -0.473  1.00 19.22 ? 34   LYS A CA  1 
ATOM   279  C  C   . LYS A 1 35  ? -2.905  -15.308 0.185   1.00 18.91 ? 34   LYS A C   1 
ATOM   280  O  O   . LYS A 1 35  ? -3.662  -16.285 0.340   1.00 17.94 ? 34   LYS A O   1 
ATOM   281  C  CB  . LYS A 1 35  ? -0.472  -15.829 0.546   1.00 19.92 ? 34   LYS A CB  1 
ATOM   282  C  CG  . LYS A 1 35  ? 0.810   -16.343 -0.092  1.00 21.80 ? 34   LYS A CG  1 
ATOM   283  C  CD  . LYS A 1 35  ? 1.816   -16.721 0.977   1.00 29.15 ? 34   LYS A CD  1 
ATOM   284  C  CE  . LYS A 1 35  ? 1.698   -18.211 1.301   1.00 33.68 ? 34   LYS A CE  1 
ATOM   285  N  NZ  . LYS A 1 35  ? 2.521   -18.595 2.470   1.00 38.71 ? 34   LYS A NZ  1 
ATOM   286  N  N   . SER A 1 36  ? -3.221  -14.087 0.603   1.00 18.76 ? 35   SER A N   1 
ATOM   287  C  CA  . SER A 1 36  ? -4.532  -13.797 1.220   1.00 19.44 ? 35   SER A CA  1 
ATOM   288  C  C   . SER A 1 36  ? -5.610  -13.788 0.159   1.00 18.84 ? 35   SER A C   1 
ATOM   289  O  O   . SER A 1 36  ? -6.738  -14.217 0.396   1.00 18.44 ? 35   SER A O   1 
ATOM   290  C  CB  . SER A 1 36  ? -4.511  -12.431 1.933   1.00 19.23 ? 35   SER A CB  1 
ATOM   291  O  OG  . SER A 1 36  ? -3.521  -12.426 2.946   1.00 21.35 ? 35   SER A OG  1 
ATOM   292  N  N   . HIS A 1 37  ? -5.255  -13.298 -1.023  1.00 18.29 ? 36   HIS A N   1 
ATOM   293  C  CA  . HIS A 1 37  ? -6.224  -13.129 -2.107  1.00 19.68 ? 36   HIS A CA  1 
ATOM   294  C  C   . HIS A 1 37  ? -5.677  -13.641 -3.438  1.00 19.89 ? 36   HIS A C   1 
ATOM   295  O  O   . HIS A 1 37  ? -5.391  -12.838 -4.304  1.00 19.89 ? 36   HIS A O   1 
ATOM   296  C  CB  . HIS A 1 37  ? -6.622  -11.656 -2.216  1.00 19.32 ? 36   HIS A CB  1 
ATOM   297  C  CG  . HIS A 1 37  ? -7.310  -11.165 -1.006  1.00 20.23 ? 36   HIS A CG  1 
ATOM   298  N  ND1 . HIS A 1 37  ? -8.638  -11.429 -0.767  1.00 21.94 ? 36   HIS A ND1 1 
ATOM   299  C  CD2 . HIS A 1 37  ? -6.850  -10.506 0.081   1.00 22.46 ? 36   HIS A CD2 1 
ATOM   300  C  CE1 . HIS A 1 37  ? -8.976  -10.925 0.404   1.00 19.17 ? 36   HIS A CE1 1 
ATOM   301  N  NE2 . HIS A 1 37  ? -7.913  -10.360 0.940   1.00 23.09 ? 36   HIS A NE2 1 
ATOM   302  N  N   . PRO A 1 38  ? -5.518  -14.987 -3.583  1.00 21.16 ? 37   PRO A N   1 
ATOM   303  C  CA  . PRO A 1 38  ? -4.883  -15.576 -4.797  1.00 21.62 ? 37   PRO A CA  1 
ATOM   304  C  C   . PRO A 1 38  ? -5.697  -15.331 -6.028  1.00 23.24 ? 37   PRO A C   1 
ATOM   305  O  O   . PRO A 1 38  ? -5.180  -15.386 -7.155  1.00 23.00 ? 37   PRO A O   1 
ATOM   306  C  CB  . PRO A 1 38  ? -4.821  -17.087 -4.507  1.00 22.01 ? 37   PRO A CB  1 
ATOM   307  C  CG  . PRO A 1 38  ? -5.817  -17.341 -3.354  1.00 19.90 ? 37   PRO A CG  1 
ATOM   308  C  CD  . PRO A 1 38  ? -5.925  -16.017 -2.591  1.00 20.74 ? 37   PRO A CD  1 
ATOM   309  N  N   . GLU A 1 39  ? -6.980  -15.063 -5.801  1.00 24.95 ? 38   GLU A N   1 
ATOM   310  C  CA  . GLU A 1 39  ? -7.908  -14.772 -6.861  1.00 26.05 ? 38   GLU A CA  1 
ATOM   311  C  C   . GLU A 1 39  ? -7.492  -13.524 -7.641  1.00 26.85 ? 38   GLU A C   1 
ATOM   312  O  O   . GLU A 1 39  ? -7.922  -13.341 -8.781  1.00 28.54 ? 38   GLU A O   1 
ATOM   313  C  CB  . GLU A 1 39  ? -9.321  -14.622 -6.271  1.00 25.97 ? 38   GLU A CB  1 
ATOM   314  C  CG  . GLU A 1 39  ? -9.542  -13.318 -5.539  1.00 26.89 ? 38   GLU A CG  1 
ATOM   315  C  CD  . GLU A 1 39  ? -9.298  -13.393 -4.057  1.00 26.97 ? 38   GLU A CD  1 
ATOM   316  O  OE1 . GLU A 1 39  ? -8.611  -14.326 -3.552  1.00 25.90 ? 38   GLU A OE1 1 
ATOM   317  O  OE2 . GLU A 1 39  ? -9.790  -12.464 -3.385  1.00 28.98 ? 38   GLU A OE2 1 
ATOM   318  N  N   . THR A 1 40  ? -6.669  -12.665 -7.045  1.00 26.89 ? 39   THR A N   1 
ATOM   319  C  CA  . THR A 1 40  ? -6.239  -11.435 -7.710  1.00 26.44 ? 39   THR A CA  1 
ATOM   320  C  C   . THR A 1 40  ? -5.098  -11.647 -8.715  1.00 26.61 ? 39   THR A C   1 
ATOM   321  O  O   . THR A 1 40  ? -4.944  -10.857 -9.664  1.00 26.59 ? 39   THR A O   1 
ATOM   322  C  CB  . THR A 1 40  ? -5.867  -10.311 -6.717  1.00 26.45 ? 39   THR A CB  1 
ATOM   323  O  OG1 . THR A 1 40  ? -4.676  -10.650 -5.986  1.00 23.10 ? 39   THR A OG1 1 
ATOM   324  C  CG2 . THR A 1 40  ? -7.006  -10.074 -5.733  1.00 27.68 ? 39   THR A CG2 1 
ATOM   325  N  N   . LEU A 1 41  ? -4.305  -12.704 -8.513  1.00 26.40 ? 40   LEU A N   1 
ATOM   326  C  CA  . LEU A 1 41  ? -3.136  -12.975 -9.358  1.00 26.40 ? 40   LEU A CA  1 
ATOM   327  C  C   . LEU A 1 41  ? -3.460  -12.977 -10.856 1.00 26.41 ? 40   LEU A C   1 
ATOM   328  O  O   . LEU A 1 41  ? -2.775  -12.330 -11.645 1.00 26.07 ? 40   LEU A O   1 
ATOM   329  C  CB  . LEU A 1 41  ? -2.539  -14.320 -8.961  1.00 26.06 ? 40   LEU A CB  1 
ATOM   330  C  CG  . LEU A 1 41  ? -1.167  -14.563 -8.305  1.00 28.60 ? 40   LEU A CG  1 
ATOM   331  C  CD1 . LEU A 1 41  ? -0.311  -13.324 -8.057  1.00 25.09 ? 40   LEU A CD1 1 
ATOM   332  C  CD2 . LEU A 1 41  ? -1.318  -15.458 -7.070  1.00 28.00 ? 40   LEU A CD2 1 
ATOM   333  N  N   . GLU A 1 42  ? -4.498  -13.738 -11.219 1.00 26.22 ? 41   GLU A N   1 
ATOM   334  C  CA  . GLU A 1 42  ? -5.024  -13.890 -12.598 1.00 27.70 ? 41   GLU A CA  1 
ATOM   335  C  C   . GLU A 1 42  ? -5.377  -12.559 -13.283 1.00 26.35 ? 41   GLU A C   1 
ATOM   336  O  O   . GLU A 1 42  ? -5.445  -12.486 -14.508 1.00 26.42 ? 41   GLU A O   1 
ATOM   337  C  CB  . GLU A 1 42  ? -6.279  -14.796 -12.559 1.00 27.19 ? 41   GLU A CB  1 
ATOM   338  C  CG  . GLU A 1 42  ? -7.291  -14.367 -11.451 1.00 29.36 ? 41   GLU A CG  1 
ATOM   339  C  CD  . GLU A 1 42  ? -8.425  -15.398 -11.131 1.00 31.34 ? 41   GLU A CD  1 
ATOM   340  O  OE1 . GLU A 1 42  ? -8.163  -16.559 -10.652 1.00 31.63 ? 41   GLU A OE1 1 
ATOM   341  O  OE2 . GLU A 1 42  ? -9.592  -14.989 -11.313 1.00 36.10 ? 41   GLU A OE2 1 
ATOM   342  N  N   . LYS A 1 43  ? -5.603  -11.515 -12.488 1.00 25.84 ? 42   LYS A N   1 
ATOM   343  C  CA  . LYS A 1 43  ? -5.962  -10.213 -13.026 1.00 25.91 ? 42   LYS A CA  1 
ATOM   344  C  C   . LYS A 1 43  ? -4.764  -9.402  -13.535 1.00 25.79 ? 42   LYS A C   1 
ATOM   345  O  O   . LYS A 1 43  ? -4.951  -8.416  -14.232 1.00 26.46 ? 42   LYS A O   1 
ATOM   346  C  CB  . LYS A 1 43  ? -6.728  -9.406  -11.983 1.00 27.00 ? 42   LYS A CB  1 
ATOM   347  C  CG  . LYS A 1 43  ? -7.871  -10.169 -11.296 1.00 29.08 ? 42   LYS A CG  1 
ATOM   348  C  CD  . LYS A 1 43  ? -9.056  -10.443 -12.223 1.00 33.30 ? 42   LYS A CD  1 
ATOM   349  C  CE  . LYS A 1 43  ? -10.222 -10.992 -11.410 1.00 35.60 ? 42   LYS A CE  1 
ATOM   350  N  NZ  . LYS A 1 43  ? -11.286 -11.582 -12.254 1.00 38.23 ? 42   LYS A NZ  1 
ATOM   351  N  N   . PHE A 1 44  ? -3.548  -9.809  -13.188 1.00 23.74 ? 43   PHE A N   1 
ATOM   352  C  CA  . PHE A 1 44  ? -2.372  -9.062  -13.576 1.00 24.01 ? 43   PHE A CA  1 
ATOM   353  C  C   . PHE A 1 44  ? -1.552  -9.892  -14.541 1.00 23.53 ? 43   PHE A C   1 
ATOM   354  O  O   . PHE A 1 44  ? -1.034  -10.948 -14.166 1.00 23.04 ? 43   PHE A O   1 
ATOM   355  C  CB  . PHE A 1 44  ? -1.553  -8.686  -12.343 1.00 24.95 ? 43   PHE A CB  1 
ATOM   356  C  CG  . PHE A 1 44  ? -2.322  -7.867  -11.343 1.00 27.13 ? 43   PHE A CG  1 
ATOM   357  C  CD1 . PHE A 1 44  ? -2.610  -6.535  -11.599 1.00 32.57 ? 43   PHE A CD1 1 
ATOM   358  C  CD2 . PHE A 1 44  ? -2.785  -8.433  -10.169 1.00 28.53 ? 43   PHE A CD2 1 
ATOM   359  C  CE1 . PHE A 1 44  ? -3.352  -5.778  -10.671 1.00 34.25 ? 43   PHE A CE1 1 
ATOM   360  C  CE2 . PHE A 1 44  ? -3.516  -7.687  -9.246  1.00 30.62 ? 43   PHE A CE2 1 
ATOM   361  C  CZ  . PHE A 1 44  ? -3.802  -6.366  -9.499  1.00 30.09 ? 43   PHE A CZ  1 
ATOM   362  N  N   . ASP A 1 45  ? -1.451  -9.446  -15.796 1.00 23.53 ? 44   ASP A N   1 
ATOM   363  C  CA  . ASP A 1 45  ? -0.652  -10.211 -16.777 1.00 23.62 ? 44   ASP A CA  1 
ATOM   364  C  C   . ASP A 1 45  ? 0.781   -10.445 -16.290 1.00 22.93 ? 44   ASP A C   1 
ATOM   365  O  O   . ASP A 1 45  ? 1.363   -11.483 -16.597 1.00 22.61 ? 44   ASP A O   1 
ATOM   366  C  CB  . ASP A 1 45  ? -0.598  -9.528  -18.142 1.00 24.96 ? 44   ASP A CB  1 
ATOM   367  C  CG  . ASP A 1 45  ? -1.837  -9.780  -18.977 1.00 28.57 ? 44   ASP A CG  1 
ATOM   368  O  OD1 . ASP A 1 45  ? -2.519  -10.831 -18.825 1.00 30.88 ? 44   ASP A OD1 1 
ATOM   369  O  OD2 . ASP A 1 45  ? -2.105  -8.914  -19.826 1.00 34.98 ? 44   ASP A OD2 1 
ATOM   370  N  N   . ARG A 1 46  ? 1.328   -9.481  -15.545 1.00 22.31 ? 45   ARG A N   1 
ATOM   371  C  CA  . ARG A 1 46  ? 2.735   -9.561  -15.106 1.00 22.95 ? 45   ARG A CA  1 
ATOM   372  C  C   . ARG A 1 46  ? 2.942   -10.532 -13.928 1.00 22.40 ? 45   ARG A C   1 
ATOM   373  O  O   . ARG A 1 46  ? 4.087   -10.883 -13.610 1.00 22.98 ? 45   ARG A O   1 
ATOM   374  C  CB  . ARG A 1 46  ? 3.279   -8.165  -14.748 1.00 23.00 ? 45   ARG A CB  1 
ATOM   375  C  CG  . ARG A 1 46  ? 3.495   -7.211  -15.950 1.00 24.95 ? 45   ARG A CG  1 
ATOM   376  C  CD  . ARG A 1 46  ? 4.671   -7.652  -16.757 1.00 23.32 ? 45   ARG A CD  1 
ATOM   377  N  NE  . ARG A 1 46  ? 4.970   -6.863  -17.956 1.00 24.25 ? 45   ARG A NE  1 
ATOM   378  C  CZ  . ARG A 1 46  ? 5.806   -5.812  -18.019 1.00 25.79 ? 45   ARG A CZ  1 
ATOM   379  N  NH1 . ARG A 1 46  ? 6.384   -5.324  -16.926 1.00 27.33 ? 45   ARG A NH1 1 
ATOM   380  N  NH2 . ARG A 1 46  ? 6.041   -5.217  -19.191 1.00 25.10 ? 45   ARG A NH2 1 
ATOM   381  N  N   . PHE A 1 47  ? 1.854   -10.940 -13.269 1.00 21.96 ? 46   PHE A N   1 
ATOM   382  C  CA  . PHE A 1 47  ? 1.944   -11.806 -12.071 1.00 21.00 ? 46   PHE A CA  1 
ATOM   383  C  C   . PHE A 1 47  ? 1.258   -13.161 -12.215 1.00 21.22 ? 46   PHE A C   1 
ATOM   384  O  O   . PHE A 1 47  ? 1.434   -14.042 -11.368 1.00 20.29 ? 46   PHE A O   1 
ATOM   385  C  CB  . PHE A 1 47  ? 1.366   -11.111 -10.809 1.00 20.93 ? 46   PHE A CB  1 
ATOM   386  C  CG  . PHE A 1 47  ? 1.975   -9.765  -10.507 1.00 21.19 ? 46   PHE A CG  1 
ATOM   387  C  CD1 . PHE A 1 47  ? 3.335   -9.556  -10.671 1.00 20.67 ? 46   PHE A CD1 1 
ATOM   388  C  CD2 . PHE A 1 47  ? 1.177   -8.714  -10.048 1.00 20.92 ? 46   PHE A CD2 1 
ATOM   389  C  CE1 . PHE A 1 47  ? 3.904   -8.325  -10.397 1.00 20.31 ? 46   PHE A CE1 1 
ATOM   390  C  CE2 . PHE A 1 47  ? 1.729   -7.472  -9.779  1.00 21.68 ? 46   PHE A CE2 1 
ATOM   391  C  CZ  . PHE A 1 47  ? 3.095   -7.276  -9.953  1.00 20.61 ? 46   PHE A CZ  1 
ATOM   392  N  N   . LYS A 1 48  ? 0.436   -13.309 -13.248 1.00 21.75 ? 47   LYS A N   1 
ATOM   393  C  CA  . LYS A 1 48  ? -0.434  -14.489 -13.320 1.00 22.60 ? 47   LYS A CA  1 
ATOM   394  C  C   . LYS A 1 48  ? 0.295   -15.837 -13.454 1.00 22.81 ? 47   LYS A C   1 
ATOM   395  O  O   . LYS A 1 48  ? -0.301  -16.889 -13.236 1.00 21.66 ? 47   LYS A O   1 
ATOM   396  C  CB  . LYS A 1 48  ? -1.501  -14.319 -14.387 1.00 23.06 ? 47   LYS A CB  1 
ATOM   397  C  CG  . LYS A 1 48  ? -1.025  -14.244 -15.791 1.00 25.99 ? 47   LYS A CG  1 
ATOM   398  C  CD  . LYS A 1 48  ? -2.168  -13.588 -16.573 1.00 31.68 ? 47   LYS A CD  1 
ATOM   399  C  CE  . LYS A 1 48  ? -2.125  -13.936 -18.036 1.00 35.54 ? 47   LYS A CE  1 
ATOM   400  N  NZ  . LYS A 1 48  ? -3.409  -13.477 -18.696 1.00 38.28 ? 47   LYS A NZ  1 
ATOM   401  N  N   . HIS A 1 49  ? 1.582   -15.812 -13.802 1.00 22.68 ? 48   HIS A N   1 
ATOM   402  C  CA  . HIS A 1 49  ? 2.408   -17.039 -13.781 1.00 23.23 ? 48   HIS A CA  1 
ATOM   403  C  C   . HIS A 1 49  ? 2.843   -17.501 -12.376 1.00 23.37 ? 48   HIS A C   1 
ATOM   404  O  O   . HIS A 1 49  ? 3.390   -18.607 -12.199 1.00 22.56 ? 48   HIS A O   1 
ATOM   405  C  CB  . HIS A 1 49  ? 3.663   -16.821 -14.642 1.00 22.88 ? 48   HIS A CB  1 
ATOM   406  C  CG  . HIS A 1 49  ? 4.480   -15.641 -14.223 1.00 22.01 ? 48   HIS A CG  1 
ATOM   407  N  ND1 . HIS A 1 49  ? 5.768   -15.762 -13.729 1.00 21.03 ? 48   HIS A ND1 1 
ATOM   408  C  CD2 . HIS A 1 49  ? 4.198   -14.318 -14.222 1.00 18.17 ? 48   HIS A CD2 1 
ATOM   409  C  CE1 . HIS A 1 49  ? 6.243   -14.559 -13.457 1.00 16.98 ? 48   HIS A CE1 1 
ATOM   410  N  NE2 . HIS A 1 49  ? 5.304   -13.668 -13.730 1.00 24.94 ? 48   HIS A NE2 1 
ATOM   411  N  N   . LEU A 1 50  ? 2.636   -16.643 -11.381 1.00 23.13 ? 49   LEU A N   1 
ATOM   412  C  CA  . LEU A 1 50  ? 3.110   -16.947 -10.035 1.00 24.10 ? 49   LEU A CA  1 
ATOM   413  C  C   . LEU A 1 50  ? 2.024   -17.705 -9.282  1.00 25.72 ? 49   LEU A C   1 
ATOM   414  O  O   . LEU A 1 50  ? 0.918   -17.187 -9.075  1.00 26.73 ? 49   LEU A O   1 
ATOM   415  C  CB  . LEU A 1 50  ? 3.495   -15.674 -9.294  1.00 23.36 ? 49   LEU A CB  1 
ATOM   416  C  CG  . LEU A 1 50  ? 4.570   -14.828 -9.966  1.00 23.44 ? 49   LEU A CG  1 
ATOM   417  C  CD1 . LEU A 1 50  ? 4.652   -13.452 -9.286  1.00 23.59 ? 49   LEU A CD1 1 
ATOM   418  C  CD2 . LEU A 1 50  ? 5.936   -15.566 -10.022 1.00 22.26 ? 49   LEU A CD2 1 
ATOM   419  N  N   . LYS A 1 51  ? 2.340   -18.932 -8.900  1.00 26.86 ? 50   LYS A N   1 
ATOM   420  C  CA  . LYS A 1 51  ? 1.377   -19.782 -8.223  1.00 29.06 ? 50   LYS A CA  1 
ATOM   421  C  C   . LYS A 1 51  ? 1.725   -19.932 -6.741  1.00 29.51 ? 50   LYS A C   1 
ATOM   422  O  O   . LYS A 1 51  ? 0.817   -20.054 -5.879  1.00 30.13 ? 50   LYS A O   1 
ATOM   423  C  CB  . LYS A 1 51  ? 1.285   -21.171 -8.890  1.00 29.28 ? 50   LYS A CB  1 
ATOM   424  C  CG  . LYS A 1 51  ? 1.133   -21.179 -10.424 1.00 32.16 ? 50   LYS A CG  1 
ATOM   425  C  CD  . LYS A 1 51  ? 0.638   -22.563 -10.947 1.00 32.54 ? 50   LYS A CD  1 
ATOM   426  C  CE  . LYS A 1 51  ? 1.753   -23.642 -11.044 1.00 36.80 ? 50   LYS A CE  1 
ATOM   427  N  NZ  . LYS A 1 51  ? 2.136   -24.227 -9.714  1.00 39.48 ? 50   LYS A NZ  1 
ATOM   428  N  N   . THR A 1 52  ? 3.029   -19.965 -6.436  1.00 28.35 ? 51   THR A N   1 
ATOM   429  C  CA  . THR A 1 52  ? 3.483   -20.373 -5.114  1.00 26.51 ? 51   THR A CA  1 
ATOM   430  C  C   . THR A 1 52  ? 4.341   -19.293 -4.492  1.00 25.67 ? 51   THR A C   1 
ATOM   431  O  O   . THR A 1 52  ? 4.878   -18.440 -5.198  1.00 23.85 ? 51   THR A O   1 
ATOM   432  C  CB  . THR A 1 52  ? 4.291   -21.712 -5.137  1.00 27.04 ? 51   THR A CB  1 
ATOM   433  O  OG1 . THR A 1 52  ? 5.516   -21.545 -5.862  1.00 25.74 ? 51   THR A OG1 1 
ATOM   434  C  CG2 . THR A 1 52  ? 3.482   -22.864 -5.750  1.00 27.95 ? 51   THR A CG2 1 
ATOM   435  N  N   . GLU A 1 53  ? 4.455   -19.340 -3.166  1.00 24.93 ? 52   GLU A N   1 
ATOM   436  C  CA  . GLU A 1 53  ? 5.364   -18.448 -2.440  1.00 24.21 ? 52   GLU A CA  1 
ATOM   437  C  C   . GLU A 1 53  ? 6.803   -18.489 -2.949  1.00 23.04 ? 52   GLU A C   1 
ATOM   438  O  O   . GLU A 1 53  ? 7.455   -17.449 -3.066  1.00 21.67 ? 52   GLU A O   1 
ATOM   439  C  CB  . GLU A 1 53  ? 5.349   -18.759 -0.954  1.00 24.65 ? 52   GLU A CB  1 
ATOM   440  C  CG  . GLU A 1 53  ? 6.082   -17.744 -0.144  1.00 27.24 ? 52   GLU A CG  1 
ATOM   441  C  CD  . GLU A 1 53  ? 5.650   -17.742 1.327   1.00 31.45 ? 52   GLU A CD  1 
ATOM   442  O  OE1 . GLU A 1 53  ? 4.928   -18.674 1.755   1.00 34.17 ? 52   GLU A OE1 1 
ATOM   443  O  OE2 . GLU A 1 53  ? 6.011   -16.791 2.042   1.00 31.83 ? 52   GLU A OE2 1 
ATOM   444  N  N   . ALA A 1 54  ? 7.310   -19.692 -3.232  1.00 21.67 ? 53   ALA A N   1 
ATOM   445  C  CA  . ALA A 1 54  ? 8.660   -19.832 -3.793  1.00 20.34 ? 53   ALA A CA  1 
ATOM   446  C  C   . ALA A 1 54  ? 8.787   -19.046 -5.120  1.00 19.72 ? 53   ALA A C   1 
ATOM   447  O  O   . ALA A 1 54  ? 9.705   -18.235 -5.287  1.00 19.45 ? 53   ALA A O   1 
ATOM   448  C  CB  . ALA A 1 54  ? 9.027   -21.325 -3.972  1.00 20.62 ? 53   ALA A CB  1 
ATOM   449  N  N   . GLU A 1 55  ? 7.818   -19.205 -6.014  1.00 20.37 ? 54   GLU A N   1 
ATOM   450  C  CA  . GLU A 1 55  ? 7.835   -18.476 -7.293  1.00 20.77 ? 54   GLU A CA  1 
ATOM   451  C  C   . GLU A 1 55  ? 7.727   -16.983 -7.023  1.00 20.41 ? 54   GLU A C   1 
ATOM   452  O  O   . GLU A 1 55  ? 8.441   -16.171 -7.633  1.00 18.26 ? 54   GLU A O   1 
ATOM   453  C  CB  . GLU A 1 55  ? 6.701   -18.929 -8.202  1.00 20.66 ? 54   GLU A CB  1 
ATOM   454  C  CG  . GLU A 1 55  ? 6.998   -20.264 -8.931  1.00 22.89 ? 54   GLU A CG  1 
ATOM   455  C  CD  . GLU A 1 55  ? 5.755   -20.863 -9.621  1.00 24.20 ? 54   GLU A CD  1 
ATOM   456  O  OE1 . GLU A 1 55  ? 4.591   -20.468 -9.305  1.00 25.51 ? 54   GLU A OE1 1 
ATOM   457  O  OE2 . GLU A 1 55  ? 5.948   -21.755 -10.475 1.00 29.80 ? 54   GLU A OE2 1 
ATOM   458  N  N   . MET A 1 56  ? 6.878   -16.624 -6.058  1.00 19.29 ? 55   MET A N   1 
ATOM   459  C  CA  . MET A 1 56  ? 6.747   -15.194 -5.707  1.00 19.42 ? 55   MET A CA  1 
ATOM   460  C  C   . MET A 1 56  ? 8.047   -14.563 -5.201  1.00 19.37 ? 55   MET A C   1 
ATOM   461  O  O   . MET A 1 56  ? 8.439   -13.495 -5.672  1.00 18.38 ? 55   MET A O   1 
ATOM   462  C  CB  . MET A 1 56  ? 5.622   -15.006 -4.698  1.00 19.00 ? 55   MET A CB  1 
ATOM   463  C  CG  . MET A 1 56  ? 4.235   -15.300 -5.273  1.00 19.47 ? 55   MET A CG  1 
ATOM   464  S  SD  . MET A 1 56  ? 3.014   -15.166 -3.972  1.00 21.93 ? 55   MET A SD  1 
ATOM   465  C  CE  . MET A 1 56  ? 1.687   -16.191 -4.647  1.00 19.93 ? 55   MET A CE  1 
ATOM   466  N  N   . LYS A 1 57  ? 8.728   -15.242 -4.276  1.00 19.76 ? 56   LYS A N   1 
ATOM   467  C  CA  . LYS A 1 57  ? 10.000  -14.742 -3.727  1.00 21.11 ? 56   LYS A CA  1 
ATOM   468  C  C   . LYS A 1 57  ? 11.110  -14.574 -4.762  1.00 20.81 ? 56   LYS A C   1 
ATOM   469  O  O   . LYS A 1 57  ? 11.998  -13.734 -4.594  1.00 21.15 ? 56   LYS A O   1 
ATOM   470  C  CB  . LYS A 1 57  ? 10.499  -15.681 -2.642  1.00 21.55 ? 56   LYS A CB  1 
ATOM   471  C  CG  . LYS A 1 57  ? 9.797   -15.524 -1.284  1.00 25.03 ? 56   LYS A CG  1 
ATOM   472  C  CD  . LYS A 1 57  ? 10.069  -16.734 -0.419  1.00 28.57 ? 56   LYS A CD  1 
ATOM   473  C  CE  . LYS A 1 57  ? 9.394   -16.630 0.936   1.00 34.27 ? 56   LYS A CE  1 
ATOM   474  N  NZ  . LYS A 1 57  ? 9.581   -17.898 1.720   1.00 37.71 ? 56   LYS A NZ  1 
ATOM   475  N  N   . ALA A 1 58  ? 11.064  -15.384 -5.821  1.00 20.15 ? 57   ALA A N   1 
ATOM   476  C  CA  . ALA A 1 58  ? 12.095  -15.369 -6.865  1.00 20.22 ? 57   ALA A CA  1 
ATOM   477  C  C   . ALA A 1 58  ? 11.771  -14.422 -8.033  1.00 19.50 ? 57   ALA A C   1 
ATOM   478  O  O   . ALA A 1 58  ? 12.611  -14.188 -8.882  1.00 19.77 ? 57   ALA A O   1 
ATOM   479  C  CB  . ALA A 1 58  ? 12.348  -16.785 -7.388  1.00 21.28 ? 57   ALA A CB  1 
ATOM   480  N  N   . SER A 1 59  ? 10.555  -13.861 -8.049  1.00 18.47 ? 58   SER A N   1 
ATOM   481  C  CA  . SER A 1 59  ? 10.065  -13.036 -9.157  1.00 16.97 ? 58   SER A CA  1 
ATOM   482  C  C   . SER A 1 59  ? 10.666  -11.620 -9.193  1.00 16.66 ? 58   SER A C   1 
ATOM   483  O  O   . SER A 1 59  ? 10.564  -10.834 -8.239  1.00 15.51 ? 58   SER A O   1 
ATOM   484  C  CB  . SER A 1 59  ? 8.525   -12.940 -9.108  1.00 17.12 ? 58   SER A CB  1 
ATOM   485  O  OG  . SER A 1 59  ? 8.072   -12.051 -10.123 1.00 14.39 ? 58   SER A OG  1 
ATOM   486  N  N   . GLU A 1 60  ? 11.284  -11.280 -10.310 1.00 16.23 ? 59   GLU A N   1 
ATOM   487  C  CA  . GLU A 1 60  ? 11.731  -9.912  -10.492 1.00 16.98 ? 59   GLU A CA  1 
ATOM   488  C  C   . GLU A 1 60  ? 10.520  -8.988  -10.752 1.00 15.69 ? 59   GLU A C   1 
ATOM   489  O  O   . GLU A 1 60  ? 10.514  -7.834  -10.325 1.00 15.38 ? 59   GLU A O   1 
ATOM   490  C  CB  . GLU A 1 60  ? 12.727  -9.815  -11.654 1.00 17.69 ? 59   GLU A CB  1 
ATOM   491  C  CG  . GLU A 1 60  ? 13.236  -8.397  -11.905 1.00 22.67 ? 59   GLU A CG  1 
ATOM   492  C  CD  . GLU A 1 60  ? 14.220  -7.905  -10.845 1.00 27.60 ? 59   GLU A CD  1 
ATOM   493  O  OE1 . GLU A 1 60  ? 14.588  -8.682  -9.945  1.00 29.88 ? 59   GLU A OE1 1 
ATOM   494  O  OE2 . GLU A 1 60  ? 14.637  -6.732  -10.933 1.00 31.29 ? 59   GLU A OE2 1 
ATOM   495  N  N   . ASP A 1 61  ? 9.505   -9.477  -11.455 1.00 16.06 ? 60   ASP A N   1 
ATOM   496  C  CA  . ASP A 1 61  ? 8.319   -8.643  -11.677 1.00 15.74 ? 60   ASP A CA  1 
ATOM   497  C  C   . ASP A 1 61  ? 7.714   -8.211  -10.349 1.00 15.66 ? 60   ASP A C   1 
ATOM   498  O  O   . ASP A 1 61  ? 7.418   -7.047  -10.179 1.00 14.60 ? 60   ASP A O   1 
ATOM   499  C  CB  . ASP A 1 61  ? 7.277   -9.384  -12.543 1.00 16.81 ? 60   ASP A CB  1 
ATOM   500  C  CG  . ASP A 1 61  ? 7.621   -9.332  -14.023 1.00 17.93 ? 60   ASP A CG  1 
ATOM   501  O  OD1 . ASP A 1 61  ? 7.743   -8.222  -14.579 1.00 22.40 ? 60   ASP A OD1 1 
ATOM   502  O  OD2 . ASP A 1 61  ? 7.807   -10.402 -14.622 1.00 23.00 ? 60   ASP A OD2 1 
ATOM   503  N  N   . LEU A 1 62  ? 7.561   -9.157  -9.406  1.00 15.03 ? 61   LEU A N   1 
ATOM   504  C  CA  . LEU A 1 62  ? 6.940   -8.860  -8.122  1.00 14.11 ? 61   LEU A CA  1 
ATOM   505  C  C   . LEU A 1 62  ? 7.846   -7.910  -7.317  1.00 14.45 ? 61   LEU A C   1 
ATOM   506  O  O   . LEU A 1 62  ? 7.379   -6.924  -6.805  1.00 13.28 ? 61   LEU A O   1 
ATOM   507  C  CB  . LEU A 1 62  ? 6.591   -10.154 -7.363  1.00 14.72 ? 61   LEU A CB  1 
ATOM   508  C  CG  . LEU A 1 62  ? 5.778   -10.081 -6.047  1.00 13.93 ? 61   LEU A CG  1 
ATOM   509  C  CD1 . LEU A 1 62  ? 4.920   -11.346 -5.776  1.00 18.78 ? 61   LEU A CD1 1 
ATOM   510  C  CD2 . LEU A 1 62  ? 6.762   -9.831  -4.860  1.00 17.76 ? 61   LEU A CD2 1 
ATOM   511  N  N   . LYS A 1 63  ? 9.143   -8.205  -7.234  1.00 14.03 ? 62   LYS A N   1 
ATOM   512  C  CA  . LYS A 1 63  ? 10.067  -7.322  -6.532  1.00 15.07 ? 62   LYS A CA  1 
ATOM   513  C  C   . LYS A 1 63  ? 10.026  -5.895  -7.071  1.00 14.68 ? 62   LYS A C   1 
ATOM   514  O  O   . LYS A 1 63  ? 9.880   -4.951  -6.288  1.00 15.58 ? 62   LYS A O   1 
ATOM   515  C  CB  . LYS A 1 63  ? 11.489  -7.890  -6.587  1.00 15.09 ? 62   LYS A CB  1 
ATOM   516  C  CG  . LYS A 1 63  ? 12.528  -7.069  -5.865  1.00 17.12 ? 62   LYS A CG  1 
ATOM   517  C  CD  . LYS A 1 63  ? 13.882  -7.789  -5.941  1.00 23.04 ? 62   LYS A CD  1 
ATOM   518  C  CE  . LYS A 1 63  ? 14.954  -7.031  -5.184  1.00 29.32 ? 62   LYS A CE  1 
ATOM   519  N  NZ  . LYS A 1 63  ? 16.336  -7.610  -5.458  1.00 28.59 ? 62   LYS A NZ  1 
ATOM   520  N  N   . LYS A 1 64  ? 10.108  -5.740  -8.391  1.00 13.91 ? 63   LYS A N   1 
ATOM   521  C  CA  . LYS A 1 64  ? 10.164  -4.417  -9.018  1.00 15.16 ? 63   LYS A CA  1 
ATOM   522  C  C   . LYS A 1 64  ? 8.845   -3.692  -8.789  1.00 15.17 ? 63   LYS A C   1 
ATOM   523  O  O   . LYS A 1 64  ? 8.818   -2.497  -8.506  1.00 14.81 ? 63   LYS A O   1 
ATOM   524  C  CB  . LYS A 1 64  ? 10.409  -4.539  -10.523 1.00 15.94 ? 63   LYS A CB  1 
ATOM   525  C  CG  . LYS A 1 64  ? 11.831  -4.925  -10.890 1.00 19.94 ? 63   LYS A CG  1 
ATOM   526  C  CD  . LYS A 1 64  ? 11.978  -4.886  -12.433 1.00 23.20 ? 63   LYS A CD  1 
ATOM   527  C  CE  . LYS A 1 64  ? 11.714  -3.461  -12.980 1.00 24.74 ? 63   LYS A CE  1 
ATOM   528  N  NZ  . LYS A 1 64  ? 11.760  -3.346  -14.490 1.00 28.00 ? 63   LYS A NZ  1 
ATOM   529  N  N   . HIS A 1 65  ? 7.747   -4.422  -8.884  1.00 13.65 ? 64   HIS A N   1 
ATOM   530  C  CA  . HIS A 1 65  ? 6.505   -3.746  -8.656  1.00 14.30 ? 64   HIS A CA  1 
ATOM   531  C  C   . HIS A 1 65  ? 6.301   -3.361  -7.181  1.00 14.47 ? 64   HIS A C   1 
ATOM   532  O  O   . HIS A 1 65  ? 5.717   -2.327  -6.911  1.00 14.67 ? 64   HIS A O   1 
ATOM   533  C  CB  . HIS A 1 65  ? 5.329   -4.538  -9.171  1.00 15.90 ? 64   HIS A CB  1 
ATOM   534  C  CG  . HIS A 1 65  ? 4.112   -3.693  -9.278  1.00 15.45 ? 64   HIS A CG  1 
ATOM   535  N  ND1 . HIS A 1 65  ? 4.077   -2.556  -10.054 1.00 18.29 ? 64   HIS A ND1 1 
ATOM   536  C  CD2 . HIS A 1 65  ? 2.920   -3.755  -8.649  1.00 18.53 ? 64   HIS A CD2 1 
ATOM   537  C  CE1 . HIS A 1 65  ? 2.901   -1.969  -9.924  1.00 20.57 ? 64   HIS A CE1 1 
ATOM   538  N  NE2 . HIS A 1 65  ? 2.181   -2.680  -9.084  1.00 18.75 ? 64   HIS A NE2 1 
ATOM   539  N  N   . GLY A 1 66  ? 6.784   -4.188  -6.248  1.00 13.93 ? 65   GLY A N   1 
ATOM   540  C  CA  . GLY A 1 66  ? 6.736   -3.836  -4.814  1.00 15.17 ? 65   GLY A CA  1 
ATOM   541  C  C   . GLY A 1 66  ? 7.431   -2.501  -4.564  1.00 15.16 ? 65   GLY A C   1 
ATOM   542  O  O   . GLY A 1 66  ? 6.951   -1.650  -3.790  1.00 14.31 ? 65   GLY A O   1 
ATOM   543  N  N   . VAL A 1 67  ? 8.536   -2.272  -5.264  1.00 14.77 ? 66   VAL A N   1 
ATOM   544  C  CA  . VAL A 1 67  ? 9.269   -1.019  -5.122  1.00 15.29 ? 66   VAL A CA  1 
ATOM   545  C  C   . VAL A 1 67  ? 8.435   0.145   -5.673  1.00 16.07 ? 66   VAL A C   1 
ATOM   546  O  O   . VAL A 1 67  ? 8.305   1.192   -5.006  1.00 16.59 ? 66   VAL A O   1 
ATOM   547  C  CB  . VAL A 1 67  ? 10.682  -1.069  -5.772  1.00 15.26 ? 66   VAL A CB  1 
ATOM   548  C  CG1 . VAL A 1 67  ? 11.310  0.363   -5.879  1.00 16.18 ? 66   VAL A CG1 1 
ATOM   549  C  CG2 . VAL A 1 67  ? 11.591  -2.069  -4.990  1.00 14.29 ? 66   VAL A CG2 1 
ATOM   550  N  N   . THR A 1 68  ? 7.821   -0.072  -6.836  1.00 16.03 ? 67   THR A N   1 
ATOM   551  C  CA  . THR A 1 68  ? 6.909   0.913   -7.425  1.00 16.68 ? 67   THR A CA  1 
ATOM   552  C  C   . THR A 1 68  ? 5.769   1.302   -6.464  1.00 16.32 ? 67   THR A C   1 
ATOM   553  O  O   . THR A 1 68  ? 5.540   2.503   -6.190  1.00 16.55 ? 67   THR A O   1 
ATOM   554  C  CB  . THR A 1 68  ? 6.383   0.422   -8.778  1.00 16.54 ? 67   THR A CB  1 
ATOM   555  O  OG1 . THR A 1 68  ? 7.484   0.347   -9.694  1.00 17.27 ? 67   THR A OG1 1 
ATOM   556  C  CG2 . THR A 1 68  ? 5.335   1.399   -9.346  1.00 16.94 ? 67   THR A CG2 1 
ATOM   557  N  N   . VAL A 1 69  ? 5.060   0.295   -5.948  1.00 15.99 ? 68   VAL A N   1 
ATOM   558  C  CA  . VAL A 1 69  ? 3.970   0.526   -5.007  1.00 16.58 ? 68   VAL A CA  1 
ATOM   559  C  C   . VAL A 1 69  ? 4.397   1.377   -3.787  1.00 16.42 ? 68   VAL A C   1 
ATOM   560  O  O   . VAL A 1 69  ? 3.749   2.374   -3.444  1.00 16.65 ? 68   VAL A O   1 
ATOM   561  C  CB  . VAL A 1 69  ? 3.333   -0.830  -4.545  1.00 15.96 ? 68   VAL A CB  1 
ATOM   562  C  CG1 . VAL A 1 69  ? 2.339   -0.605  -3.395  1.00 17.87 ? 68   VAL A CG1 1 
ATOM   563  C  CG2 . VAL A 1 69  ? 2.704   -1.559  -5.725  1.00 15.75 ? 68   VAL A CG2 1 
ATOM   564  N  N   . LEU A 1 70  ? 5.486   0.986   -3.136  1.00 16.80 ? 69   LEU A N   1 
ATOM   565  C  CA  . LEU A 1 70  ? 5.918   1.641   -1.895  1.00 17.64 ? 69   LEU A CA  1 
ATOM   566  C  C   . LEU A 1 70  ? 6.487   3.049   -2.123  1.00 18.46 ? 69   LEU A C   1 
ATOM   567  O  O   . LEU A 1 70  ? 6.336   3.932   -1.272  1.00 18.32 ? 69   LEU A O   1 
ATOM   568  C  CB  . LEU A 1 70  ? 6.921   0.745   -1.119  1.00 16.57 ? 69   LEU A CB  1 
ATOM   569  C  CG  . LEU A 1 70  ? 6.282   -0.569  -0.604  1.00 18.82 ? 69   LEU A CG  1 
ATOM   570  C  CD1 . LEU A 1 70  ? 7.334   -1.393  0.123   1.00 18.05 ? 69   LEU A CD1 1 
ATOM   571  C  CD2 . LEU A 1 70  ? 5.086   -0.260  0.316   1.00 19.02 ? 69   LEU A CD2 1 
ATOM   572  N  N   . THR A 1 71  ? 7.141   3.237   -3.268  1.00 18.26 ? 70   THR A N   1 
ATOM   573  C  CA  . THR A 1 71  ? 7.627   4.548   -3.670  1.00 20.06 ? 70   THR A CA  1 
ATOM   574  C  C   . THR A 1 71  ? 6.453   5.512   -3.866  1.00 19.68 ? 70   THR A C   1 
ATOM   575  O  O   . THR A 1 71  ? 6.493   6.627   -3.367  1.00 20.27 ? 70   THR A O   1 
ATOM   576  C  CB  . THR A 1 71  ? 8.515   4.446   -4.925  1.00 20.14 ? 70   THR A CB  1 
ATOM   577  O  OG1 . THR A 1 71  ? 9.643   3.604   -4.592  1.00 22.34 ? 70   THR A OG1 1 
ATOM   578  C  CG2 . THR A 1 71  ? 9.024   5.878   -5.397  1.00 21.39 ? 70   THR A CG2 1 
ATOM   579  N  N   . ALA A 1 72  ? 5.413   5.051   -4.558  1.00 19.02 ? 71   ALA A N   1 
ATOM   580  C  CA  . ALA A 1 72  ? 4.234   5.872   -4.830  1.00 19.92 ? 71   ALA A CA  1 
ATOM   581  C  C   . ALA A 1 72  ? 3.533   6.191   -3.509  1.00 19.94 ? 71   ALA A C   1 
ATOM   582  O  O   . ALA A 1 72  ? 3.173   7.330   -3.246  1.00 19.56 ? 71   ALA A O   1 
ATOM   583  C  CB  . ALA A 1 72  ? 3.295   5.166   -5.800  1.00 18.91 ? 71   ALA A CB  1 
ATOM   584  N  N   . LEU A 1 73  ? 3.378   5.180   -2.662  1.00 20.70 ? 72   LEU A N   1 
ATOM   585  C  CA  . LEU A 1 73  ? 2.654   5.350   -1.412  1.00 20.44 ? 72   LEU A CA  1 
ATOM   586  C  C   . LEU A 1 73  ? 3.436   6.206   -0.427  1.00 20.13 ? 72   LEU A C   1 
ATOM   587  O  O   . LEU A 1 73  ? 2.856   7.027   0.263   1.00 18.66 ? 72   LEU A O   1 
ATOM   588  C  CB  . LEU A 1 73  ? 2.300   3.983   -0.797  1.00 20.16 ? 72   LEU A CB  1 
ATOM   589  C  CG  . LEU A 1 73  ? 1.411   4.049   0.438   1.00 22.96 ? 72   LEU A CG  1 
ATOM   590  C  CD1 . LEU A 1 73  ? -0.028  4.508   0.027   1.00 25.42 ? 72   LEU A CD1 1 
ATOM   591  C  CD2 . LEU A 1 73  ? 1.375   2.653   1.178   1.00 22.84 ? 72   LEU A CD2 1 
ATOM   592  N  N   . GLY A 1 74  ? 4.750   6.007   -0.363  1.00 19.57 ? 73   GLY A N   1 
ATOM   593  C  CA  . GLY A 1 74  ? 5.628   6.811   0.501   1.00 19.48 ? 73   GLY A CA  1 
ATOM   594  C  C   . GLY A 1 74  ? 5.497   8.294   0.191   1.00 20.01 ? 73   GLY A C   1 
ATOM   595  O  O   . GLY A 1 74  ? 5.311   9.109   1.106   1.00 19.91 ? 73   GLY A O   1 
ATOM   596  N  N   . ALA A 1 75  ? 5.586   8.655   -1.088  1.00 19.16 ? 74   ALA A N   1 
ATOM   597  C  CA  . ALA A 1 75  ? 5.467   10.074  -1.496  1.00 19.53 ? 74   ALA A CA  1 
ATOM   598  C  C   . ALA A 1 75  ? 4.106   10.654  -1.063  1.00 19.19 ? 74   ALA A C   1 
ATOM   599  O  O   . ALA A 1 75  ? 4.032   11.790  -0.568  1.00 19.85 ? 74   ALA A O   1 
ATOM   600  C  CB  . ALA A 1 75  ? 5.685   10.226  -3.002  1.00 18.88 ? 74   ALA A CB  1 
ATOM   601  N  N   . ILE A 1 76  ? 3.050   9.858   -1.209  1.00 18.73 ? 75   ILE A N   1 
ATOM   602  C  CA  . ILE A 1 76  ? 1.711   10.272  -0.733  1.00 18.81 ? 75   ILE A CA  1 
ATOM   603  C  C   . ILE A 1 76  ? 1.649   10.450  0.790   1.00 18.24 ? 75   ILE A C   1 
ATOM   604  O  O   . ILE A 1 76  ? 1.244   11.502  1.270   1.00 16.91 ? 75   ILE A O   1 
ATOM   605  C  CB  . ILE A 1 76  ? 0.585   9.329   -1.227  1.00 19.62 ? 75   ILE A CB  1 
ATOM   606  C  CG1 . ILE A 1 76  ? 0.427   9.439   -2.756  1.00 20.56 ? 75   ILE A CG1 1 
ATOM   607  C  CG2 . ILE A 1 76  ? -0.743  9.656   -0.501  1.00 20.89 ? 75   ILE A CG2 1 
ATOM   608  C  CD1 . ILE A 1 76  ? -0.246  8.217   -3.348  1.00 23.45 ? 75   ILE A CD1 1 
ATOM   609  N  N   . LEU A 1 77  ? 2.090   9.454   1.546   1.00 17.59 ? 76   LEU A N   1 
ATOM   610  C  CA  . LEU A 1 77  ? 2.002   9.534   3.019   1.00 18.10 ? 76   LEU A CA  1 
ATOM   611  C  C   . LEU A 1 77  ? 2.750   10.741  3.585   1.00 18.58 ? 76   LEU A C   1 
ATOM   612  O  O   . LEU A 1 77  ? 2.308   11.373  4.543   1.00 18.62 ? 76   LEU A O   1 
ATOM   613  C  CB  . LEU A 1 77  ? 2.557   8.253   3.644   1.00 17.93 ? 76   LEU A CB  1 
ATOM   614  C  CG  . LEU A 1 77  ? 1.723   6.980   3.459   1.00 18.76 ? 76   LEU A CG  1 
ATOM   615  C  CD1 . LEU A 1 77  ? 2.438   5.799   4.151   1.00 19.99 ? 76   LEU A CD1 1 
ATOM   616  C  CD2 . LEU A 1 77  ? 0.288   7.142   3.938   1.00 16.05 ? 76   LEU A CD2 1 
ATOM   617  N  N   . LYS A 1 78  ? 3.894   11.053  2.980   1.00 19.45 ? 77   LYS A N   1 
ATOM   618  C  CA  . LYS A 1 78  ? 4.702   12.200  3.429   1.00 20.10 ? 77   LYS A CA  1 
ATOM   619  C  C   . LYS A 1 78  ? 4.024   13.559  3.276   1.00 20.01 ? 77   LYS A C   1 
ATOM   620  O  O   . LYS A 1 78  ? 4.441   14.513  3.937   1.00 20.55 ? 77   LYS A O   1 
ATOM   621  C  CB  . LYS A 1 78  ? 6.057   12.211  2.727   1.00 20.62 ? 77   LYS A CB  1 
ATOM   622  C  CG  . LYS A 1 78  ? 6.998   11.140  3.249   1.00 21.54 ? 77   LYS A CG  1 
ATOM   623  C  CD  . LYS A 1 78  ? 8.165   10.949  2.299   1.00 24.68 ? 77   LYS A CD  1 
ATOM   624  C  CE  . LYS A 1 78  ? 9.091   9.850   2.790   1.00 24.87 ? 77   LYS A CE  1 
ATOM   625  N  NZ  . LYS A 1 78  ? 10.282  9.710   1.905   1.00 28.36 ? 77   LYS A NZ  1 
ATOM   626  N  N   . LYS A 1 79  ? 3.004   13.659  2.409   1.00 19.46 ? 78   LYS A N   1 
ATOM   627  C  CA  . LYS A 1 79  ? 2.181   14.867  2.294   1.00 20.54 ? 78   LYS A CA  1 
ATOM   628  C  C   . LYS A 1 79  ? 1.197   15.061  3.454   1.00 21.33 ? 78   LYS A C   1 
ATOM   629  O  O   . LYS A 1 79  ? 0.555   16.117  3.565   1.00 21.82 ? 78   LYS A O   1 
ATOM   630  C  CB  . LYS A 1 79  ? 1.400   14.857  0.985   1.00 20.25 ? 78   LYS A CB  1 
ATOM   631  C  CG  . LYS A 1 79  ? 2.258   14.672  -0.262  1.00 24.65 ? 78   LYS A CG  1 
ATOM   632  C  CD  . LYS A 1 79  ? 3.372   15.705  -0.340  1.00 31.48 ? 78   LYS A CD  1 
ATOM   633  C  CE  . LYS A 1 79  ? 2.848   17.055  -0.838  1.00 35.57 ? 78   LYS A CE  1 
ATOM   634  N  NZ  . LYS A 1 79  ? 3.972   17.812  -1.479  1.00 38.24 ? 78   LYS A NZ  1 
ATOM   635  N  N   . LYS A 1 80  ? 1.060   14.038  4.304   1.00 20.58 ? 79   LYS A N   1 
ATOM   636  C  CA  . LYS A 1 80  ? 0.200   14.109  5.481   1.00 20.84 ? 79   LYS A CA  1 
ATOM   637  C  C   . LYS A 1 80  ? -1.204  14.602  5.095   1.00 20.82 ? 79   LYS A C   1 
ATOM   638  O  O   . LYS A 1 80  ? -1.767  15.535  5.686   1.00 20.86 ? 79   LYS A O   1 
ATOM   639  C  CB  . LYS A 1 80  ? 0.831   14.975  6.576   1.00 20.63 ? 79   LYS A CB  1 
ATOM   640  C  CG  . LYS A 1 80  ? 2.244   14.498  6.997   1.00 22.09 ? 79   LYS A CG  1 
ATOM   641  C  CD  . LYS A 1 80  ? 2.770   15.230  8.233   1.00 21.96 ? 79   LYS A CD  1 
ATOM   642  C  CE  . LYS A 1 80  ? 3.074   16.687  7.966   1.00 28.04 ? 79   LYS A CE  1 
ATOM   643  N  NZ  . LYS A 1 80  ? 3.809   17.299  9.137   1.00 26.75 ? 79   LYS A NZ  1 
ATOM   644  N  N   . GLY A 1 81  ? -1.750  13.966  4.071   1.00 21.10 ? 80   GLY A N   1 
ATOM   645  C  CA  . GLY A 1 81  ? -3.122  14.239  3.653   1.00 23.18 ? 80   GLY A CA  1 
ATOM   646  C  C   . GLY A 1 81  ? -3.239  15.294  2.563   1.00 24.42 ? 80   GLY A C   1 
ATOM   647  O  O   . GLY A 1 81  ? -4.257  15.349  1.890   1.00 25.80 ? 80   GLY A O   1 
ATOM   648  N  N   . HIS A 1 82  ? -2.206  16.115  2.366   1.00 25.40 ? 81   HIS A N   1 
ATOM   649  C  CA  . HIS A 1 82  ? -2.235  17.143  1.317   1.00 26.71 ? 81   HIS A CA  1 
ATOM   650  C  C   . HIS A 1 82  ? -1.601  16.631  0.031   1.00 26.07 ? 81   HIS A C   1 
ATOM   651  O  O   . HIS A 1 82  ? -0.604  17.184  -0.447  1.00 26.30 ? 81   HIS A O   1 
ATOM   652  C  CB  . HIS A 1 82  ? -1.516  18.395  1.799   1.00 27.52 ? 81   HIS A CB  1 
ATOM   653  C  CG  . HIS A 1 82  ? -2.041  18.903  3.099   1.00 32.56 ? 81   HIS A CG  1 
ATOM   654  N  ND1 . HIS A 1 82  ? -1.225  19.186  4.170   1.00 36.93 ? 81   HIS A ND1 1 
ATOM   655  C  CD2 . HIS A 1 82  ? -3.310  19.145  3.512   1.00 36.96 ? 81   HIS A CD2 1 
ATOM   656  C  CE1 . HIS A 1 82  ? -1.967  19.605  5.183   1.00 38.35 ? 81   HIS A CE1 1 
ATOM   657  N  NE2 . HIS A 1 82  ? -3.235  19.586  4.811   1.00 37.56 ? 81   HIS A NE2 1 
ATOM   658  N  N   . HIS A 1 83  ? -2.210  15.587  -0.523  1.00 25.88 ? 82   HIS A N   1 
ATOM   659  C  CA  . HIS A 1 83  ? -1.565  14.724  -1.530  1.00 26.37 ? 82   HIS A CA  1 
ATOM   660  C  C   . HIS A 1 83  ? -2.266  14.772  -2.883  1.00 26.45 ? 82   HIS A C   1 
ATOM   661  O  O   . HIS A 1 83  ? -2.183  13.852  -3.685  1.00 25.60 ? 82   HIS A O   1 
ATOM   662  C  CB  . HIS A 1 83  ? -1.536  13.276  -1.022  1.00 25.97 ? 82   HIS A CB  1 
ATOM   663  C  CG  . HIS A 1 83  ? -2.840  12.823  -0.439  1.00 26.67 ? 82   HIS A CG  1 
ATOM   664  N  ND1 . HIS A 1 83  ? -2.916  12.038  0.686   1.00 23.46 ? 82   HIS A ND1 1 
ATOM   665  C  CD2 . HIS A 1 83  ? -4.122  13.069  -0.815  1.00 23.88 ? 82   HIS A CD2 1 
ATOM   666  C  CE1 . HIS A 1 83  ? -4.185  11.799  0.967   1.00 24.97 ? 82   HIS A CE1 1 
ATOM   667  N  NE2 . HIS A 1 83  ? -4.935  12.424  0.076   1.00 24.09 ? 82   HIS A NE2 1 
ATOM   668  N  N   . GLU A 1 84  ? -2.965  15.865  -3.136  1.00 28.18 ? 83   GLU A N   1 
ATOM   669  C  CA  . GLU A 1 84  ? -3.775  15.925  -4.329  1.00 29.61 ? 83   GLU A CA  1 
ATOM   670  C  C   . GLU A 1 84  ? -2.902  15.876  -5.603  1.00 29.90 ? 83   GLU A C   1 
ATOM   671  O  O   . GLU A 1 84  ? -3.231  15.156  -6.553  1.00 30.30 ? 83   GLU A O   1 
ATOM   672  C  CB  . GLU A 1 84  ? -4.741  17.113  -4.248  1.00 30.01 ? 83   GLU A CB  1 
ATOM   673  C  CG  . GLU A 1 84  ? -6.049  16.877  -5.024  1.00 31.68 ? 83   GLU A CG  1 
ATOM   674  C  CD  . GLU A 1 84  ? -5.838  17.279  -6.433  1.00 35.06 ? 83   GLU A CD  1 
ATOM   675  O  OE1 . GLU A 1 84  ? -6.721  17.070  -7.305  1.00 34.98 ? 83   GLU A OE1 1 
ATOM   676  O  OE2 . GLU A 1 84  ? -4.740  17.843  -6.652  1.00 35.04 ? 83   GLU A OE2 1 
ATOM   677  N  N   . ALA A 1 85  ? -1.771  16.588  -5.599  1.00 30.71 ? 84   ALA A N   1 
ATOM   678  C  CA  . ALA A 1 85  ? -0.864  16.607  -6.746  1.00 31.91 ? 84   ALA A CA  1 
ATOM   679  C  C   . ALA A 1 85  ? -0.263  15.220  -7.045  1.00 32.49 ? 84   ALA A C   1 
ATOM   680  O  O   . ALA A 1 85  ? 0.029   14.905  -8.200  1.00 32.63 ? 84   ALA A O   1 
ATOM   681  C  CB  . ALA A 1 85  ? 0.232   17.656  -6.560  1.00 31.98 ? 84   ALA A CB  1 
ATOM   682  N  N   . GLU A 1 86  ? -0.097  14.406  -5.999  1.00 32.56 ? 85   GLU A N   1 
ATOM   683  C  CA  . GLU A 1 86  ? 0.406   13.034  -6.122  1.00 32.90 ? 85   GLU A CA  1 
ATOM   684  C  C   . GLU A 1 86  ? -0.707  12.055  -6.499  1.00 32.67 ? 85   GLU A C   1 
ATOM   685  O  O   . GLU A 1 86  ? -0.494  11.140  -7.305  1.00 33.02 ? 85   GLU A O   1 
ATOM   686  C  CB  . GLU A 1 86  ? 1.070   12.585  -4.807  1.00 32.56 ? 85   GLU A CB  1 
ATOM   687  C  CG  . GLU A 1 86  ? 2.395   13.281  -4.487  1.00 34.08 ? 85   GLU A CG  1 
ATOM   688  C  CD  . GLU A 1 86  ? 2.225   14.701  -3.909  1.00 34.36 ? 85   GLU A CD  1 
ATOM   689  O  OE1 . GLU A 1 86  ? 3.227   15.445  -3.844  1.00 36.73 ? 85   GLU A OE1 1 
ATOM   690  O  OE2 . GLU A 1 86  ? 1.097   15.074  -3.530  1.00 33.43 ? 85   GLU A OE2 1 
ATOM   691  N  N   . LEU A 1 87  ? -1.887  12.263  -5.912  1.00 32.37 ? 86   LEU A N   1 
ATOM   692  C  CA  . LEU A 1 87  ? -3.030  11.353  -6.041  1.00 31.94 ? 86   LEU A CA  1 
ATOM   693  C  C   . LEU A 1 87  ? -3.779  11.450  -7.373  1.00 31.76 ? 86   LEU A C   1 
ATOM   694  O  O   . LEU A 1 87  ? -4.204  10.424  -7.910  1.00 31.10 ? 86   LEU A O   1 
ATOM   695  C  CB  . LEU A 1 87  ? -4.002  11.567  -4.878  1.00 32.71 ? 86   LEU A CB  1 
ATOM   696  C  CG  . LEU A 1 87  ? -4.639  10.335  -4.250  1.00 32.70 ? 86   LEU A CG  1 
ATOM   697  C  CD1 . LEU A 1 87  ? -3.578  9.317   -3.916  1.00 34.81 ? 86   LEU A CD1 1 
ATOM   698  C  CD2 . LEU A 1 87  ? -5.396  10.671  -2.992  1.00 32.78 ? 86   LEU A CD2 1 
ATOM   699  N  N   . LYS A 1 88  ? -3.969  12.674  -7.885  1.00 30.97 ? 87   LYS A N   1 
ATOM   700  C  CA  . LYS A 1 88  ? -4.633  12.881  -9.188  1.00 31.05 ? 87   LYS A CA  1 
ATOM   701  C  C   . LYS A 1 88  ? -4.026  12.024  -10.318 1.00 31.73 ? 87   LYS A C   1 
ATOM   702  O  O   . LYS A 1 88  ? -4.752  11.254  -10.952 1.00 32.25 ? 87   LYS A O   1 
ATOM   703  C  CB  . LYS A 1 88  ? -4.681  14.372  -9.606  1.00 30.84 ? 87   LYS A CB  1 
ATOM   704  C  CG  . LYS A 1 88  ? -5.267  14.617  -11.029 1.00 30.10 ? 87   LYS A CG  1 
ATOM   705  C  CD  . LYS A 1 88  ? -5.789  16.054  -11.166 1.00 30.43 ? 87   LYS A CD  1 
ATOM   706  C  CE  . LYS A 1 88  ? -6.581  16.300  -12.470 1.00 28.24 ? 87   LYS A CE  1 
ATOM   707  N  NZ  . LYS A 1 88  ? -5.712  16.438  -13.703 1.00 24.40 ? 87   LYS A NZ  1 
ATOM   708  N  N   . PRO A 1 89  ? -2.715  12.173  -10.596 1.00 32.41 ? 88   PRO A N   1 
ATOM   709  C  CA  . PRO A 1 89  ? -2.150  11.320  -11.664 1.00 33.58 ? 88   PRO A CA  1 
ATOM   710  C  C   . PRO A 1 89  ? -2.168  9.812   -11.351 1.00 33.90 ? 88   PRO A C   1 
ATOM   711  O  O   . PRO A 1 89  ? -2.393  8.995   -12.257 1.00 34.33 ? 88   PRO A O   1 
ATOM   712  C  CB  . PRO A 1 89  ? -0.711  11.839  -11.817 1.00 33.82 ? 88   PRO A CB  1 
ATOM   713  C  CG  . PRO A 1 89  ? -0.414  12.566  -10.539 1.00 32.68 ? 88   PRO A CG  1 
ATOM   714  C  CD  . PRO A 1 89  ? -1.716  13.117  -10.061 1.00 32.43 ? 88   PRO A CD  1 
ATOM   715  N  N   . LEU A 1 90  ? -1.936  9.446   -10.101 1.00 34.05 ? 89   LEU A N   1 
ATOM   716  C  CA  . LEU A 1 90  ? -2.002  8.042   -9.724  1.00 34.30 ? 89   LEU A CA  1 
ATOM   717  C  C   . LEU A 1 90  ? -3.395  7.444   -10.002 1.00 35.21 ? 89   LEU A C   1 
ATOM   718  O  O   . LEU A 1 90  ? -3.498  6.329   -10.516 1.00 34.99 ? 89   LEU A O   1 
ATOM   719  C  CB  . LEU A 1 90  ? -1.625  7.858   -8.259  1.00 33.69 ? 89   LEU A CB  1 
ATOM   720  C  CG  . LEU A 1 90  ? -1.692  6.421   -7.723  1.00 33.81 ? 89   LEU A CG  1 
ATOM   721  C  CD1 . LEU A 1 90  ? -0.702  5.491   -8.426  1.00 32.61 ? 89   LEU A CD1 1 
ATOM   722  C  CD2 . LEU A 1 90  ? -1.503  6.407   -6.189  1.00 33.41 ? 89   LEU A CD2 1 
ATOM   723  N  N   . ALA A 1 91  ? -4.446  8.186   -9.659  1.00 36.50 ? 90   ALA A N   1 
ATOM   724  C  CA  . ALA A 1 91  ? -5.815  7.785   -9.978  1.00 38.86 ? 90   ALA A CA  1 
ATOM   725  C  C   . ALA A 1 91  ? -5.994  7.684   -11.481 1.00 40.42 ? 90   ALA A C   1 
ATOM   726  O  O   . ALA A 1 91  ? -6.657  6.754   -11.956 1.00 41.04 ? 90   ALA A O   1 
ATOM   727  C  CB  . ALA A 1 91  ? -6.829  8.757   -9.392  1.00 38.73 ? 90   ALA A CB  1 
ATOM   728  N  N   . GLN A 1 92  ? -5.410  8.653   -12.205 1.00 42.43 ? 91   GLN A N   1 
ATOM   729  C  CA  . GLN A 1 92  ? -5.324  8.664   -13.680 1.00 44.51 ? 91   GLN A CA  1 
ATOM   730  C  C   . GLN A 1 92  ? -4.890  7.309   -14.234 1.00 45.56 ? 91   GLN A C   1 
ATOM   731  O  O   . GLN A 1 92  ? -5.681  6.645   -14.929 1.00 46.40 ? 91   GLN A O   1 
ATOM   732  C  CB  . GLN A 1 92  ? -4.360  9.760   -14.175 1.00 45.01 ? 91   GLN A CB  1 
ATOM   733  C  CG  . GLN A 1 92  ? -5.011  11.127  -14.392 1.00 45.21 ? 91   GLN A CG  1 
ATOM   734  C  CD  . GLN A 1 92  ? -4.010  12.270  -14.588 1.00 45.18 ? 91   GLN A CD  1 
ATOM   735  O  OE1 . GLN A 1 92  ? -2.864  12.059  -15.004 1.00 47.31 ? 91   GLN A OE1 1 
ATOM   736  N  NE2 . GLN A 1 92  ? -4.450  13.489  -14.298 1.00 43.43 ? 91   GLN A NE2 1 
ATOM   737  N  N   . SER A 1 93  ? -3.660  6.895   -13.900 1.00 46.12 ? 92   SER A N   1 
ATOM   738  C  CA  . SER A 1 93  ? -3.081  5.631   -14.365 1.00 46.94 ? 92   SER A CA  1 
ATOM   739  C  C   . SER A 1 93  ? -4.021  4.427   -14.187 1.00 47.30 ? 92   SER A C   1 
ATOM   740  O  O   . SER A 1 93  ? -4.030  3.531   -15.030 1.00 47.70 ? 92   SER A O   1 
ATOM   741  C  CB  . SER A 1 93  ? -1.734  5.369   -13.696 1.00 46.83 ? 92   SER A CB  1 
ATOM   742  O  OG  . SER A 1 93  ? -1.870  5.207   -12.295 1.00 47.72 ? 92   SER A OG  1 
ATOM   743  N  N   . HIS A 1 94  ? -4.819  4.413   -13.116 1.00 47.60 ? 93   HIS A N   1 
ATOM   744  C  CA  . HIS A 1 94  ? -5.851  3.377   -12.955 1.00 48.41 ? 93   HIS A CA  1 
ATOM   745  C  C   . HIS A 1 94  ? -7.164  3.803   -13.614 1.00 48.44 ? 93   HIS A C   1 
ATOM   746  O  O   . HIS A 1 94  ? -8.183  3.972   -12.949 1.00 48.76 ? 93   HIS A O   1 
ATOM   747  C  CB  . HIS A 1 94  ? -6.064  3.011   -11.480 1.00 48.44 ? 93   HIS A CB  1 
ATOM   748  C  CG  . HIS A 1 94  ? -4.790  2.785   -10.726 1.00 50.15 ? 93   HIS A CG  1 
ATOM   749  N  ND1 . HIS A 1 94  ? -4.652  3.097   -9.389  1.00 50.80 ? 93   HIS A ND1 1 
ATOM   750  C  CD2 . HIS A 1 94  ? -3.588  2.302   -11.129 1.00 50.74 ? 93   HIS A CD2 1 
ATOM   751  C  CE1 . HIS A 1 94  ? -3.424  2.803   -9.000  1.00 50.89 ? 93   HIS A CE1 1 
ATOM   752  N  NE2 . HIS A 1 94  ? -2.758  2.322   -10.037 1.00 50.67 ? 93   HIS A NE2 1 
ATOM   753  N  N   . LYS A 1 99  ? -7.618  -1.840  -14.638 1.00 37.74 ? 98   LYS A N   1 
ATOM   754  C  CA  . LYS A 1 99  ? -7.852  -0.940  -13.527 1.00 37.50 ? 98   LYS A CA  1 
ATOM   755  C  C   . LYS A 1 99  ? -7.522  -1.665  -12.207 1.00 36.35 ? 98   LYS A C   1 
ATOM   756  O  O   . LYS A 1 99  ? -7.219  -2.856  -12.204 1.00 37.65 ? 98   LYS A O   1 
ATOM   757  C  CB  . LYS A 1 99  ? -9.308  -0.449  -13.532 1.00 38.26 ? 98   LYS A CB  1 
ATOM   758  C  CG  . LYS A 1 99  ? -10.081 -0.583  -14.874 1.00 40.85 ? 98   LYS A CG  1 
ATOM   759  C  CD  . LYS A 1 99  ? -9.679  0.465   -15.920 1.00 43.31 ? 98   LYS A CD  1 
ATOM   760  C  CE  . LYS A 1 99  ? -10.464 0.296   -17.241 1.00 43.35 ? 98   LYS A CE  1 
ATOM   761  N  NZ  . LYS A 1 99  ? -11.786 1.036   -17.252 1.00 45.07 ? 98   LYS A NZ  1 
ATOM   762  N  N   . ILE A 1 100 ? -7.523  -0.927  -11.105 1.00 34.26 ? 99   ILE A N   1 
ATOM   763  C  CA  . ILE A 1 100 ? -7.337  -1.491  -9.765  1.00 31.78 ? 99   ILE A CA  1 
ATOM   764  C  C   . ILE A 1 100 ? -8.620  -1.100  -9.004  1.00 29.50 ? 99   ILE A C   1 
ATOM   765  O  O   . ILE A 1 100 ? -8.841  0.087   -8.772  1.00 29.96 ? 99   ILE A O   1 
ATOM   766  C  CB  . ILE A 1 100 ? -6.127  -0.826  -9.042  1.00 31.78 ? 99   ILE A CB  1 
ATOM   767  C  CG1 . ILE A 1 100 ? -4.779  -1.166  -9.708  1.00 31.81 ? 99   ILE A CG1 1 
ATOM   768  C  CG2 . ILE A 1 100 ? -6.105  -1.185  -7.535  1.00 32.22 ? 99   ILE A CG2 1 
ATOM   769  C  CD1 . ILE A 1 100 ? -4.364  -2.639  -9.580  1.00 32.03 ? 99   ILE A CD1 1 
ATOM   770  N  N   . PRO A 1 101 ? -9.454  -2.081  -8.598  1.00 26.85 ? 100  PRO A N   1 
ATOM   771  C  CA  . PRO A 1 101 ? -10.632 -1.677  -7.811  1.00 24.84 ? 100  PRO A CA  1 
ATOM   772  C  C   . PRO A 1 101 ? -10.247 -1.264  -6.403  1.00 23.30 ? 100  PRO A C   1 
ATOM   773  O  O   . PRO A 1 101 ? -9.181  -1.677  -5.889  1.00 22.14 ? 100  PRO A O   1 
ATOM   774  C  CB  . PRO A 1 101 ? -11.515 -2.932  -7.771  1.00 24.41 ? 100  PRO A CB  1 
ATOM   775  C  CG  . PRO A 1 101 ? -10.761 -4.028  -8.394  1.00 25.28 ? 100  PRO A CG  1 
ATOM   776  C  CD  . PRO A 1 101 ? -9.366  -3.539  -8.766  1.00 27.45 ? 100  PRO A CD  1 
ATOM   777  N  N   . ILE A 1 102 ? -11.085 -0.434  -5.802  1.00 20.72 ? 101  ILE A N   1 
ATOM   778  C  CA  . ILE A 1 102 ? -10.929 -0.023  -4.412  1.00 20.42 ? 101  ILE A CA  1 
ATOM   779  C  C   . ILE A 1 102 ? -10.702 -1.192  -3.446  1.00 19.47 ? 101  ILE A C   1 
ATOM   780  O  O   . ILE A 1 102 ? -9.852  -1.098  -2.577  1.00 18.65 ? 101  ILE A O   1 
ATOM   781  C  CB  . ILE A 1 102 ? -12.126 0.863   -3.963  1.00 20.79 ? 101  ILE A CB  1 
ATOM   782  C  CG1 . ILE A 1 102 ? -12.045 2.188   -4.708  1.00 20.89 ? 101  ILE A CG1 1 
ATOM   783  C  CG2 . ILE A 1 102 ? -12.153 1.050   -2.411  1.00 21.77 ? 101  ILE A CG2 1 
ATOM   784  C  CD1 . ILE A 1 102 ? -13.373 2.913   -4.862  1.00 25.47 ? 101  ILE A CD1 1 
ATOM   785  N  N   . LYS A 1 103 ? -11.441 -2.296  -3.620  1.00 17.92 ? 102  LYS A N   1 
ATOM   786  C  CA  . LYS A 1 103 ? -11.280 -3.435  -2.722  1.00 17.16 ? 102  LYS A CA  1 
ATOM   787  C  C   . LYS A 1 103 ? -9.837  -3.985  -2.791  1.00 16.00 ? 102  LYS A C   1 
ATOM   788  O  O   . LYS A 1 103 ? -9.319  -4.459  -1.785  1.00 15.23 ? 102  LYS A O   1 
ATOM   789  C  CB  . LYS A 1 103 ? -12.317 -4.544  -2.983  1.00 17.79 ? 102  LYS A CB  1 
ATOM   790  C  CG  . LYS A 1 103 ? -12.214 -5.242  -4.310  1.00 21.92 ? 102  LYS A CG  1 
ATOM   791  C  CD  . LYS A 1 103 ? -13.088 -6.492  -4.317  1.00 26.79 ? 102  LYS A CD  1 
ATOM   792  C  CE  . LYS A 1 103 ? -13.179 -7.065  -5.736  1.00 29.17 ? 102  LYS A CE  1 
ATOM   793  N  NZ  . LYS A 1 103 ? -13.790 -8.440  -5.730  1.00 27.67 ? 102  LYS A NZ  1 
ATOM   794  N  N   . TYR A 1 104 ? -9.190  -3.897  -3.953  1.00 14.90 ? 103  TYR A N   1 
ATOM   795  C  CA  . TYR A 1 104 ? -7.763  -4.305  -3.992  1.00 15.87 ? 103  TYR A CA  1 
ATOM   796  C  C   . TYR A 1 104 ? -6.864  -3.381  -3.151  1.00 15.12 ? 103  TYR A C   1 
ATOM   797  O  O   . TYR A 1 104 ? -5.870  -3.849  -2.575  1.00 15.32 ? 103  TYR A O   1 
ATOM   798  C  CB  . TYR A 1 104 ? -7.205  -4.353  -5.428  1.00 16.36 ? 103  TYR A CB  1 
ATOM   799  C  CG  . TYR A 1 104 ? -7.638  -5.530  -6.246  1.00 19.68 ? 103  TYR A CG  1 
ATOM   800  C  CD1 . TYR A 1 104 ? -8.806  -6.235  -5.924  1.00 18.98 ? 103  TYR A CD1 1 
ATOM   801  C  CD2 . TYR A 1 104 ? -6.915  -5.914  -7.377  1.00 19.60 ? 103  TYR A CD2 1 
ATOM   802  C  CE1 . TYR A 1 104 ? -9.239  -7.322  -6.687  1.00 23.02 ? 103  TYR A CE1 1 
ATOM   803  C  CE2 . TYR A 1 104 ? -7.349  -6.990  -8.173  1.00 22.64 ? 103  TYR A CE2 1 
ATOM   804  C  CZ  . TYR A 1 104 ? -8.515  -7.686  -7.811  1.00 21.66 ? 103  TYR A CZ  1 
ATOM   805  O  OH  . TYR A 1 104 ? -8.967  -8.749  -8.561  1.00 24.39 ? 103  TYR A OH  1 
ATOM   806  N  N   . LEU A 1 105 ? -7.162  -2.082  -3.160  1.00 14.26 ? 104  LEU A N   1 
ATOM   807  C  CA  . LEU A 1 105 ? -6.445  -1.137  -2.297  1.00 14.68 ? 104  LEU A CA  1 
ATOM   808  C  C   . LEU A 1 105 ? -6.690  -1.470  -0.817  1.00 15.19 ? 104  LEU A C   1 
ATOM   809  O  O   . LEU A 1 105 ? -5.786  -1.378  -0.022  1.00 13.87 ? 104  LEU A O   1 
ATOM   810  C  CB  . LEU A 1 105 ? -6.863  0.303   -2.590  1.00 16.38 ? 104  LEU A CB  1 
ATOM   811  C  CG  . LEU A 1 105 ? -6.665  0.863   -4.003  1.00 17.26 ? 104  LEU A CG  1 
ATOM   812  C  CD1 . LEU A 1 105 ? -7.202  2.299   -3.996  1.00 21.09 ? 104  LEU A CD1 1 
ATOM   813  C  CD2 . LEU A 1 105 ? -5.222  0.788   -4.472  1.00 19.88 ? 104  LEU A CD2 1 
ATOM   814  N  N   . GLU A 1 106 ? -7.898  -1.920  -0.476  1.00 14.09 ? 105  GLU A N   1 
ATOM   815  C  CA  . GLU A 1 106 ? -8.167  -2.436  0.877   1.00 15.52 ? 105  GLU A CA  1 
ATOM   816  C  C   . GLU A 1 106 ? -7.297  -3.643  1.185   1.00 15.33 ? 105  GLU A C   1 
ATOM   817  O  O   . GLU A 1 106 ? -6.697  -3.703  2.270   1.00 14.77 ? 105  GLU A O   1 
ATOM   818  C  CB  . GLU A 1 106 ? -9.664  -2.780  1.073   1.00 15.25 ? 105  GLU A CB  1 
ATOM   819  C  CG  . GLU A 1 106 ? -10.554 -1.523  0.998   1.00 16.64 ? 105  GLU A CG  1 
ATOM   820  C  CD  . GLU A 1 106 ? -12.049 -1.854  1.058   1.00 18.57 ? 105  GLU A CD  1 
ATOM   821  O  OE1 . GLU A 1 106 ? -12.415 -3.042  1.024   1.00 23.10 ? 105  GLU A OE1 1 
ATOM   822  O  OE2 . GLU A 1 106 ? -12.833 -0.907  1.120   1.00 24.84 ? 105  GLU A OE2 1 
ATOM   823  N  N   . PHE A 1 107 ? -7.202  -4.581  0.220   1.00 14.37 ? 106  PHE A N   1 
ATOM   824  C  CA  . PHE A 1 107 ? -6.378  -5.796  0.414   1.00 15.17 ? 106  PHE A CA  1 
ATOM   825  C  C   . PHE A 1 107 ? -4.920  -5.404  0.684   1.00 14.79 ? 106  PHE A C   1 
ATOM   826  O  O   . PHE A 1 107 ? -4.276  -5.918  1.607   1.00 15.52 ? 106  PHE A O   1 
ATOM   827  C  CB  . PHE A 1 107 ? -6.446  -6.710  -0.811  1.00 15.55 ? 106  PHE A CB  1 
ATOM   828  C  CG  . PHE A 1 107 ? -7.816  -7.302  -1.070  1.00 16.45 ? 106  PHE A CG  1 
ATOM   829  C  CD1 . PHE A 1 107 ? -8.802  -7.279  -0.092  1.00 18.15 ? 106  PHE A CD1 1 
ATOM   830  C  CD2 . PHE A 1 107 ? -8.097  -7.907  -2.308  1.00 19.32 ? 106  PHE A CD2 1 
ATOM   831  C  CE1 . PHE A 1 107 ? -10.089 -7.824  -0.337  1.00 19.46 ? 106  PHE A CE1 1 
ATOM   832  C  CE2 . PHE A 1 107 ? -9.374  -8.447  -2.567  1.00 20.22 ? 106  PHE A CE2 1 
ATOM   833  C  CZ  . PHE A 1 107 ? -10.357 -8.418  -1.563  1.00 18.81 ? 106  PHE A CZ  1 
ATOM   834  N  N   . ILE A 1 108 ? -4.416  -4.474  -0.095  1.00 14.25 ? 107  ILE A N   1 
ATOM   835  C  CA  . ILE A 1 108 ? -3.013  -4.083  0.059   1.00 15.24 ? 107  ILE A CA  1 
ATOM   836  C  C   . ILE A 1 108 ? -2.745  -3.296  1.363   1.00 14.81 ? 107  ILE A C   1 
ATOM   837  O  O   . ILE A 1 108 ? -1.683  -3.458  1.955   1.00 12.29 ? 107  ILE A O   1 
ATOM   838  C  CB  . ILE A 1 108 ? -2.422  -3.441  -1.230  1.00 16.35 ? 107  ILE A CB  1 
ATOM   839  C  CG1 . ILE A 1 108 ? -0.899  -3.726  -1.320  1.00 18.17 ? 107  ILE A CG1 1 
ATOM   840  C  CG2 . ILE A 1 108 ? -2.827  -1.988  -1.375  1.00 16.53 ? 107  ILE A CG2 1 
ATOM   841  C  CD1 . ILE A 1 108 ? -0.262  -3.357  -2.656  1.00 17.41 ? 107  ILE A CD1 1 
ATOM   842  N  N   . SER A 1 109 ? -3.701  -2.464  1.785   1.00 13.00 ? 108  SER A N   1 
ATOM   843  C  CA  . SER A 1 109 ? -3.690  -1.792  3.082   1.00 13.67 ? 108  SER A CA  1 
ATOM   844  C  C   . SER A 1 109 ? -3.539  -2.806  4.235   1.00 13.81 ? 108  SER A C   1 
ATOM   845  O  O   . SER A 1 109 ? -2.710  -2.616  5.119   1.00 14.01 ? 108  SER A O   1 
ATOM   846  C  CB  . SER A 1 109 ? -4.969  -0.962  3.227   1.00 13.41 ? 108  SER A CB  1 
ATOM   847  O  OG  . SER A 1 109 ? -4.947  0.052   2.240   1.00 14.03 ? 108  SER A OG  1 
ATOM   848  N  N   . GLU A 1 110 ? -4.308  -3.903  4.173   1.00 13.50 ? 109  GLU A N   1 
ATOM   849  C  CA  . GLU A 1 110 ? -4.289  -4.931  5.186   1.00 15.49 ? 109  GLU A CA  1 
ATOM   850  C  C   . GLU A 1 110 ? -2.900  -5.610  5.204   1.00 14.14 ? 109  GLU A C   1 
ATOM   851  O  O   . GLU A 1 110 ? -2.315  -5.826  6.277   1.00 15.06 ? 109  GLU A O   1 
ATOM   852  C  CB  . GLU A 1 110 ? -5.419  -5.938  4.954   1.00 15.55 ? 109  GLU A CB  1 
ATOM   853  C  CG  . GLU A 1 110 ? -6.803  -5.278  5.255   1.00 24.50 ? 109  GLU A CG  1 
ATOM   854  C  CD  . GLU A 1 110 ? -8.011  -5.849  4.495   1.00 33.99 ? 109  GLU A CD  1 
ATOM   855  O  OE1 . GLU A 1 110 ? -8.956  -5.047  4.248   1.00 39.20 ? 109  GLU A OE1 1 
ATOM   856  O  OE2 . GLU A 1 110 ? -8.045  -7.059  4.161   1.00 35.26 ? 109  GLU A OE2 1 
ATOM   857  N  N   . ALA A 1 111 ? -2.360  -5.887  4.006   1.00 14.34 ? 110  ALA A N   1 
ATOM   858  C  CA  . ALA A 1 111 ? -1.047  -6.538  3.883   1.00 13.46 ? 110  ALA A CA  1 
ATOM   859  C  C   . ALA A 1 111 ? 0.041   -5.600  4.418   1.00 13.66 ? 110  ALA A C   1 
ATOM   860  O  O   . ALA A 1 111 ? 0.952   -6.052  5.111   1.00 13.77 ? 110  ALA A O   1 
ATOM   861  C  CB  . ALA A 1 111 ? -0.760  -6.937  2.437   1.00 12.00 ? 110  ALA A CB  1 
ATOM   862  N  N   . ILE A 1 112 ? -0.071  -4.308  4.144   1.00 12.85 ? 111  ILE A N   1 
ATOM   863  C  CA  . ILE A 1 112 ? 0.913   -3.321  4.686   1.00 13.79 ? 111  ILE A CA  1 
ATOM   864  C  C   . ILE A 1 112 ? 0.932   -3.304  6.214   1.00 14.61 ? 111  ILE A C   1 
ATOM   865  O  O   . ILE A 1 112 ? 2.014   -3.395  6.843   1.00 13.52 ? 111  ILE A O   1 
ATOM   866  C  CB  . ILE A 1 112 ? 0.666   -1.885  4.137   1.00 12.67 ? 111  ILE A CB  1 
ATOM   867  C  CG1 . ILE A 1 112 ? 0.978   -1.850  2.637   1.00 10.73 ? 111  ILE A CG1 1 
ATOM   868  C  CG2 . ILE A 1 112 ? 1.484   -0.808  4.967   1.00 13.07 ? 111  ILE A CG2 1 
ATOM   869  C  CD1 . ILE A 1 112 ? 0.437   -0.651  1.920   1.00 14.05 ? 111  ILE A CD1 1 
ATOM   870  N  N   . ILE A 1 113 ? -0.255  -3.185  6.810   1.00 14.13 ? 112  ILE A N   1 
ATOM   871  C  CA  . ILE A 1 113 ? -0.389  -3.190  8.265   1.00 16.42 ? 112  ILE A CA  1 
ATOM   872  C  C   . ILE A 1 113 ? 0.238   -4.475  8.872   1.00 16.61 ? 112  ILE A C   1 
ATOM   873  O  O   . ILE A 1 113 ? 1.018   -4.390  9.845   1.00 16.75 ? 112  ILE A O   1 
ATOM   874  C  CB  . ILE A 1 113 ? -1.879  -3.038  8.715   1.00 16.51 ? 112  ILE A CB  1 
ATOM   875  C  CG1 . ILE A 1 113 ? -2.500  -1.717  8.239   1.00 20.72 ? 112  ILE A CG1 1 
ATOM   876  C  CG2 . ILE A 1 113 ? -2.023  -3.131  10.246  1.00 16.75 ? 112  ILE A CG2 1 
ATOM   877  C  CD1 . ILE A 1 113 ? -1.798  -0.568  8.654   1.00 22.20 ? 112  ILE A CD1 1 
ATOM   878  N  N   . HIS A 1 114 ? -0.085  -5.646  8.284   1.00 16.10 ? 113  HIS A N   1 
ATOM   879  C  CA  . HIS A 1 114 ? 0.405   -6.929  8.791   1.00 16.27 ? 113  HIS A CA  1 
ATOM   880  C  C   . HIS A 1 114 ? 1.935   -6.958  8.757   1.00 16.24 ? 113  HIS A C   1 
ATOM   881  O  O   . HIS A 1 114 ? 2.582   -7.243  9.772   1.00 16.01 ? 113  HIS A O   1 
ATOM   882  C  CB  . HIS A 1 114 ? -0.137  -8.144  8.011   1.00 17.20 ? 113  HIS A CB  1 
ATOM   883  C  CG  . HIS A 1 114 ? 0.300   -9.464  8.612   1.00 19.44 ? 113  HIS A CG  1 
ATOM   884  N  ND1 . HIS A 1 114 ? -0.344  -10.039 9.685   1.00 23.35 ? 113  HIS A ND1 1 
ATOM   885  C  CD2 . HIS A 1 114 ? 1.359   -10.263 8.346   1.00 23.05 ? 113  HIS A CD2 1 
ATOM   886  C  CE1 . HIS A 1 114 ? 0.289   -11.143 10.043  1.00 22.88 ? 113  HIS A CE1 1 
ATOM   887  N  NE2 . HIS A 1 114 ? 1.327   -11.299 9.246   1.00 25.01 ? 113  HIS A NE2 1 
ATOM   888  N  N   . VAL A 1 115 ? 2.488   -6.671  7.580   1.00 15.07 ? 114  VAL A N   1 
ATOM   889  C  CA  . VAL A 1 115 ? 3.972   -6.716  7.380   1.00 15.88 ? 114  VAL A CA  1 
ATOM   890  C  C   . VAL A 1 115 ? 4.707   -5.731  8.306   1.00 15.06 ? 114  VAL A C   1 
ATOM   891  O  O   . VAL A 1 115 ? 5.714   -6.099  8.919   1.00 15.44 ? 114  VAL A O   1 
ATOM   892  C  CB  . VAL A 1 115 ? 4.377   -6.522  5.888   1.00 14.57 ? 114  VAL A CB  1 
ATOM   893  C  CG1 . VAL A 1 115 ? 5.916   -6.305  5.719   1.00 15.00 ? 114  VAL A CG1 1 
ATOM   894  C  CG2 . VAL A 1 115 ? 3.867   -7.743  5.002   1.00 14.50 ? 114  VAL A CG2 1 
ATOM   895  N  N   . LEU A 1 116 ? 4.211   -4.497  8.409   1.00 14.35 ? 115  LEU A N   1 
ATOM   896  C  CA  . LEU A 1 116 ? 4.875   -3.489  9.271   1.00 14.96 ? 115  LEU A CA  1 
ATOM   897  C  C   . LEU A 1 116 ? 4.841   -3.941  10.728  1.00 15.38 ? 115  LEU A C   1 
ATOM   898  O  O   . LEU A 1 116 ? 5.851   -3.866  11.410  1.00 15.87 ? 115  LEU A O   1 
ATOM   899  C  CB  . LEU A 1 116 ? 4.253   -2.122  9.074   1.00 14.70 ? 115  LEU A CB  1 
ATOM   900  C  CG  . LEU A 1 116 ? 4.941   -1.172  8.079   1.00 16.09 ? 115  LEU A CG  1 
ATOM   901  C  CD1 . LEU A 1 116 ? 5.379   -1.777  6.747   1.00 18.65 ? 115  LEU A CD1 1 
ATOM   902  C  CD2 . LEU A 1 116 ? 3.949   0.012   7.871   1.00 19.48 ? 115  LEU A CD2 1 
ATOM   903  N  N   . HIS A 1 117 ? 3.729   -4.523  11.171  1.00 16.25 ? 116  HIS A N   1 
ATOM   904  C  CA  . HIS A 1 117 ? 3.697   -5.075  12.528  1.00 17.84 ? 116  HIS A CA  1 
ATOM   905  C  C   . HIS A 1 117 ? 4.652   -6.267  12.710  1.00 18.51 ? 116  HIS A C   1 
ATOM   906  O  O   . HIS A 1 117 ? 5.269   -6.417  13.783  1.00 19.36 ? 116  HIS A O   1 
ATOM   907  C  CB  . HIS A 1 117 ? 2.286   -5.499  12.900  1.00 18.32 ? 116  HIS A CB  1 
ATOM   908  C  CG  . HIS A 1 117 ? 2.208   -6.134  14.248  1.00 21.49 ? 116  HIS A CG  1 
ATOM   909  N  ND1 . HIS A 1 117 ? 2.020   -7.488  14.418  1.00 26.13 ? 116  HIS A ND1 1 
ATOM   910  C  CD2 . HIS A 1 117 ? 2.346   -5.611  15.488  1.00 22.96 ? 116  HIS A CD2 1 
ATOM   911  C  CE1 . HIS A 1 117 ? 2.007   -7.768  15.712  1.00 27.99 ? 116  HIS A CE1 1 
ATOM   912  N  NE2 . HIS A 1 117 ? 2.205   -6.648  16.380  1.00 25.30 ? 116  HIS A NE2 1 
ATOM   913  N  N   . SER A 1 118 ? 4.737   -7.125  11.692  1.00 19.05 ? 117  SER A N   1 
ATOM   914  C  CA  . SER A 1 118 ? 5.628   -8.288  11.727  1.00 20.36 ? 117  SER A CA  1 
ATOM   915  C  C   . SER A 1 118 ? 7.103   -7.861  11.778  1.00 20.67 ? 117  SER A C   1 
ATOM   916  O  O   . SER A 1 118 ? 7.914   -8.419  12.541  1.00 20.97 ? 117  SER A O   1 
ATOM   917  C  CB  . SER A 1 118 ? 5.391   -9.179  10.503  1.00 20.86 ? 117  SER A CB  1 
ATOM   918  O  OG  . SER A 1 118 ? 6.239   -10.312 10.573  1.00 24.67 ? 117  SER A OG  1 
ATOM   919  N  N   . ARG A 1 119 ? 7.465   -6.886  10.961  1.00 19.01 ? 118  ARG A N   1 
ATOM   920  C  CA  . ARG A 1 119 ? 8.869   -6.486  10.875  1.00 20.20 ? 118  ARG A CA  1 
ATOM   921  C  C   . ARG A 1 119 ? 9.292   -5.459  11.940  1.00 19.87 ? 118  ARG A C   1 
ATOM   922  O  O   . ARG A 1 119 ? 10.452  -5.438  12.330  1.00 20.98 ? 118  ARG A O   1 
ATOM   923  C  CB  . ARG A 1 119 ? 9.209   -6.013  9.454   1.00 20.07 ? 118  ARG A CB  1 
ATOM   924  C  CG  . ARG A 1 119 ? 9.066   -7.145  8.415   1.00 18.83 ? 118  ARG A CG  1 
ATOM   925  C  CD  . ARG A 1 119 ? 9.382   -6.723  7.011   1.00 21.23 ? 118  ARG A CD  1 
ATOM   926  N  NE  . ARG A 1 119 ? 10.766  -6.260  6.906   1.00 23.12 ? 118  ARG A NE  1 
ATOM   927  C  CZ  . ARG A 1 119 ? 11.523  -6.335  5.817   1.00 24.01 ? 118  ARG A CZ  1 
ATOM   928  N  NH1 . ARG A 1 119 ? 11.061  -6.896  4.704   1.00 23.24 ? 118  ARG A NH1 1 
ATOM   929  N  NH2 . ARG A 1 119 ? 12.775  -5.866  5.863   1.00 24.21 ? 118  ARG A NH2 1 
ATOM   930  N  N   . HIS A 1 120 ? 8.366   -4.631  12.418  1.00 19.14 ? 119  HIS A N   1 
ATOM   931  C  CA  . HIS A 1 120 ? 8.733   -3.522  13.312  1.00 20.89 ? 119  HIS A CA  1 
ATOM   932  C  C   . HIS A 1 120 ? 7.806   -3.411  14.495  1.00 21.64 ? 119  HIS A C   1 
ATOM   933  O  O   . HIS A 1 120 ? 7.257   -2.341  14.737  1.00 22.25 ? 119  HIS A O   1 
ATOM   934  C  CB  . HIS A 1 120 ? 8.727   -2.196  12.562  1.00 20.01 ? 119  HIS A CB  1 
ATOM   935  C  CG  . HIS A 1 120 ? 9.442   -2.259  11.255  1.00 21.71 ? 119  HIS A CG  1 
ATOM   936  N  ND1 . HIS A 1 120 ? 10.817  -2.300  11.176  1.00 21.06 ? 119  HIS A ND1 1 
ATOM   937  C  CD2 . HIS A 1 120 ? 8.981   -2.311  9.981   1.00 20.41 ? 119  HIS A CD2 1 
ATOM   938  C  CE1 . HIS A 1 120 ? 11.175  -2.373  9.905   1.00 23.99 ? 119  HIS A CE1 1 
ATOM   939  N  NE2 . HIS A 1 120 ? 10.081  -2.380  9.161   1.00 21.38 ? 119  HIS A NE2 1 
ATOM   940  N  N   . PRO A 1 121 ? 7.668   -4.499  15.251  1.00 23.54 ? 120  PRO A N   1 
ATOM   941  C  CA  . PRO A 1 121 ? 6.633   -4.542  16.284  1.00 24.73 ? 120  PRO A CA  1 
ATOM   942  C  C   . PRO A 1 121 ? 6.755   -3.444  17.363  1.00 25.37 ? 120  PRO A C   1 
ATOM   943  O  O   . PRO A 1 121 ? 5.744   -2.864  17.743  1.00 26.36 ? 120  PRO A O   1 
ATOM   944  C  CB  . PRO A 1 121 ? 6.775   -5.953  16.858  1.00 25.19 ? 120  PRO A CB  1 
ATOM   945  C  CG  . PRO A 1 121 ? 8.150   -6.393  16.539  1.00 25.16 ? 120  PRO A CG  1 
ATOM   946  C  CD  . PRO A 1 121 ? 8.463   -5.747  15.206  1.00 23.13 ? 120  PRO A CD  1 
ATOM   947  N  N   . GLY A 1 122 ? 7.973   -3.105  17.787  1.00 25.90 ? 121  GLY A N   1 
ATOM   948  C  CA  . GLY A 1 122 ? 8.178   -2.018  18.757  1.00 25.74 ? 121  GLY A CA  1 
ATOM   949  C  C   . GLY A 1 122 ? 7.673   -0.664  18.280  1.00 26.54 ? 121  GLY A C   1 
ATOM   950  O  O   . GLY A 1 122 ? 7.108   0.133   19.055  1.00 25.78 ? 121  GLY A O   1 
ATOM   951  N  N   . ASP A 1 123 ? 7.890   -0.383  17.005  1.00 25.47 ? 122  ASP A N   1 
ATOM   952  C  CA  . ASP A 1 123 ? 7.515   0.902   16.429  1.00 26.03 ? 122  ASP A CA  1 
ATOM   953  C  C   . ASP A 1 123 ? 6.169   0.838   15.727  1.00 24.39 ? 122  ASP A C   1 
ATOM   954  O  O   . ASP A 1 123 ? 5.735   1.796   15.027  1.00 24.76 ? 122  ASP A O   1 
ATOM   955  C  CB  . ASP A 1 123 ? 8.598   1.369   15.475  1.00 26.92 ? 122  ASP A CB  1 
ATOM   956  C  CG  . ASP A 1 123 ? 9.801   1.916   16.225  1.00 30.70 ? 122  ASP A CG  1 
ATOM   957  O  OD1 . ASP A 1 123 ? 10.780  1.158   16.372  1.00 35.01 ? 122  ASP A OD1 1 
ATOM   958  O  OD2 . ASP A 1 123 ? 9.733   3.074   16.721  1.00 34.88 ? 122  ASP A OD2 1 
ATOM   959  N  N   . PHE A 1 124 ? 5.505   -0.291  15.896  1.00 22.09 ? 123  PHE A N   1 
ATOM   960  C  CA  . PHE A 1 124 ? 4.225   -0.435  15.241  1.00 19.96 ? 123  PHE A CA  1 
ATOM   961  C  C   . PHE A 1 124 ? 3.233   -1.113  16.166  1.00 19.42 ? 123  PHE A C   1 
ATOM   962  O  O   . PHE A 1 124 ? 2.715   -2.195  15.872  1.00 19.11 ? 123  PHE A O   1 
ATOM   963  C  CB  . PHE A 1 124 ? 4.422   -1.142  13.892  1.00 20.44 ? 123  PHE A CB  1 
ATOM   964  C  CG  . PHE A 1 124 ? 3.374   -0.814  12.894  1.00 18.62 ? 123  PHE A CG  1 
ATOM   965  C  CD1 . PHE A 1 124 ? 3.268   0.475   12.370  1.00 18.74 ? 123  PHE A CD1 1 
ATOM   966  C  CD2 . PHE A 1 124 ? 2.489   -1.790  12.481  1.00 19.44 ? 123  PHE A CD2 1 
ATOM   967  C  CE1 . PHE A 1 124 ? 2.300   0.790   11.439  1.00 21.11 ? 123  PHE A CE1 1 
ATOM   968  C  CE2 . PHE A 1 124 ? 1.490   -1.492  11.536  1.00 19.72 ? 123  PHE A CE2 1 
ATOM   969  C  CZ  . PHE A 1 124 ? 1.405   -0.191  11.016  1.00 18.65 ? 123  PHE A CZ  1 
ATOM   970  N  N   . GLY A 1 125 ? 3.000   -0.455  17.302  1.00 18.55 ? 124  GLY A N   1 
ATOM   971  C  CA  . GLY A 1 125 ? 1.991   -0.875  18.271  1.00 18.25 ? 124  GLY A CA  1 
ATOM   972  C  C   . GLY A 1 125 ? 0.601   -0.383  17.887  1.00 18.57 ? 124  GLY A C   1 
ATOM   973  O  O   . GLY A 1 125 ? 0.346   -0.007  16.725  1.00 16.59 ? 124  GLY A O   1 
ATOM   974  N  N   . ALA A 1 126 ? -0.308  -0.400  18.865  1.00 17.83 ? 125  ALA A N   1 
ATOM   975  C  CA  . ALA A 1 126 ? -1.711  -0.062  18.609  1.00 18.13 ? 125  ALA A CA  1 
ATOM   976  C  C   . ALA A 1 126 ? -1.895  1.353   18.020  1.00 17.56 ? 125  ALA A C   1 
ATOM   977  O  O   . ALA A 1 126 ? -2.691  1.526   17.107  1.00 18.65 ? 125  ALA A O   1 
ATOM   978  C  CB  . ALA A 1 126 ? -2.538  -0.233  19.882  1.00 18.40 ? 125  ALA A CB  1 
ATOM   979  N  N   . ASP A 1 127 ? -1.121  2.330   18.511  1.00 17.45 ? 126  ASP A N   1 
ATOM   980  C  CA  . ASP A 1 127 ? -1.272  3.725   18.140  1.00 16.54 ? 126  ASP A CA  1 
ATOM   981  C  C   . ASP A 1 127 ? -0.787  3.884   16.682  1.00 16.24 ? 126  ASP A C   1 
ATOM   982  O  O   . ASP A 1 127 ? -1.464  4.496   15.876  1.00 16.32 ? 126  ASP A O   1 
ATOM   983  C  CB  . ASP A 1 127 ? -0.461  4.643   19.087  1.00 17.12 ? 126  ASP A CB  1 
ATOM   984  C  CG  . ASP A 1 127 ? -1.046  4.704   20.512  1.00 18.75 ? 126  ASP A CG  1 
ATOM   985  O  OD1 . ASP A 1 127 ? -2.065  4.043   20.769  1.00 19.74 ? 126  ASP A OD1 1 
ATOM   986  O  OD2 . ASP A 1 127 ? -0.498  5.425   21.380  1.00 18.06 ? 126  ASP A OD2 1 
ATOM   987  N  N   . ALA A 1 128 ? 0.368   3.312   16.371  1.00 15.79 ? 127  ALA A N   1 
ATOM   988  C  CA  . ALA A 1 128 ? 0.920   3.397   15.019  1.00 16.67 ? 127  ALA A CA  1 
ATOM   989  C  C   . ALA A 1 128 ? 0.075   2.649   13.972  1.00 17.01 ? 127  ALA A C   1 
ATOM   990  O  O   . ALA A 1 128 ? -0.107  3.141   12.837  1.00 16.58 ? 127  ALA A O   1 
ATOM   991  C  CB  . ALA A 1 128 ? 2.400   2.959   15.016  1.00 17.57 ? 127  ALA A CB  1 
ATOM   992  N  N   . GLN A 1 129 ? -0.431  1.472   14.351  1.00 15.60 ? 128  GLN A N   1 
ATOM   993  C  CA  . GLN A 1 129 ? -1.318  0.679   13.522  1.00 16.51 ? 128  GLN A CA  1 
ATOM   994  C  C   . GLN A 1 129 ? -2.592  1.465   13.220  1.00 16.08 ? 128  GLN A C   1 
ATOM   995  O  O   . GLN A 1 129 ? -3.035  1.512   12.074  1.00 16.67 ? 128  GLN A O   1 
ATOM   996  C  CB  . GLN A 1 129 ? -1.644  -0.624  14.223  1.00 16.85 ? 128  GLN A CB  1 
ATOM   997  C  CG  . GLN A 1 129 ? -0.470  -1.615  14.230  1.00 20.67 ? 128  GLN A CG  1 
ATOM   998  C  CD  . GLN A 1 129 ? -0.735  -2.820  15.130  1.00 25.53 ? 128  GLN A CD  1 
ATOM   999  O  OE1 . GLN A 1 129 ? 0.117   -3.260  15.952  1.00 25.48 ? 128  GLN A OE1 1 
ATOM   1000 N  NE2 . GLN A 1 129 ? -1.933  -3.349  14.999  1.00 23.08 ? 128  GLN A NE2 1 
ATOM   1001 N  N   . GLY A 1 130 ? -3.168  2.094   14.250  1.00 15.55 ? 129  GLY A N   1 
ATOM   1002 C  CA  . GLY A 1 130 ? -4.346  2.963   14.083  1.00 16.01 ? 129  GLY A CA  1 
ATOM   1003 C  C   . GLY A 1 130 ? -4.061  4.135   13.160  1.00 15.04 ? 129  GLY A C   1 
ATOM   1004 O  O   . GLY A 1 130 ? -4.857  4.446   12.309  1.00 15.32 ? 129  GLY A O   1 
ATOM   1005 N  N   . ALA A 1 131 ? -2.905  4.767   13.342  1.00 15.26 ? 130  ALA A N   1 
ATOM   1006 C  CA  . ALA A 1 131 ? -2.496  5.917   12.533  1.00 15.46 ? 130  ALA A CA  1 
ATOM   1007 C  C   . ALA A 1 131 ? -2.343  5.454   11.074  1.00 15.19 ? 130  ALA A C   1 
ATOM   1008 O  O   . ALA A 1 131 ? -2.936  6.052   10.169  1.00 14.14 ? 130  ALA A O   1 
ATOM   1009 C  CB  . ALA A 1 131 ? -1.187  6.498   13.089  1.00 15.57 ? 130  ALA A CB  1 
ATOM   1010 N  N   . MET A 1 132 ? -1.617  4.358   10.863  1.00 13.85 ? 131  MET A N   1 
ATOM   1011 C  CA  . MET A 1 132 ? -1.452  3.847   9.513   1.00 15.17 ? 131  MET A CA  1 
ATOM   1012 C  C   . MET A 1 132 ? -2.800  3.459   8.883   1.00 15.14 ? 131  MET A C   1 
ATOM   1013 O  O   . MET A 1 132 ? -3.033  3.743   7.704   1.00 14.82 ? 131  MET A O   1 
ATOM   1014 C  CB  . MET A 1 132 ? -0.500  2.644   9.476   1.00 14.72 ? 131  MET A CB  1 
ATOM   1015 C  CG  . MET A 1 132 ? -0.181  2.176   8.057   1.00 16.74 ? 131  MET A CG  1 
ATOM   1016 S  SD  . MET A 1 132 ? 0.688   3.438   7.105   1.00 18.17 ? 131  MET A SD  1 
ATOM   1017 C  CE  . MET A 1 132 ? 2.310   3.393   7.832   1.00 16.07 ? 131  MET A CE  1 
ATOM   1018 N  N   . ASN A 1 133 ? -3.669  2.797   9.662   1.00 15.24 ? 132  ASN A N   1 
ATOM   1019 C  CA  . ASN A 1 133 ? -5.035  2.467   9.187   1.00 15.82 ? 132  ASN A CA  1 
ATOM   1020 C  C   . ASN A 1 133 ? -5.791  3.714   8.679   1.00 15.63 ? 132  ASN A C   1 
ATOM   1021 O  O   . ASN A 1 133 ? -6.354  3.725   7.559   1.00 14.10 ? 132  ASN A O   1 
ATOM   1022 C  CB  . ASN A 1 133 ? -5.846  1.764   10.296  1.00 17.24 ? 132  ASN A CB  1 
ATOM   1023 C  CG  . ASN A 1 133 ? -7.267  1.395   9.853   1.00 21.90 ? 132  ASN A CG  1 
ATOM   1024 O  OD1 . ASN A 1 133 ? -7.485  0.840   8.773   1.00 28.15 ? 132  ASN A OD1 1 
ATOM   1025 N  ND2 . ASN A 1 133 ? -8.235  1.685   10.712  1.00 29.95 ? 132  ASN A ND2 1 
ATOM   1026 N  N   . LYS A 1 134 ? -5.751  4.772   9.483   1.00 15.78 ? 133  LYS A N   1 
ATOM   1027 C  CA  . LYS A 1 134 ? -6.396  6.048   9.112   1.00 16.59 ? 133  LYS A CA  1 
ATOM   1028 C  C   . LYS A 1 134 ? -5.799  6.666   7.827   1.00 16.47 ? 133  LYS A C   1 
ATOM   1029 O  O   . LYS A 1 134 ? -6.527  7.127   6.956   1.00 16.75 ? 133  LYS A O   1 
ATOM   1030 C  CB  . LYS A 1 134 ? -6.278  7.029   10.289  1.00 16.93 ? 133  LYS A CB  1 
ATOM   1031 C  CG  . LYS A 1 134 ? -7.155  6.651   11.454  1.00 17.62 ? 133  LYS A CG  1 
ATOM   1032 C  CD  . LYS A 1 134 ? -7.087  7.731   12.501  1.00 26.11 ? 133  LYS A CD  1 
ATOM   1033 C  CE  . LYS A 1 134 ? -7.966  7.353   13.668  1.00 30.20 ? 133  LYS A CE  1 
ATOM   1034 N  NZ  . LYS A 1 134 ? -7.618  8.242   14.834  1.00 34.63 ? 133  LYS A NZ  1 
ATOM   1035 N  N   . ALA A 1 135 ? -4.470  6.682   7.760   1.00 16.13 ? 134  ALA A N   1 
ATOM   1036 C  CA  . ALA A 1 135 ? -3.695  7.240   6.638   1.00 15.58 ? 134  ALA A CA  1 
ATOM   1037 C  C   . ALA A 1 135 ? -4.013  6.516   5.325   1.00 15.02 ? 134  ALA A C   1 
ATOM   1038 O  O   . ALA A 1 135 ? -4.219  7.165   4.274   1.00 15.33 ? 134  ALA A O   1 
ATOM   1039 C  CB  . ALA A 1 135 ? -2.180  7.164   6.943   1.00 14.97 ? 134  ALA A CB  1 
ATOM   1040 N  N   . LEU A 1 136 ? -4.093  5.184   5.410   1.00 15.30 ? 135  LEU A N   1 
ATOM   1041 C  CA  . LEU A 1 136 ? -4.406  4.358   4.229   1.00 14.69 ? 135  LEU A CA  1 
ATOM   1042 C  C   . LEU A 1 136 ? -5.892  4.504   3.879   1.00 15.96 ? 135  LEU A C   1 
ATOM   1043 O  O   . LEU A 1 136 ? -6.254  4.509   2.721   1.00 15.19 ? 135  LEU A O   1 
ATOM   1044 C  CB  . LEU A 1 136 ? -4.019  2.905   4.441   1.00 13.95 ? 135  LEU A CB  1 
ATOM   1045 C  CG  . LEU A 1 136 ? -2.485  2.705   4.588   1.00 16.49 ? 135  LEU A CG  1 
ATOM   1046 C  CD1 . LEU A 1 136 ? -2.248  1.241   4.915   1.00 17.44 ? 135  LEU A CD1 1 
ATOM   1047 C  CD2 . LEU A 1 136 ? -1.728  3.170   3.314   1.00 15.82 ? 135  LEU A CD2 1 
ATOM   1048 N  N   . GLU A 1 137 ? -6.728  4.650   4.895   1.00 16.57 ? 136  GLU A N   1 
ATOM   1049 C  CA  . GLU A 1 137 ? -8.141  4.875   4.659   1.00 18.77 ? 136  GLU A CA  1 
ATOM   1050 C  C   . GLU A 1 137 ? -8.364  6.214   3.959   1.00 18.26 ? 136  GLU A C   1 
ATOM   1051 O  O   . GLU A 1 137 ? -9.125  6.289   2.998   1.00 19.46 ? 136  GLU A O   1 
ATOM   1052 C  CB  . GLU A 1 137 ? -8.925  4.792   5.963   1.00 19.21 ? 136  GLU A CB  1 
ATOM   1053 C  CG  . GLU A 1 137 ? -10.402 4.754   5.729   1.00 22.88 ? 136  GLU A CG  1 
ATOM   1054 C  CD  . GLU A 1 137 ? -11.202 4.693   7.035   1.00 30.86 ? 136  GLU A CD  1 
ATOM   1055 O  OE1 . GLU A 1 137 ? -10.788 3.999   7.988   1.00 29.21 ? 136  GLU A OE1 1 
ATOM   1056 O  OE2 . GLU A 1 137 ? -12.250 5.367   7.101   1.00 33.67 ? 136  GLU A OE2 1 
ATOM   1057 N  N   . LEU A 1 138 ? -7.644  7.247   4.399   1.00 18.72 ? 137  LEU A N   1 
ATOM   1058 C  CA  . LEU A 1 138 ? -7.736  8.582   3.799   1.00 19.58 ? 137  LEU A CA  1 
ATOM   1059 C  C   . LEU A 1 138 ? -7.320  8.506   2.325   1.00 19.17 ? 137  LEU A C   1 
ATOM   1060 O  O   . LEU A 1 138 ? -8.002  9.016   1.441   1.00 19.55 ? 137  LEU A O   1 
ATOM   1061 C  CB  . LEU A 1 138 ? -6.838  9.564   4.562   1.00 19.14 ? 137  LEU A CB  1 
ATOM   1062 C  CG  . LEU A 1 138 ? -6.797  11.023  4.090   1.00 20.98 ? 137  LEU A CG  1 
ATOM   1063 C  CD1 . LEU A 1 138 ? -8.216  11.591  4.067   1.00 23.16 ? 137  LEU A CD1 1 
ATOM   1064 C  CD2 . LEU A 1 138 ? -5.859  11.844  4.977   1.00 20.42 ? 137  LEU A CD2 1 
ATOM   1065 N  N   . PHE A 1 139 ? -6.200  7.837   2.072   1.00 18.49 ? 138  PHE A N   1 
ATOM   1066 C  CA  . PHE A 1 139 ? -5.720  7.584   0.727   1.00 19.33 ? 138  PHE A CA  1 
ATOM   1067 C  C   . PHE A 1 139 ? -6.801  6.898   -0.164  1.00 20.04 ? 138  PHE A C   1 
ATOM   1068 O  O   . PHE A 1 139 ? -7.124  7.374   -1.269  1.00 20.03 ? 138  PHE A O   1 
ATOM   1069 C  CB  . PHE A 1 139 ? -4.429  6.731   0.819   1.00 19.33 ? 138  PHE A CB  1 
ATOM   1070 C  CG  . PHE A 1 139 ? -4.090  5.989   -0.442  1.00 22.54 ? 138  PHE A CG  1 
ATOM   1071 C  CD1 . PHE A 1 139 ? -3.630  6.674   -1.572  1.00 23.60 ? 138  PHE A CD1 1 
ATOM   1072 C  CD2 . PHE A 1 139 ? -4.222  4.585   -0.508  1.00 23.68 ? 138  PHE A CD2 1 
ATOM   1073 C  CE1 . PHE A 1 139 ? -3.296  5.966   -2.774  1.00 24.21 ? 138  PHE A CE1 1 
ATOM   1074 C  CE2 . PHE A 1 139 ? -3.895  3.875   -1.693  1.00 25.12 ? 138  PHE A CE2 1 
ATOM   1075 C  CZ  . PHE A 1 139 ? -3.430  4.571   -2.826  1.00 24.40 ? 138  PHE A CZ  1 
ATOM   1076 N  N   . ARG A 1 140 ? -7.366  5.795   0.321   1.00 20.15 ? 139  ARG A N   1 
ATOM   1077 C  CA  . ARG A 1 140 ? -8.415  5.080   -0.435  1.00 20.25 ? 139  ARG A CA  1 
ATOM   1078 C  C   . ARG A 1 140 ? -9.669  5.938   -0.727  1.00 21.20 ? 139  ARG A C   1 
ATOM   1079 O  O   . ARG A 1 140 ? -10.202 5.899   -1.836  1.00 21.01 ? 139  ARG A O   1 
ATOM   1080 C  CB  . ARG A 1 140 ? -8.823  3.814   0.307   1.00 20.11 ? 139  ARG A CB  1 
ATOM   1081 C  CG  . ARG A 1 140 ? -7.685  2.748   0.414   1.00 20.82 ? 139  ARG A CG  1 
ATOM   1082 C  CD  . ARG A 1 140 ? -8.281  1.369   0.767   1.00 18.46 ? 139  ARG A CD  1 
ATOM   1083 N  NE  . ARG A 1 140 ? -9.132  1.447   1.969   1.00 17.93 ? 139  ARG A NE  1 
ATOM   1084 C  CZ  . ARG A 1 140 ? -8.698  1.432   3.232   1.00 18.74 ? 139  ARG A CZ  1 
ATOM   1085 N  NH1 . ARG A 1 140 ? -7.394  1.302   3.514   1.00 14.25 ? 139  ARG A NH1 1 
ATOM   1086 N  NH2 . ARG A 1 140 ? -9.577  1.544   4.235   1.00 18.43 ? 139  ARG A NH2 1 
ATOM   1087 N  N   . LYS A 1 141 ? -10.143 6.685   0.267   1.00 22.22 ? 140  LYS A N   1 
ATOM   1088 C  CA  . LYS A 1 141 ? -11.301 7.580   0.079   1.00 23.27 ? 140  LYS A CA  1 
ATOM   1089 C  C   . LYS A 1 141 ? -11.006 8.645   -0.982  1.00 23.38 ? 140  LYS A C   1 
ATOM   1090 O  O   . LYS A 1 141 ? -11.822 8.909   -1.873  1.00 21.71 ? 140  LYS A O   1 
ATOM   1091 C  CB  . LYS A 1 141 ? -11.654 8.241   1.404   1.00 23.62 ? 140  LYS A CB  1 
ATOM   1092 C  CG  . LYS A 1 141 ? -12.620 9.392   1.262   1.00 27.74 ? 140  LYS A CG  1 
ATOM   1093 C  CD  . LYS A 1 141 ? -12.102 10.562  2.075   1.00 34.17 ? 140  LYS A CD  1 
ATOM   1094 C  CE  . LYS A 1 141 ? -12.782 10.614  3.411   1.00 37.14 ? 140  LYS A CE  1 
ATOM   1095 N  NZ  . LYS A 1 141 ? -13.906 11.605  3.314   1.00 40.28 ? 140  LYS A NZ  1 
ATOM   1096 N  N   . ASP A 1 142 ? -9.822  9.244   -0.893  1.00 23.89 ? 141  ASP A N   1 
ATOM   1097 C  CA  . ASP A 1 142 ? -9.461  10.333  -1.783  1.00 24.61 ? 141  ASP A CA  1 
ATOM   1098 C  C   . ASP A 1 142 ? -9.239  9.821   -3.204  1.00 25.63 ? 141  ASP A C   1 
ATOM   1099 O  O   . ASP A 1 142 ? -9.658  10.456  -4.177  1.00 25.09 ? 141  ASP A O   1 
ATOM   1100 C  CB  . ASP A 1 142 ? -8.220  11.091  -1.265  1.00 24.98 ? 141  ASP A CB  1 
ATOM   1101 C  CG  . ASP A 1 142 ? -8.541  12.045  -0.096  1.00 26.93 ? 141  ASP A CG  1 
ATOM   1102 O  OD1 . ASP A 1 142 ? -9.735  12.244  0.251   1.00 25.25 ? 141  ASP A OD1 1 
ATOM   1103 O  OD2 . ASP A 1 142 ? -7.585  12.610  0.486   1.00 28.94 ? 141  ASP A OD2 1 
ATOM   1104 N  N   . ILE A 1 143 ? -8.591  8.667   -3.330  1.00 25.91 ? 142  ILE A N   1 
ATOM   1105 C  CA  . ILE A 1 143 ? -8.425  8.084   -4.643  1.00 28.40 ? 142  ILE A CA  1 
ATOM   1106 C  C   . ILE A 1 143 ? -9.782  7.623   -5.213  1.00 29.41 ? 142  ILE A C   1 
ATOM   1107 O  O   . ILE A 1 143 ? -10.051 7.799   -6.399  1.00 30.74 ? 142  ILE A O   1 
ATOM   1108 C  CB  . ILE A 1 143 ? -7.290  7.028   -4.673  1.00 28.76 ? 142  ILE A CB  1 
ATOM   1109 C  CG1 . ILE A 1 143 ? -6.645  6.993   -6.065  1.00 28.82 ? 142  ILE A CG1 1 
ATOM   1110 C  CG2 . ILE A 1 143 ? -7.765  5.671   -4.162  1.00 29.19 ? 142  ILE A CG2 1 
ATOM   1111 C  CD1 . ILE A 1 143 ? -5.313  6.298   -6.092  1.00 28.52 ? 142  ILE A CD1 1 
ATOM   1112 N  N   . ALA A 1 144 ? -10.659 7.109   -4.347  1.00 30.56 ? 143  ALA A N   1 
ATOM   1113 C  CA  . ALA A 1 144 ? -12.035 6.749   -4.744  1.00 31.76 ? 143  ALA A CA  1 
ATOM   1114 C  C   . ALA A 1 144 ? -12.770 7.958   -5.325  1.00 32.83 ? 143  ALA A C   1 
ATOM   1115 O  O   . ALA A 1 144 ? -13.436 7.845   -6.360  1.00 32.90 ? 143  ALA A O   1 
ATOM   1116 C  CB  . ALA A 1 144 ? -12.811 6.158   -3.587  1.00 31.37 ? 143  ALA A CB  1 
ATOM   1117 N  N   . ALA A 1 145 ? -12.606 9.112   -4.680  1.00 33.85 ? 144  ALA A N   1 
ATOM   1118 C  CA  . ALA A 1 145 ? -13.169 10.374  -5.174  1.00 35.18 ? 144  ALA A CA  1 
ATOM   1119 C  C   . ALA A 1 145 ? -12.662 10.715  -6.585  1.00 35.89 ? 144  ALA A C   1 
ATOM   1120 O  O   . ALA A 1 145 ? -13.470 11.063  -7.455  1.00 35.78 ? 144  ALA A O   1 
ATOM   1121 C  CB  . ALA A 1 145 ? -12.891 11.518  -4.192  1.00 35.25 ? 144  ALA A CB  1 
ATOM   1122 N  N   . LYS A 1 146 ? -11.343 10.605  -6.799  1.00 36.58 ? 145  LYS A N   1 
ATOM   1123 C  CA  . LYS A 1 146 ? -10.722 10.768  -8.117  1.00 37.47 ? 145  LYS A CA  1 
ATOM   1124 C  C   . LYS A 1 146 ? -11.221 9.742   -9.141  1.00 38.70 ? 145  LYS A C   1 
ATOM   1125 O  O   . LYS A 1 146 ? -11.365 10.084  -10.312 1.00 39.61 ? 145  LYS A O   1 
ATOM   1126 C  CB  . LYS A 1 146 ? -9.190  10.668  -8.051  1.00 37.45 ? 145  LYS A CB  1 
ATOM   1127 C  CG  . LYS A 1 146 ? -8.448  11.824  -7.362  1.00 36.98 ? 145  LYS A CG  1 
ATOM   1128 C  CD  . LYS A 1 146 ? -8.731  13.139  -8.078  1.00 37.14 ? 145  LYS A CD  1 
ATOM   1129 C  CE  . LYS A 1 146 ? -8.111  14.308  -7.367  1.00 36.85 ? 145  LYS A CE  1 
ATOM   1130 N  NZ  . LYS A 1 146 ? -8.710  15.581  -7.875  1.00 35.81 ? 145  LYS A NZ  1 
ATOM   1131 N  N   . TYR A 1 147 ? -11.458 8.496   -8.710  1.00 39.44 ? 146  TYR A N   1 
ATOM   1132 C  CA  . TYR A 1 147 ? -11.997 7.445   -9.596  1.00 40.21 ? 146  TYR A CA  1 
ATOM   1133 C  C   . TYR A 1 147 ? -13.398 7.806   -10.086 1.00 41.91 ? 146  TYR A C   1 
ATOM   1134 O  O   . TYR A 1 147 ? -13.662 7.798   -11.292 1.00 41.82 ? 146  TYR A O   1 
ATOM   1135 C  CB  . TYR A 1 147 ? -12.130 6.101   -8.867  1.00 39.31 ? 146  TYR A CB  1 
ATOM   1136 C  CG  . TYR A 1 147 ? -10.875 5.249   -8.718  1.00 37.95 ? 146  TYR A CG  1 
ATOM   1137 C  CD1 . TYR A 1 147 ? -9.678  5.575   -9.346  1.00 35.90 ? 146  TYR A CD1 1 
ATOM   1138 C  CD2 . TYR A 1 147 ? -10.923 4.083   -7.965  1.00 37.17 ? 146  TYR A CD2 1 
ATOM   1139 C  CE1 . TYR A 1 147 ? -8.548  4.769   -9.194  1.00 37.47 ? 146  TYR A CE1 1 
ATOM   1140 C  CE2 . TYR A 1 147 ? -9.799  3.267   -7.811  1.00 39.42 ? 146  TYR A CE2 1 
ATOM   1141 C  CZ  . TYR A 1 147 ? -8.621  3.614   -8.422  1.00 37.99 ? 146  TYR A CZ  1 
ATOM   1142 O  OH  . TYR A 1 147 ? -7.533  2.795   -8.248  1.00 37.18 ? 146  TYR A OH  1 
ATOM   1143 N  N   . LYS A 1 148 ? -14.284 8.090   -9.123  1.00 43.51 ? 147  LYS A N   1 
ATOM   1144 C  CA  . LYS A 1 148 ? -15.702 8.367   -9.382  1.00 45.27 ? 147  LYS A CA  1 
ATOM   1145 C  C   . LYS A 1 148 ? -15.853 9.615   -10.232 1.00 46.10 ? 147  LYS A C   1 
ATOM   1146 O  O   . LYS A 1 148 ? -16.788 9.720   -11.048 1.00 46.57 ? 147  LYS A O   1 
ATOM   1147 C  CB  . LYS A 1 148 ? -16.487 8.519   -8.075  1.00 45.34 ? 147  LYS A CB  1 
ATOM   1148 C  CG  . LYS A 1 148 ? -16.957 7.190   -7.469  1.00 46.33 ? 147  LYS A CG  1 
ATOM   1149 C  CD  . LYS A 1 148 ? -17.709 7.369   -6.151  1.00 45.87 ? 147  LYS A CD  1 
ATOM   1150 C  CE  . LYS A 1 148 ? -16.772 7.330   -4.949  1.00 47.48 ? 147  LYS A CE  1 
ATOM   1151 N  NZ  . LYS A 1 148 ? -16.113 5.998   -4.784  1.00 47.73 ? 147  LYS A NZ  1 
ATOM   1152 N  N   . GLU A 1 149 ? -14.925 10.551  -10.047 1.00 46.57 ? 148  GLU A N   1 
ATOM   1153 C  CA  . GLU A 1 149 ? -14.841 11.730  -10.900 1.00 47.82 ? 148  GLU A CA  1 
ATOM   1154 C  C   . GLU A 1 149 ? -14.783 11.358  -12.387 1.00 47.23 ? 148  GLU A C   1 
ATOM   1155 O  O   . GLU A 1 149 ? -15.375 12.046  -13.218 1.00 47.69 ? 148  GLU A O   1 
ATOM   1156 C  CB  . GLU A 1 149 ? -13.627 12.588  -10.526 1.00 47.48 ? 148  GLU A CB  1 
ATOM   1157 C  CG  . GLU A 1 149 ? -13.571 13.953  -11.217 1.00 49.25 ? 148  GLU A CG  1 
ATOM   1158 C  CD  . GLU A 1 149 ? -12.330 14.761  -10.844 1.00 49.83 ? 148  GLU A CD  1 
ATOM   1159 O  OE1 . GLU A 1 149 ? -11.699 15.345  -11.760 1.00 52.46 ? 148  GLU A OE1 1 
ATOM   1160 O  OE2 . GLU A 1 149 ? -11.983 14.813  -9.639  1.00 52.41 ? 148  GLU A OE2 1 
ATOM   1161 N  N   . LEU A 1 150 ? -14.066 10.289  -12.721 1.00 47.01 ? 149  LEU A N   1 
ATOM   1162 C  CA  . LEU A 1 150 ? -13.894 9.899   -14.129 1.00 46.75 ? 149  LEU A CA  1 
ATOM   1163 C  C   . LEU A 1 150 ? -14.774 8.707   -14.458 1.00 46.72 ? 149  LEU A C   1 
ATOM   1164 O  O   . LEU A 1 150 ? -14.656 8.107   -15.523 1.00 46.67 ? 149  LEU A O   1 
ATOM   1165 C  CB  . LEU A 1 150 ? -12.433 9.592   -14.469 1.00 46.73 ? 149  LEU A CB  1 
ATOM   1166 C  CG  . LEU A 1 150 ? -11.289 10.423  -13.881 1.00 46.84 ? 149  LEU A CG  1 
ATOM   1167 C  CD1 . LEU A 1 150 ? -10.064 10.272  -14.783 1.00 46.15 ? 149  LEU A CD1 1 
ATOM   1168 C  CD2 . LEU A 1 150 ? -11.644 11.902  -13.682 1.00 47.33 ? 149  LEU A CD2 1 
ATOM   1169 N  N   . GLY A 1 151 ? -15.638 8.363   -13.506 1.00 46.88 ? 150  GLY A N   1 
ATOM   1170 C  CA  . GLY A 1 151 ? -16.660 7.344   -13.695 1.00 47.04 ? 150  GLY A CA  1 
ATOM   1171 C  C   . GLY A 1 151 ? -16.260 5.911   -13.430 1.00 47.10 ? 150  GLY A C   1 
ATOM   1172 O  O   . GLY A 1 151 ? -17.112 5.024   -13.510 1.00 46.79 ? 150  GLY A O   1 
ATOM   1173 N  N   . TYR A 1 152 ? -14.976 5.668   -13.142 1.00 47.23 ? 151  TYR A N   1 
ATOM   1174 C  CA  . TYR A 1 152 ? -14.534 4.330   -12.793 1.00 47.24 ? 151  TYR A CA  1 
ATOM   1175 C  C   . TYR A 1 152 ? -15.157 4.031   -11.459 1.00 47.58 ? 151  TYR A C   1 
ATOM   1176 O  O   . TYR A 1 152 ? -14.813 4.657   -10.446 1.00 47.85 ? 151  TYR A O   1 
ATOM   1177 C  CB  . TYR A 1 152 ? -13.011 4.220   -12.702 1.00 47.70 ? 151  TYR A CB  1 
ATOM   1178 C  CG  . TYR A 1 152 ? -12.541 2.860   -12.225 1.00 47.55 ? 151  TYR A CG  1 
ATOM   1179 C  CD1 . TYR A 1 152 ? -13.242 1.700   -12.588 1.00 48.54 ? 151  TYR A CD1 1 
ATOM   1180 C  CD2 . TYR A 1 152 ? -11.404 2.724   -11.413 1.00 47.09 ? 151  TYR A CD2 1 
ATOM   1181 C  CE1 . TYR A 1 152 ? -12.838 0.448   -12.158 1.00 48.28 ? 151  TYR A CE1 1 
ATOM   1182 C  CE2 . TYR A 1 152 ? -10.983 1.469   -10.980 1.00 47.14 ? 151  TYR A CE2 1 
ATOM   1183 C  CZ  . TYR A 1 152 ? -11.712 0.332   -11.360 1.00 48.02 ? 151  TYR A CZ  1 
ATOM   1184 O  OH  . TYR A 1 152 ? -11.339 -0.933  -10.966 1.00 47.72 ? 151  TYR A OH  1 
ATOM   1185 N  N   . GLN A 1 153 ? -16.093 3.094   -11.448 1.00 47.44 ? 152  GLN A N   1 
ATOM   1186 C  CA  . GLN A 1 153 ? -16.834 2.871   -10.212 1.00 48.01 ? 152  GLN A CA  1 
ATOM   1187 C  C   . GLN A 1 153 ? -15.977 2.184   -9.144  1.00 47.75 ? 152  GLN A C   1 
ATOM   1188 O  O   . GLN A 1 153 ? -16.461 1.896   -8.045  1.00 48.38 ? 152  GLN A O   1 
ATOM   1189 C  CB  . GLN A 1 153 ? -18.198 2.231   -10.472 1.00 47.52 ? 152  GLN A CB  1 
ATOM   1190 C  CG  . GLN A 1 153 ? -19.406 3.209   -10.336 1.00 49.00 ? 152  GLN A CG  1 
ATOM   1191 C  CD  . GLN A 1 153 ? -19.071 4.728   -10.396 1.00 49.69 ? 152  GLN A CD  1 
ATOM   1192 O  OE1 . GLN A 1 153 ? -18.963 5.393   -9.363  1.00 49.49 ? 152  GLN A OE1 1 
ATOM   1193 N  NE2 . GLN A 1 153 ? -18.940 5.268   -11.605 1.00 50.07 ? 152  GLN A NE2 1 
ATOM   1194 N  N   . GLY A 1 154 ? -14.687 1.998   -9.475  1.00 47.49 ? 153  GLY A N   1 
ATOM   1195 C  CA  . GLY A 1 154 ? -13.657 1.491   -8.560  1.00 46.23 ? 153  GLY A CA  1 
ATOM   1196 C  C   . GLY A 1 154 ? -14.029 0.170   -7.922  1.00 45.72 ? 153  GLY A C   1 
ATOM   1197 O  O   . GLY A 1 154 ? -13.408 -0.278  -6.966  1.00 44.30 ? 153  GLY A O   1 
ATOM   1198 O  OXT . GLY A 1 154 ? -14.985 -0.475  -8.352  1.00 45.98 ? 153  GLY A OXT 1 
HETATM 1199 P  P   . PO4 B 2 .   ? 13.437  -1.824  13.350  1.00 50.22 ? 2001 PO4 A P   1 
HETATM 1200 O  O1  . PO4 B 2 .   ? 13.492  -0.585  14.205  1.00 51.46 ? 2001 PO4 A O1  1 
HETATM 1201 O  O2  . PO4 B 2 .   ? 12.082  -2.465  13.486  1.00 48.21 ? 2001 PO4 A O2  1 
HETATM 1202 O  O3  . PO4 B 2 .   ? 13.751  -1.455  11.906  1.00 52.44 ? 2001 PO4 A O3  1 
HETATM 1203 O  O4  . PO4 B 2 .   ? 14.499  -2.787  13.822  1.00 52.82 ? 2001 PO4 A O4  1 
HETATM 1204 P  P   . PO4 C 2 .   ? 4.318   -13.229 9.643   1.00 64.54 ? 2002 PO4 A P   1 
HETATM 1205 O  O1  . PO4 C 2 .   ? 5.783   -12.859 9.734   1.00 63.97 ? 2002 PO4 A O1  1 
HETATM 1206 O  O2  . PO4 C 2 .   ? 3.727   -12.609 8.395   1.00 65.35 ? 2002 PO4 A O2  1 
HETATM 1207 O  O3  . PO4 C 2 .   ? 4.180   -14.731 9.528   1.00 64.40 ? 2002 PO4 A O3  1 
HETATM 1208 O  O4  . PO4 C 2 .   ? 3.588   -12.720 10.870  1.00 63.39 ? 2002 PO4 A O4  1 
HETATM 1209 P  P   . PO4 D 2 .   ? 1.391   -6.900  19.913  1.00 38.48 ? 2003 PO4 A P   1 
HETATM 1210 O  O1  . PO4 D 2 .   ? 2.488   -6.532  18.932  1.00 36.08 ? 2003 PO4 A O1  1 
HETATM 1211 O  O2  . PO4 D 2 .   ? 0.072   -7.077  19.186  1.00 38.17 ? 2003 PO4 A O2  1 
HETATM 1212 O  O3  . PO4 D 2 .   ? 1.768   -8.222  20.545  1.00 39.54 ? 2003 PO4 A O3  1 
HETATM 1213 O  O4  . PO4 D 2 .   ? 1.226   -5.814  20.958  1.00 37.74 ? 2003 PO4 A O4  1 
HETATM 1214 P  P   . PO4 E 2 .   ? 13.733  3.872   16.966  1.00 76.84 ? 2004 PO4 A P   1 
HETATM 1215 O  O1  . PO4 E 2 .   ? 14.890  2.942   16.684  1.00 76.76 ? 2004 PO4 A O1  1 
HETATM 1216 O  O2  . PO4 E 2 .   ? 13.419  4.640   15.708  1.00 76.74 ? 2004 PO4 A O2  1 
HETATM 1217 O  O3  . PO4 E 2 .   ? 12.536  3.064   17.396  1.00 75.97 ? 2004 PO4 A O3  1 
HETATM 1218 O  O4  . PO4 E 2 .   ? 14.130  4.853   18.048  1.00 76.85 ? 2004 PO4 A O4  1 
HETATM 1219 P  P   . PO4 F 2 .   ? 17.621  -9.583  -2.739  1.00 71.40 ? 2005 PO4 A P   1 
HETATM 1220 O  O1  . PO4 F 2 .   ? 18.256  -10.515 -3.755  1.00 70.85 ? 2005 PO4 A O1  1 
HETATM 1221 O  O2  . PO4 F 2 .   ? 16.486  -8.825  -3.374  1.00 70.72 ? 2005 PO4 A O2  1 
HETATM 1222 O  O3  . PO4 F 2 .   ? 17.047  -10.365 -1.575  1.00 70.83 ? 2005 PO4 A O3  1 
HETATM 1223 O  O4  . PO4 F 2 .   ? 18.664  -8.604  -2.237  1.00 71.19 ? 2005 PO4 A O4  1 
HETATM 1224 O  O2  . CUS G 3 .   ? 0.654   -0.059  -8.759  1.00 36.12 ? 1001 CUS A O2  1 
HETATM 1225 C  C8  . CUS G 3 .   ? -0.436  0.771   -8.255  1.00 37.65 ? 1001 CUS A C8  1 
HETATM 1226 O  O3  . CUS G 3 .   ? -0.655  1.875   -8.735  1.00 37.76 ? 1001 CUS A O3  1 
HETATM 1227 C  C9  . CUS G 3 .   ? -1.238  0.197   -7.118  1.00 36.30 ? 1001 CUS A C9  1 
HETATM 1228 C  C10 . CUS G 3 .   ? -0.491  0.577   -5.840  1.00 38.94 ? 1001 CUS A C10 1 
HETATM 1229 C  C11 . CUS G 3 .   ? -1.078  1.742   -5.054  1.00 40.71 ? 1001 CUS A C11 1 
HETATM 1230 C  C16 . CUS G 3 .   ? -1.506  1.250   -3.681  1.00 40.39 ? 1001 CUS A C16 1 
HETATM 1231 C  C12 . CUS G 3 .   ? -0.056  2.867   -4.905  1.00 39.28 ? 1001 CUS A C12 1 
HETATM 1232 N  N1  . CUS G 3 .   ? -1.157  -1.272  -7.166  1.00 34.55 ? 1001 CUS A N1  1 
HETATM 1233 CU CU1 . CUS G 3 .   ? 0.424   -2.091  -8.174  1.00 29.68 ? 1001 CUS A CU1 1 
HETATM 1234 C  C1  . CUS G 3 .   ? -2.024  -1.977  -6.579  1.00 32.99 ? 1001 CUS A C1  1 
HETATM 1235 C  C2  . CUS G 3 .   ? -2.087  -3.453  -6.490  1.00 33.81 ? 1001 CUS A C2  1 
HETATM 1236 C  C7  . CUS G 3 .   ? -1.156  -4.355  -7.018  1.00 34.23 ? 1001 CUS A C7  1 
HETATM 1237 O  O1  . CUS G 3 .   ? -0.031  -3.991  -7.703  1.00 34.69 ? 1001 CUS A O1  1 
HETATM 1238 C  C6  . CUS G 3 .   ? -1.342  -5.734  -6.865  1.00 34.27 ? 1001 CUS A C6  1 
HETATM 1239 C  C5  . CUS G 3 .   ? -2.460  -6.212  -6.193  1.00 34.91 ? 1001 CUS A C5  1 
HETATM 1240 C  C4  . CUS G 3 .   ? -3.393  -5.317  -5.662  1.00 34.75 ? 1001 CUS A C4  1 
HETATM 1241 C  C3  . CUS G 3 .   ? -3.202  -3.953  -5.812  1.00 33.86 ? 1001 CUS A C3  1 
HETATM 1242 C  C1  . GOL H 4 .   ? 5.677   3.783   18.477  1.00 31.17 ? 3001 GOL A C1  1 
HETATM 1243 O  O1  . GOL H 4 .   ? 6.388   4.345   19.568  1.00 34.87 ? 3001 GOL A O1  1 
HETATM 1244 C  C2  . GOL H 4 .   ? 4.570   2.858   18.950  1.00 28.45 ? 3001 GOL A C2  1 
HETATM 1245 O  O2  . GOL H 4 .   ? 4.824   1.541   18.545  1.00 29.97 ? 3001 GOL A O2  1 
HETATM 1246 C  C3  . GOL H 4 .   ? 3.153   3.338   18.633  1.00 27.39 ? 3001 GOL A C3  1 
HETATM 1247 O  O3  . GOL H 4 .   ? 2.234   2.261   18.500  1.00 18.28 ? 3001 GOL A O3  1 
HETATM 1248 O  O   . HOH I 5 .   ? 2.706   -13.839 3.711   1.00 20.75 ? 3002 HOH A O   1 
HETATM 1249 O  O   . HOH I 5 .   ? 1.950   -13.310 6.208   1.00 27.74 ? 3003 HOH A O   1 
HETATM 1250 O  O   . HOH I 5 .   ? -11.023 11.174  11.739  1.00 37.00 ? 3004 HOH A O   1 
HETATM 1251 O  O   . HOH I 5 .   ? 6.197   -1.540  -11.509 1.00 29.96 ? 3005 HOH A O   1 
HETATM 1252 O  O   . HOH I 5 .   ? 11.547  8.760   5.547   1.00 31.34 ? 3006 HOH A O   1 
HETATM 1253 O  O   . HOH I 5 .   ? -0.421  17.875  -3.385  1.00 41.65 ? 3007 HOH A O   1 
HETATM 1254 O  O   . HOH I 5 .   ? -16.912 3.774   -6.144  1.00 32.81 ? 3008 HOH A O   1 
HETATM 1255 O  O   . HOH I 5 .   ? 11.847  -20.030 -1.571  1.00 39.57 ? 3009 HOH A O   1 
HETATM 1256 O  O   . HOH I 5 .   ? 9.745   -16.470 -12.536 1.00 35.81 ? 3010 HOH A O   1 
HETATM 1257 O  O   . HOH I 5 .   ? -8.225  -2.372  4.629   1.00 35.25 ? 3011 HOH A O   1 
HETATM 1258 O  O   . HOH I 5 .   ? -1.305  -4.847  18.214  1.00 43.42 ? 3012 HOH A O   1 
HETATM 1259 O  O   . HOH I 5 .   ? -6.477  -2.118  6.663   1.00 35.12 ? 3013 HOH A O   1 
HETATM 1260 O  O   . HOH I 5 .   ? 2.857   -15.668 7.530   1.00 50.23 ? 3014 HOH A O   1 
HETATM 1261 O  O   . HOH I 5 .   ? 6.871   -23.581 -6.615  1.00 30.96 ? 3015 HOH A O   1 
HETATM 1262 O  O   . HOH I 5 .   ? 14.210  -16.953 -3.871  1.00 44.38 ? 3016 HOH A O   1 
HETATM 1263 O  O   . HOH I 5 .   ? 9.014   5.600   0.209   1.00 36.02 ? 3017 HOH A O   1 
HETATM 1264 O  O   . HOH I 5 .   ? -3.421  17.707  -13.352 1.00 30.14 ? 3018 HOH A O   1 
HETATM 1265 O  O   . HOH I 5 .   ? 15.638  3.352   8.722   1.00 41.49 ? 3019 HOH A O   1 
HETATM 1266 O  O   . HOH I 5 .   ? -2.791  -16.679 -19.713 1.00 49.00 ? 3020 HOH A O   1 
HETATM 1267 O  O   . HOH I 5 .   ? 9.426   11.862  6.240   1.00 41.96 ? 3021 HOH A O   1 
HETATM 1268 O  O   . HOH I 5 .   ? -17.361 -8.446  -8.309  1.00 29.71 ? 3022 HOH A O   1 
HETATM 1269 O  O   . HOH I 5 .   ? 1.866   -5.031  -13.157 1.00 47.32 ? 3023 HOH A O   1 
HETATM 1270 O  O   . HOH I 5 .   ? 0.065   10.419  18.830  1.00 31.35 ? 3024 HOH A O   1 
HETATM 1271 O  O   . HOH I 5 .   ? 6.475   -13.648 7.096   1.00 49.67 ? 3025 HOH A O   1 
HETATM 1272 O  O   . HOH I 5 .   ? 14.759  -11.149 -3.610  1.00 38.37 ? 3026 HOH A O   1 
HETATM 1273 O  O   . HOH I 5 .   ? 11.729  11.845  3.338   1.00 42.98 ? 3027 HOH A O   1 
HETATM 1274 O  O   . HOH I 5 .   ? 10.031  -11.208 -5.543  1.00 16.34 ? 3028 HOH A O   1 
HETATM 1275 O  O   . HOH I 5 .   ? -13.849 -2.253  -5.141  1.00 18.45 ? 3029 HOH A O   1 
HETATM 1276 O  O   . HOH I 5 .   ? -16.399 -0.049  -5.889  1.00 14.02 ? 3030 HOH A O   1 
HETATM 1277 O  O   . HOH I 5 .   ? 9.261   -5.129  -3.737  1.00 16.90 ? 3031 HOH A O   1 
HETATM 1278 O  O   . HOH I 5 .   ? -1.375  11.513  2.824   1.00 19.42 ? 3032 HOH A O   1 
HETATM 1279 O  O   . HOH I 5 .   ? 1.756   -9.102  11.928  1.00 22.68 ? 3033 HOH A O   1 
HETATM 1280 O  O   . HOH I 5 .   ? -5.647  -16.199 -9.712  1.00 25.99 ? 3034 HOH A O   1 
HETATM 1281 O  O   . HOH I 5 .   ? -9.422  -16.648 -2.156  1.00 24.61 ? 3035 HOH A O   1 
HETATM 1282 O  O   . HOH I 5 .   ? 6.095   13.546  -0.974  1.00 23.70 ? 3036 HOH A O   1 
HETATM 1283 O  O   . HOH I 5 .   ? 10.736  -3.616  16.920  1.00 30.29 ? 3037 HOH A O   1 
HETATM 1284 O  O   . HOH I 5 .   ? -6.702  1.042   6.248   1.00 24.06 ? 3038 HOH A O   1 
HETATM 1285 O  O   . HOH I 5 .   ? 12.231  5.674   11.933  1.00 27.87 ? 3039 HOH A O   1 
HETATM 1286 O  O   . HOH I 5 .   ? 4.706   -11.899 3.315   1.00 17.67 ? 3040 HOH A O   1 
HETATM 1287 O  O   . HOH I 5 .   ? -11.866 1.593   1.086   1.00 26.73 ? 3041 HOH A O   1 
HETATM 1288 O  O   . HOH I 5 .   ? 6.215   -22.493 -2.439  1.00 27.76 ? 3042 HOH A O   1 
HETATM 1289 O  O   . HOH I 5 .   ? 4.048   10.702  17.536  1.00 24.37 ? 3043 HOH A O   1 
HETATM 1290 O  O   . HOH I 5 .   ? -16.324 -7.429  -5.823  1.00 24.67 ? 3044 HOH A O   1 
HETATM 1291 O  O   . HOH I 5 .   ? 7.013   -9.594  7.105   1.00 28.38 ? 3045 HOH A O   1 
HETATM 1292 O  O   . HOH I 5 .   ? -16.714 -2.160  -8.360  1.00 23.46 ? 3046 HOH A O   1 
HETATM 1293 O  O   . HOH I 5 .   ? -4.235  -8.794  2.290   1.00 22.49 ? 3047 HOH A O   1 
HETATM 1294 O  O   . HOH I 5 .   ? 5.817   4.605   14.538  1.00 22.50 ? 3048 HOH A O   1 
HETATM 1295 O  O   . HOH I 5 .   ? 9.019   8.984   6.497   1.00 27.85 ? 3049 HOH A O   1 
HETATM 1296 O  O   . HOH I 5 .   ? -3.677  18.335  -1.607  1.00 29.46 ? 3050 HOH A O   1 
HETATM 1297 O  O   . HOH I 5 .   ? 12.523  -6.276  13.951  1.00 34.90 ? 3051 HOH A O   1 
HETATM 1298 O  O   . HOH I 5 .   ? 13.855  -1.755  7.851   1.00 28.01 ? 3052 HOH A O   1 
HETATM 1299 O  O   . HOH I 5 .   ? -3.314  9.658   3.337   1.00 23.44 ? 3053 HOH A O   1 
HETATM 1300 O  O   . HOH I 5 .   ? 9.065   9.894   -0.909  1.00 28.97 ? 3054 HOH A O   1 
HETATM 1301 O  O   . HOH I 5 .   ? -3.814  -6.181  8.776   1.00 30.89 ? 3055 HOH A O   1 
HETATM 1302 O  O   . HOH I 5 .   ? -9.634  1.204   7.364   1.00 28.17 ? 3056 HOH A O   1 
HETATM 1303 O  O   . HOH I 5 .   ? -14.316 -3.159  -0.970  1.00 35.27 ? 3057 HOH A O   1 
HETATM 1304 O  O   . HOH I 5 .   ? 12.212  -18.664 -4.017  1.00 24.20 ? 3058 HOH A O   1 
HETATM 1305 O  O   . HOH I 5 .   ? 13.819  -12.004 -6.097  1.00 42.90 ? 3059 HOH A O   1 
HETATM 1306 O  O   . HOH I 5 .   ? 16.677  -3.651  0.066   1.00 23.83 ? 3060 HOH A O   1 
HETATM 1307 O  O   . HOH I 5 .   ? -3.645  6.306   16.592  1.00 26.05 ? 3061 HOH A O   1 
HETATM 1308 O  O   . HOH I 5 .   ? 9.632   -16.963 -10.060 1.00 29.31 ? 3062 HOH A O   1 
HETATM 1309 O  O   . HOH I 5 .   ? -10.814 -10.102 -7.862  1.00 30.49 ? 3063 HOH A O   1 
HETATM 1310 O  O   . HOH I 5 .   ? -9.649  13.080  -4.053  1.00 29.60 ? 3064 HOH A O   1 
HETATM 1311 O  O   . HOH I 5 .   ? 8.598   7.631   -1.931  1.00 27.75 ? 3065 HOH A O   1 
HETATM 1312 O  O   . HOH I 5 .   ? -1.834  12.489  18.771  1.00 22.26 ? 3066 HOH A O   1 
HETATM 1313 O  O   . HOH I 5 .   ? 2.775   -21.494 -1.835  1.00 38.40 ? 3067 HOH A O   1 
HETATM 1314 O  O   . HOH I 5 .   ? -4.925  14.591  8.493   1.00 29.98 ? 3068 HOH A O   1 
HETATM 1315 O  O   . HOH I 5 .   ? 0.175   -6.767  -15.117 1.00 34.32 ? 3069 HOH A O   1 
HETATM 1316 O  O   . HOH I 5 .   ? -0.434  16.950  -10.202 1.00 32.35 ? 3070 HOH A O   1 
HETATM 1317 O  O   . HOH I 5 .   ? -13.674 5.130   9.272   1.00 51.52 ? 3071 HOH A O   1 
HETATM 1318 O  O   . HOH I 5 .   ? -3.382  -8.742  5.295   1.00 29.17 ? 3072 HOH A O   1 
HETATM 1319 O  O   . HOH I 5 .   ? -0.899  17.751  7.418   1.00 30.22 ? 3073 HOH A O   1 
HETATM 1320 O  O   . HOH I 5 .   ? -12.403 2.438   3.763   1.00 41.66 ? 3074 HOH A O   1 
HETATM 1321 O  O   . HOH I 5 .   ? 10.395  -1.601  15.682  1.00 31.86 ? 3075 HOH A O   1 
HETATM 1322 O  O   . HOH I 5 .   ? -10.220 4.976   12.017  1.00 37.67 ? 3076 HOH A O   1 
HETATM 1323 O  O   . HOH I 5 .   ? 6.630   -5.861  -13.623 1.00 40.21 ? 3077 HOH A O   1 
HETATM 1324 O  O   . HOH I 5 .   ? -12.501 -10.495 1.187   1.00 41.80 ? 3078 HOH A O   1 
HETATM 1325 O  O   . HOH I 5 .   ? 8.795   2.489   -10.164 1.00 26.85 ? 3079 HOH A O   1 
HETATM 1326 O  O   . HOH I 5 .   ? 9.040   -22.820 -7.683  1.00 28.04 ? 3080 HOH A O   1 
HETATM 1327 O  O   . HOH I 5 .   ? 5.350   -8.735  15.443  1.00 31.87 ? 3081 HOH A O   1 
HETATM 1328 O  O   . HOH I 5 .   ? 12.894  -4.564  8.250   1.00 28.98 ? 3082 HOH A O   1 
HETATM 1329 O  O   . HOH I 5 .   ? 11.780  -10.094 1.903   1.00 35.12 ? 3083 HOH A O   1 
HETATM 1330 O  O   . HOH I 5 .   ? -1.993  19.857  -14.721 1.00 33.32 ? 3084 HOH A O   1 
HETATM 1331 O  O   . HOH I 5 .   ? -11.730 -5.482  0.345   1.00 27.96 ? 3085 HOH A O   1 
HETATM 1332 O  O   . HOH I 5 .   ? 6.027   -19.635 -12.942 1.00 27.47 ? 3086 HOH A O   1 
HETATM 1333 O  O   . HOH I 5 .   ? -14.543 4.230   -7.618  1.00 36.79 ? 3087 HOH A O   1 
HETATM 1334 O  O   . HOH I 5 .   ? 8.565   -22.547 -10.660 1.00 33.67 ? 3088 HOH A O   1 
HETATM 1335 O  O   . HOH I 5 .   ? 3.604   -16.438 3.785   1.00 37.79 ? 3089 HOH A O   1 
HETATM 1336 O  O   . HOH I 5 .   ? -5.780  20.247  5.682   1.00 42.31 ? 3090 HOH A O   1 
HETATM 1337 O  O   . HOH I 5 .   ? -2.363  -7.483  10.789  1.00 36.07 ? 3091 HOH A O   1 
HETATM 1338 O  O   . HOH I 5 .   ? 4.653   -8.191  18.641  1.00 37.08 ? 3092 HOH A O   1 
HETATM 1339 O  O   . HOH I 5 .   ? 4.340   -11.108 6.336   1.00 36.76 ? 3093 HOH A O   1 
HETATM 1340 O  O   . HOH I 5 .   ? -3.017  -18.891 -0.341  1.00 34.67 ? 3094 HOH A O   1 
HETATM 1341 O  O   . HOH I 5 .   ? 1.056   -5.955  -17.659 1.00 46.06 ? 3095 HOH A O   1 
HETATM 1342 O  O   . HOH I 5 .   ? -3.819  -17.921 -9.872  1.00 33.77 ? 3096 HOH A O   1 
HETATM 1343 O  O   . HOH I 5 .   ? -4.050  -3.722  13.452  1.00 30.32 ? 3097 HOH A O   1 
HETATM 1344 O  O   . HOH I 5 .   ? 1.946   18.495  3.717   1.00 33.48 ? 3098 HOH A O   1 
HETATM 1345 O  O   . HOH I 5 .   ? 10.595  -20.795 -7.326  1.00 29.26 ? 3099 HOH A O   1 
HETATM 1346 O  O   . HOH I 5 .   ? -6.803  14.366  -3.624  1.00 42.82 ? 3100 HOH A O   1 
HETATM 1347 O  O   . HOH I 5 .   ? -7.639  3.456   13.017  1.00 37.64 ? 3101 HOH A O   1 
HETATM 1348 O  O   . HOH I 5 .   ? -11.149 -10.413 -5.084  1.00 33.17 ? 3102 HOH A O   1 
HETATM 1349 O  O   . HOH I 5 .   ? 8.498   3.298   -13.053 1.00 39.41 ? 3103 HOH A O   1 
HETATM 1350 O  O   . HOH I 5 .   ? 1.090   19.359  6.133   1.00 43.74 ? 3104 HOH A O   1 
HETATM 1351 O  O   . HOH I 5 .   ? 11.859  -12.930 0.179   1.00 38.12 ? 3105 HOH A O   1 
HETATM 1352 O  O   . HOH I 5 .   ? 3.150   9.230   -5.411  1.00 32.04 ? 3106 HOH A O   1 
HETATM 1353 O  O   . HOH I 5 .   ? -5.784  -4.267  8.831   1.00 38.70 ? 3107 HOH A O   1 
HETATM 1354 O  O   . HOH I 5 .   ? 8.326   0.826   -14.140 1.00 30.55 ? 3108 HOH A O   1 
HETATM 1355 O  O   . HOH I 5 .   ? 13.755  -8.412  3.547   1.00 35.78 ? 3109 HOH A O   1 
HETATM 1356 O  O   . HOH I 5 .   ? -4.663  5.135   19.890  1.00 39.58 ? 3110 HOH A O   1 
HETATM 1357 O  O   . HOH I 5 .   ? 7.409   -11.282 13.378  1.00 43.83 ? 3111 HOH A O   1 
HETATM 1358 O  O   . HOH I 5 .   ? -0.403  -4.331  -11.920 1.00 54.97 ? 3112 HOH A O   1 
HETATM 1359 O  O   . HOH I 5 .   ? 7.126   -15.708 11.172  1.00 47.81 ? 3113 HOH A O   1 
HETATM 1360 O  O   . HOH I 5 .   ? -1.575  -19.023 -5.803  1.00 31.00 ? 3114 HOH A O   1 
HETATM 1361 O  O   . HOH I 5 .   ? -0.031  17.561  10.491  1.00 33.73 ? 3115 HOH A O   1 
HETATM 1362 O  O   . HOH I 5 .   ? -2.363  16.910  11.486  1.00 23.78 ? 3116 HOH A O   1 
HETATM 1363 O  O   . HOH I 5 .   ? 6.620   9.528   16.259  1.00 38.27 ? 3117 HOH A O   1 
HETATM 1364 O  O   . HOH I 5 .   ? -13.759 1.074   12.326  1.00 46.46 ? 3118 HOH A O   1 
HETATM 1365 O  O   . HOH I 5 .   ? 10.957  9.938   10.315  1.00 46.92 ? 3119 HOH A O   1 
HETATM 1366 O  O   . HOH I 5 .   ? 1.297   -20.578 -14.950 1.00 38.64 ? 3120 HOH A O   1 
HETATM 1367 O  O   . HOH I 5 .   ? -5.842  4.348   -16.633 1.00 45.80 ? 3121 HOH A O   1 
HETATM 1368 O  O   . HOH I 5 .   ? 9.232   -19.905 -0.341  1.00 44.46 ? 3122 HOH A O   1 
HETATM 1369 O  O   . HOH I 5 .   ? 8.447   12.154  -1.265  1.00 28.58 ? 3123 HOH A O   1 
HETATM 1370 O  O   . HOH I 5 .   ? 7.241   5.701   16.711  1.00 35.60 ? 3124 HOH A O   1 
HETATM 1371 O  O   . HOH I 5 .   ? -12.748 -16.595 -2.526  1.00 42.22 ? 3125 HOH A O   1 
# 
loop_
_pdbx_poly_seq_scheme.asym_id 
_pdbx_poly_seq_scheme.entity_id 
_pdbx_poly_seq_scheme.seq_id 
_pdbx_poly_seq_scheme.mon_id 
_pdbx_poly_seq_scheme.ndb_seq_num 
_pdbx_poly_seq_scheme.pdb_seq_num 
_pdbx_poly_seq_scheme.auth_seq_num 
_pdbx_poly_seq_scheme.pdb_mon_id 
_pdbx_poly_seq_scheme.auth_mon_id 
_pdbx_poly_seq_scheme.pdb_strand_id 
_pdbx_poly_seq_scheme.pdb_ins_code 
_pdbx_poly_seq_scheme.hetero 
A 1 1   MET 1   0   0   MET MET A . n 
A 1 2   VAL 2   1   1   VAL VAL A . n 
A 1 3   LEU 3   2   2   LEU LEU A . n 
A 1 4   SER 4   3   3   SER SER A . n 
A 1 5   GLU 5   4   4   GLU GLU A . n 
A 1 6   GLY 6   5   5   GLY GLY A . n 
A 1 7   GLU 7   6   6   GLU GLU A . n 
A 1 8   TRP 8   7   7   TRP TRP A . n 
A 1 9   GLN 9   8   8   GLN GLN A . n 
A 1 10  LEU 10  9   9   LEU LEU A . n 
A 1 11  VAL 11  10  10  VAL VAL A . n 
A 1 12  LEU 12  11  11  LEU LEU A . n 
A 1 13  HIS 13  12  12  HIS HIS A . n 
A 1 14  VAL 14  13  13  VAL VAL A . n 
A 1 15  TRP 15  14  14  TRP TRP A . n 
A 1 16  ALA 16  15  15  ALA ALA A . n 
A 1 17  LYS 17  16  16  LYS LYS A . n 
A 1 18  VAL 18  17  17  VAL VAL A . n 
A 1 19  GLU 19  18  18  GLU GLU A . n 
A 1 20  ALA 20  19  19  ALA ALA A . n 
A 1 21  ASP 21  20  20  ASP ASP A . n 
A 1 22  VAL 22  21  21  VAL VAL A . n 
A 1 23  ALA 23  22  22  ALA ALA A . n 
A 1 24  GLY 24  23  23  GLY GLY A . n 
A 1 25  HIS 25  24  24  HIS HIS A . n 
A 1 26  GLY 26  25  25  GLY GLY A . n 
A 1 27  GLN 27  26  26  GLN GLN A . n 
A 1 28  ASP 28  27  27  ASP ASP A . n 
A 1 29  ILE 29  28  28  ILE ILE A . n 
A 1 30  LEU 30  29  29  LEU LEU A . n 
A 1 31  ILE 31  30  30  ILE ILE A . n 
A 1 32  ARG 32  31  31  ARG ARG A . n 
A 1 33  LEU 33  32  32  LEU LEU A . n 
A 1 34  PHE 34  33  33  PHE PHE A . n 
A 1 35  LYS 35  34  34  LYS LYS A . n 
A 1 36  SER 36  35  35  SER SER A . n 
A 1 37  HIS 37  36  36  HIS HIS A . n 
A 1 38  PRO 38  37  37  PRO PRO A . n 
A 1 39  GLU 39  38  38  GLU GLU A . n 
A 1 40  THR 40  39  39  THR THR A . n 
A 1 41  LEU 41  40  40  LEU LEU A . n 
A 1 42  GLU 42  41  41  GLU GLU A . n 
A 1 43  LYS 43  42  42  LYS LYS A . n 
A 1 44  PHE 44  43  43  PHE PHE A . n 
A 1 45  ASP 45  44  44  ASP ASP A . n 
A 1 46  ARG 46  45  45  ARG ARG A . n 
A 1 47  PHE 47  46  46  PHE PHE A . n 
A 1 48  LYS 48  47  47  LYS LYS A . n 
A 1 49  HIS 49  48  48  HIS HIS A . n 
A 1 50  LEU 50  49  49  LEU LEU A . n 
A 1 51  LYS 51  50  50  LYS LYS A . n 
A 1 52  THR 52  51  51  THR THR A . n 
A 1 53  GLU 53  52  52  GLU GLU A . n 
A 1 54  ALA 54  53  53  ALA ALA A . n 
A 1 55  GLU 55  54  54  GLU GLU A . n 
A 1 56  MET 56  55  55  MET MET A . n 
A 1 57  LYS 57  56  56  LYS LYS A . n 
A 1 58  ALA 58  57  57  ALA ALA A . n 
A 1 59  SER 59  58  58  SER SER A . n 
A 1 60  GLU 60  59  59  GLU GLU A . n 
A 1 61  ASP 61  60  60  ASP ASP A . n 
A 1 62  LEU 62  61  61  LEU LEU A . n 
A 1 63  LYS 63  62  62  LYS LYS A . n 
A 1 64  LYS 64  63  63  LYS LYS A . n 
A 1 65  HIS 65  64  64  HIS HIS A . n 
A 1 66  GLY 66  65  65  GLY GLY A . n 
A 1 67  VAL 67  66  66  VAL VAL A . n 
A 1 68  THR 68  67  67  THR THR A . n 
A 1 69  VAL 69  68  68  VAL VAL A . n 
A 1 70  LEU 70  69  69  LEU LEU A . n 
A 1 71  THR 71  70  70  THR THR A . n 
A 1 72  ALA 72  71  71  ALA ALA A . n 
A 1 73  LEU 73  72  72  LEU LEU A . n 
A 1 74  GLY 74  73  73  GLY GLY A . n 
A 1 75  ALA 75  74  74  ALA ALA A . n 
A 1 76  ILE 76  75  75  ILE ILE A . n 
A 1 77  LEU 77  76  76  LEU LEU A . n 
A 1 78  LYS 78  77  77  LYS LYS A . n 
A 1 79  LYS 79  78  78  LYS LYS A . n 
A 1 80  LYS 80  79  79  LYS LYS A . n 
A 1 81  GLY 81  80  80  GLY GLY A . n 
A 1 82  HIS 82  81  81  HIS HIS A . n 
A 1 83  HIS 83  82  82  HIS HIS A . n 
A 1 84  GLU 84  83  83  GLU GLU A . n 
A 1 85  ALA 85  84  84  ALA ALA A . n 
A 1 86  GLU 86  85  85  GLU GLU A . n 
A 1 87  LEU 87  86  86  LEU LEU A . n 
A 1 88  LYS 88  87  87  LYS LYS A . n 
A 1 89  PRO 89  88  88  PRO PRO A . n 
A 1 90  LEU 90  89  89  LEU LEU A . n 
A 1 91  ALA 91  90  90  ALA ALA A . n 
A 1 92  GLN 92  91  91  GLN GLN A . n 
A 1 93  SER 93  92  92  SER SER A . n 
A 1 94  HIS 94  93  93  HIS HIS A . n 
A 1 95  ALA 95  94  ?   ?   ?   A . n 
A 1 96  THR 96  95  ?   ?   ?   A . n 
A 1 97  LYS 97  96  ?   ?   ?   A . n 
A 1 98  HIS 98  97  ?   ?   ?   A . n 
A 1 99  LYS 99  98  98  LYS LYS A . n 
A 1 100 ILE 100 99  99  ILE ILE A . n 
A 1 101 PRO 101 100 100 PRO PRO A . n 
A 1 102 ILE 102 101 101 ILE ILE A . n 
A 1 103 LYS 103 102 102 LYS LYS A . n 
A 1 104 TYR 104 103 103 TYR TYR A . n 
A 1 105 LEU 105 104 104 LEU LEU A . n 
A 1 106 GLU 106 105 105 GLU GLU A . n 
A 1 107 PHE 107 106 106 PHE PHE A . n 
A 1 108 ILE 108 107 107 ILE ILE A . n 
A 1 109 SER 109 108 108 SER SER A . n 
A 1 110 GLU 110 109 109 GLU GLU A . n 
A 1 111 ALA 111 110 110 ALA ALA A . n 
A 1 112 ILE 112 111 111 ILE ILE A . n 
A 1 113 ILE 113 112 112 ILE ILE A . n 
A 1 114 HIS 114 113 113 HIS HIS A . n 
A 1 115 VAL 115 114 114 VAL VAL A . n 
A 1 116 LEU 116 115 115 LEU LEU A . n 
A 1 117 HIS 117 116 116 HIS HIS A . n 
A 1 118 SER 118 117 117 SER SER A . n 
A 1 119 ARG 119 118 118 ARG ARG A . n 
A 1 120 HIS 120 119 119 HIS HIS A . n 
A 1 121 PRO 121 120 120 PRO PRO A . n 
A 1 122 GLY 122 121 121 GLY GLY A . n 
A 1 123 ASP 123 122 122 ASP ASP A . n 
A 1 124 PHE 124 123 123 PHE PHE A . n 
A 1 125 GLY 125 124 124 GLY GLY A . n 
A 1 126 ALA 126 125 125 ALA ALA A . n 
A 1 127 ASP 127 126 126 ASP ASP A . n 
A 1 128 ALA 128 127 127 ALA ALA A . n 
A 1 129 GLN 129 128 128 GLN GLN A . n 
A 1 130 GLY 130 129 129 GLY GLY A . n 
A 1 131 ALA 131 130 130 ALA ALA A . n 
A 1 132 MET 132 131 131 MET MET A . n 
A 1 133 ASN 133 132 132 ASN ASN A . n 
A 1 134 LYS 134 133 133 LYS LYS A . n 
A 1 135 ALA 135 134 134 ALA ALA A . n 
A 1 136 LEU 136 135 135 LEU LEU A . n 
A 1 137 GLU 137 136 136 GLU GLU A . n 
A 1 138 LEU 138 137 137 LEU LEU A . n 
A 1 139 PHE 139 138 138 PHE PHE A . n 
A 1 140 ARG 140 139 139 ARG ARG A . n 
A 1 141 LYS 141 140 140 LYS LYS A . n 
A 1 142 ASP 142 141 141 ASP ASP A . n 
A 1 143 ILE 143 142 142 ILE ILE A . n 
A 1 144 ALA 144 143 143 ALA ALA A . n 
A 1 145 ALA 145 144 144 ALA ALA A . n 
A 1 146 LYS 146 145 145 LYS LYS A . n 
A 1 147 TYR 147 146 146 TYR TYR A . n 
A 1 148 LYS 148 147 147 LYS LYS A . n 
A 1 149 GLU 149 148 148 GLU GLU A . n 
A 1 150 LEU 150 149 149 LEU LEU A . n 
A 1 151 GLY 151 150 150 GLY GLY A . n 
A 1 152 TYR 152 151 151 TYR TYR A . n 
A 1 153 GLN 153 152 152 GLN GLN A . n 
A 1 154 GLY 154 153 153 GLY GLY A . n 
# 
loop_
_pdbx_nonpoly_scheme.asym_id 
_pdbx_nonpoly_scheme.entity_id 
_pdbx_nonpoly_scheme.mon_id 
_pdbx_nonpoly_scheme.ndb_seq_num 
_pdbx_nonpoly_scheme.pdb_seq_num 
_pdbx_nonpoly_scheme.auth_seq_num 
_pdbx_nonpoly_scheme.pdb_mon_id 
_pdbx_nonpoly_scheme.auth_mon_id 
_pdbx_nonpoly_scheme.pdb_strand_id 
_pdbx_nonpoly_scheme.pdb_ins_code 
B 2 PO4 1   2001 1   PO4 PO4 A . 
C 2 PO4 1   2002 2   PO4 PO4 A . 
D 2 PO4 1   2003 3   PO4 PO4 A . 
E 2 PO4 1   2004 4   PO4 PO4 A . 
F 2 PO4 1   2005 5   PO4 PO4 A . 
G 3 CUS 1   1001 1   CUS CUS A . 
H 4 GOL 1   3001 1   GOL GOL A . 
I 5 HOH 1   3002 1   HOH HOH A . 
I 5 HOH 2   3003 2   HOH HOH A . 
I 5 HOH 3   3004 3   HOH HOH A . 
I 5 HOH 4   3005 4   HOH HOH A . 
I 5 HOH 5   3006 5   HOH HOH A . 
I 5 HOH 6   3007 6   HOH HOH A . 
I 5 HOH 7   3008 7   HOH HOH A . 
I 5 HOH 8   3009 8   HOH HOH A . 
I 5 HOH 9   3010 9   HOH HOH A . 
I 5 HOH 10  3011 10  HOH HOH A . 
I 5 HOH 11  3012 11  HOH HOH A . 
I 5 HOH 12  3013 12  HOH HOH A . 
I 5 HOH 13  3014 13  HOH HOH A . 
I 5 HOH 14  3015 14  HOH HOH A . 
I 5 HOH 15  3016 15  HOH HOH A . 
I 5 HOH 16  3017 16  HOH HOH A . 
I 5 HOH 17  3018 17  HOH HOH A . 
I 5 HOH 18  3019 18  HOH HOH A . 
I 5 HOH 19  3020 19  HOH HOH A . 
I 5 HOH 20  3021 20  HOH HOH A . 
I 5 HOH 21  3022 21  HOH HOH A . 
I 5 HOH 22  3023 22  HOH HOH A . 
I 5 HOH 23  3024 23  HOH HOH A . 
I 5 HOH 24  3025 24  HOH HOH A . 
I 5 HOH 25  3026 25  HOH HOH A . 
I 5 HOH 26  3027 26  HOH HOH A . 
I 5 HOH 27  3028 27  HOH HOH A . 
I 5 HOH 28  3029 28  HOH HOH A . 
I 5 HOH 29  3030 29  HOH HOH A . 
I 5 HOH 30  3031 30  HOH HOH A . 
I 5 HOH 31  3032 31  HOH HOH A . 
I 5 HOH 32  3033 32  HOH HOH A . 
I 5 HOH 33  3034 33  HOH HOH A . 
I 5 HOH 34  3035 34  HOH HOH A . 
I 5 HOH 35  3036 35  HOH HOH A . 
I 5 HOH 36  3037 36  HOH HOH A . 
I 5 HOH 37  3038 37  HOH HOH A . 
I 5 HOH 38  3039 38  HOH HOH A . 
I 5 HOH 39  3040 39  HOH HOH A . 
I 5 HOH 40  3041 40  HOH HOH A . 
I 5 HOH 41  3042 41  HOH HOH A . 
I 5 HOH 42  3043 42  HOH HOH A . 
I 5 HOH 43  3044 43  HOH HOH A . 
I 5 HOH 44  3045 44  HOH HOH A . 
I 5 HOH 45  3046 45  HOH HOH A . 
I 5 HOH 46  3047 46  HOH HOH A . 
I 5 HOH 47  3048 47  HOH HOH A . 
I 5 HOH 48  3049 48  HOH HOH A . 
I 5 HOH 49  3050 49  HOH HOH A . 
I 5 HOH 50  3051 50  HOH HOH A . 
I 5 HOH 51  3052 51  HOH HOH A . 
I 5 HOH 52  3053 52  HOH HOH A . 
I 5 HOH 53  3054 53  HOH HOH A . 
I 5 HOH 54  3055 54  HOH HOH A . 
I 5 HOH 55  3056 55  HOH HOH A . 
I 5 HOH 56  3057 56  HOH HOH A . 
I 5 HOH 57  3058 57  HOH HOH A . 
I 5 HOH 58  3059 58  HOH HOH A . 
I 5 HOH 59  3060 59  HOH HOH A . 
I 5 HOH 60  3061 60  HOH HOH A . 
I 5 HOH 61  3062 61  HOH HOH A . 
I 5 HOH 62  3063 62  HOH HOH A . 
I 5 HOH 63  3064 63  HOH HOH A . 
I 5 HOH 64  3065 64  HOH HOH A . 
I 5 HOH 65  3066 65  HOH HOH A . 
I 5 HOH 66  3067 66  HOH HOH A . 
I 5 HOH 67  3068 67  HOH HOH A . 
I 5 HOH 68  3069 68  HOH HOH A . 
I 5 HOH 69  3070 69  HOH HOH A . 
I 5 HOH 70  3071 70  HOH HOH A . 
I 5 HOH 71  3072 71  HOH HOH A . 
I 5 HOH 72  3073 72  HOH HOH A . 
I 5 HOH 73  3074 73  HOH HOH A . 
I 5 HOH 74  3075 74  HOH HOH A . 
I 5 HOH 75  3076 75  HOH HOH A . 
I 5 HOH 76  3077 76  HOH HOH A . 
I 5 HOH 77  3078 77  HOH HOH A . 
I 5 HOH 78  3079 78  HOH HOH A . 
I 5 HOH 79  3080 79  HOH HOH A . 
I 5 HOH 80  3081 80  HOH HOH A . 
I 5 HOH 81  3082 81  HOH HOH A . 
I 5 HOH 82  3083 82  HOH HOH A . 
I 5 HOH 83  3084 83  HOH HOH A . 
I 5 HOH 84  3085 84  HOH HOH A . 
I 5 HOH 85  3086 85  HOH HOH A . 
I 5 HOH 86  3087 86  HOH HOH A . 
I 5 HOH 87  3088 87  HOH HOH A . 
I 5 HOH 88  3089 88  HOH HOH A . 
I 5 HOH 89  3090 89  HOH HOH A . 
I 5 HOH 90  3091 90  HOH HOH A . 
I 5 HOH 91  3092 91  HOH HOH A . 
I 5 HOH 92  3093 92  HOH HOH A . 
I 5 HOH 93  3094 93  HOH HOH A . 
I 5 HOH 94  3095 94  HOH HOH A . 
I 5 HOH 95  3096 95  HOH HOH A . 
I 5 HOH 96  3097 96  HOH HOH A . 
I 5 HOH 97  3098 97  HOH HOH A . 
I 5 HOH 98  3099 98  HOH HOH A . 
I 5 HOH 99  3100 99  HOH HOH A . 
I 5 HOH 100 3101 100 HOH HOH A . 
I 5 HOH 101 3102 101 HOH HOH A . 
I 5 HOH 102 3103 102 HOH HOH A . 
I 5 HOH 103 3104 103 HOH HOH A . 
I 5 HOH 104 3105 104 HOH HOH A . 
I 5 HOH 105 3106 105 HOH HOH A . 
I 5 HOH 106 3107 106 HOH HOH A . 
I 5 HOH 107 3108 107 HOH HOH A . 
I 5 HOH 108 3109 108 HOH HOH A . 
I 5 HOH 109 3110 109 HOH HOH A . 
I 5 HOH 110 3111 110 HOH HOH A . 
I 5 HOH 111 3112 111 HOH HOH A . 
I 5 HOH 112 3113 112 HOH HOH A . 
I 5 HOH 113 3114 113 HOH HOH A . 
I 5 HOH 114 3115 114 HOH HOH A . 
I 5 HOH 115 3116 115 HOH HOH A . 
I 5 HOH 116 3117 116 HOH HOH A . 
I 5 HOH 117 3118 117 HOH HOH A . 
I 5 HOH 118 3119 118 HOH HOH A . 
I 5 HOH 119 3120 119 HOH HOH A . 
I 5 HOH 120 3121 120 HOH HOH A . 
I 5 HOH 121 3122 121 HOH HOH A . 
I 5 HOH 122 3123 122 HOH HOH A . 
I 5 HOH 123 3124 123 HOH HOH A . 
I 5 HOH 124 3125 124 HOH HOH A . 
# 
_pdbx_struct_assembly.id                   1 
_pdbx_struct_assembly.details              author_defined_assembly 
_pdbx_struct_assembly.method_details       ? 
_pdbx_struct_assembly.oligomeric_details   monomeric 
_pdbx_struct_assembly.oligomeric_count     1 
# 
_pdbx_struct_assembly_gen.assembly_id       1 
_pdbx_struct_assembly_gen.oper_expression   1 
_pdbx_struct_assembly_gen.asym_id_list      A,B,C,D,E,F,G,H,I 
# 
_pdbx_struct_oper_list.id                   1 
_pdbx_struct_oper_list.type                 'identity operation' 
_pdbx_struct_oper_list.name                 1_555 
_pdbx_struct_oper_list.symmetry_operation   x,y,z 
_pdbx_struct_oper_list.matrix[1][1]         1.0000000000 
_pdbx_struct_oper_list.matrix[1][2]         0.0000000000 
_pdbx_struct_oper_list.matrix[1][3]         0.0000000000 
_pdbx_struct_oper_list.vector[1]            0.0000000000 
_pdbx_struct_oper_list.matrix[2][1]         0.0000000000 
_pdbx_struct_oper_list.matrix[2][2]         1.0000000000 
_pdbx_struct_oper_list.matrix[2][3]         0.0000000000 
_pdbx_struct_oper_list.vector[2]            0.0000000000 
_pdbx_struct_oper_list.matrix[3][1]         0.0000000000 
_pdbx_struct_oper_list.matrix[3][2]         0.0000000000 
_pdbx_struct_oper_list.matrix[3][3]         1.0000000000 
_pdbx_struct_oper_list.vector[3]            0.0000000000 
# 
loop_
_pdbx_struct_conn_angle.id 
_pdbx_struct_conn_angle.ptnr1_label_atom_id 
_pdbx_struct_conn_angle.ptnr1_label_alt_id 
_pdbx_struct_conn_angle.ptnr1_label_asym_id 
_pdbx_struct_conn_angle.ptnr1_label_comp_id 
_pdbx_struct_conn_angle.ptnr1_label_seq_id 
_pdbx_struct_conn_angle.ptnr1_auth_atom_id 
_pdbx_struct_conn_angle.ptnr1_auth_asym_id 
_pdbx_struct_conn_angle.ptnr1_auth_comp_id 
_pdbx_struct_conn_angle.ptnr1_auth_seq_id 
_pdbx_struct_conn_angle.ptnr1_PDB_ins_code 
_pdbx_struct_conn_angle.ptnr1_symmetry 
_pdbx_struct_conn_angle.ptnr2_label_atom_id 
_pdbx_struct_conn_angle.ptnr2_label_alt_id 
_pdbx_struct_conn_angle.ptnr2_label_asym_id 
_pdbx_struct_conn_angle.ptnr2_label_comp_id 
_pdbx_struct_conn_angle.ptnr2_label_seq_id 
_pdbx_struct_conn_angle.ptnr2_auth_atom_id 
_pdbx_struct_conn_angle.ptnr2_auth_asym_id 
_pdbx_struct_conn_angle.ptnr2_auth_comp_id 
_pdbx_struct_conn_angle.ptnr2_auth_seq_id 
_pdbx_struct_conn_angle.ptnr2_PDB_ins_code 
_pdbx_struct_conn_angle.ptnr2_symmetry 
_pdbx_struct_conn_angle.ptnr3_label_atom_id 
_pdbx_struct_conn_angle.ptnr3_label_alt_id 
_pdbx_struct_conn_angle.ptnr3_label_asym_id 
_pdbx_struct_conn_angle.ptnr3_label_comp_id 
_pdbx_struct_conn_angle.ptnr3_label_seq_id 
_pdbx_struct_conn_angle.ptnr3_auth_atom_id 
_pdbx_struct_conn_angle.ptnr3_auth_asym_id 
_pdbx_struct_conn_angle.ptnr3_auth_comp_id 
_pdbx_struct_conn_angle.ptnr3_auth_seq_id 
_pdbx_struct_conn_angle.ptnr3_PDB_ins_code 
_pdbx_struct_conn_angle.ptnr3_symmetry 
_pdbx_struct_conn_angle.value 
_pdbx_struct_conn_angle.value_esd 
1 NE2 ? A HIS 65 ? A HIS 64   ? 1_555 CU1 ? G CUS . ? A CUS 1001 ? 1_555 O2 ? G CUS . ? A CUS 1001 ? 1_555 93.4  ? 
2 NE2 ? A HIS 65 ? A HIS 64   ? 1_555 CU1 ? G CUS . ? A CUS 1001 ? 1_555 N1 ? G CUS . ? A CUS 1001 ? 1_555 171.5 ? 
3 O2  ? G CUS .  ? A CUS 1001 ? 1_555 CU1 ? G CUS . ? A CUS 1001 ? 1_555 N1 ? G CUS . ? A CUS 1001 ? 1_555 80.6  ? 
4 NE2 ? A HIS 65 ? A HIS 64   ? 1_555 CU1 ? G CUS . ? A CUS 1001 ? 1_555 O1 ? G CUS . ? A CUS 1001 ? 1_555 91.5  ? 
5 O2  ? G CUS .  ? A CUS 1001 ? 1_555 CU1 ? G CUS . ? A CUS 1001 ? 1_555 O1 ? G CUS . ? A CUS 1001 ? 1_555 172.8 ? 
6 N1  ? G CUS .  ? A CUS 1001 ? 1_555 CU1 ? G CUS . ? A CUS 1001 ? 1_555 O1 ? G CUS . ? A CUS 1001 ? 1_555 95.0  ? 
# 
loop_
_pdbx_audit_revision_history.ordinal 
_pdbx_audit_revision_history.data_content_type 
_pdbx_audit_revision_history.major_revision 
_pdbx_audit_revision_history.minor_revision 
_pdbx_audit_revision_history.revision_date 
1 'Structure model' 1 0 2007-07-03 
2 'Structure model' 1 1 2008-04-30 
3 'Structure model' 1 2 2011-07-13 
4 'Structure model' 1 3 2023-10-25 
# 
_pdbx_audit_revision_details.ordinal             1 
_pdbx_audit_revision_details.revision_ordinal    1 
_pdbx_audit_revision_details.data_content_type   'Structure model' 
_pdbx_audit_revision_details.provider            repository 
_pdbx_audit_revision_details.type                'Initial release' 
_pdbx_audit_revision_details.description         ? 
_pdbx_audit_revision_details.details             ? 
# 
loop_
_pdbx_audit_revision_group.ordinal 
_pdbx_audit_revision_group.revision_ordinal 
_pdbx_audit_revision_group.data_content_type 
_pdbx_audit_revision_group.group 
1 2 'Structure model' 'Version format compliance' 
2 3 'Structure model' 'Non-polymer description'   
3 3 'Structure model' 'Version format compliance' 
4 4 'Structure model' 'Data collection'           
5 4 'Structure model' 'Database references'       
6 4 'Structure model' 'Derived calculations'      
7 4 'Structure model' 'Refinement description'    
# 
loop_
_pdbx_audit_revision_category.ordinal 
_pdbx_audit_revision_category.revision_ordinal 
_pdbx_audit_revision_category.data_content_type 
_pdbx_audit_revision_category.category 
1 4 'Structure model' chem_comp_atom                
2 4 'Structure model' chem_comp_bond                
3 4 'Structure model' database_2                    
4 4 'Structure model' pdbx_initial_refinement_model 
5 4 'Structure model' struct_conn                   
6 4 'Structure model' struct_site                   
# 
loop_
_pdbx_audit_revision_item.ordinal 
_pdbx_audit_revision_item.revision_ordinal 
_pdbx_audit_revision_item.data_content_type 
_pdbx_audit_revision_item.item 
1  4 'Structure model' '_database_2.pdbx_DOI'                
2  4 'Structure model' '_database_2.pdbx_database_accession' 
3  4 'Structure model' '_struct_conn.ptnr1_auth_comp_id'     
4  4 'Structure model' '_struct_conn.ptnr1_auth_seq_id'      
5  4 'Structure model' '_struct_conn.ptnr1_label_asym_id'    
6  4 'Structure model' '_struct_conn.ptnr1_label_atom_id'    
7  4 'Structure model' '_struct_conn.ptnr1_label_comp_id'    
8  4 'Structure model' '_struct_conn.ptnr1_label_seq_id'     
9  4 'Structure model' '_struct_conn.ptnr2_auth_comp_id'     
10 4 'Structure model' '_struct_conn.ptnr2_auth_seq_id'      
11 4 'Structure model' '_struct_conn.ptnr2_label_asym_id'    
12 4 'Structure model' '_struct_conn.ptnr2_label_atom_id'    
13 4 'Structure model' '_struct_conn.ptnr2_label_comp_id'    
14 4 'Structure model' '_struct_conn.ptnr2_label_seq_id'     
15 4 'Structure model' '_struct_site.pdbx_auth_asym_id'      
16 4 'Structure model' '_struct_site.pdbx_auth_comp_id'      
17 4 'Structure model' '_struct_site.pdbx_auth_seq_id'       
# 
loop_
_software.name 
_software.classification 
_software.version 
_software.citation_id 
_software.pdbx_ordinal 
REFMAC    refinement       5.2.0005 ? 1 
DENZO     'data reduction' .        ? 2 
SCALEPACK 'data scaling'   .        ? 3 
MOLREP    phasing          .        ? 4 
# 
_pdbx_database_remark.id     650 
_pdbx_database_remark.text   
;HELIX
Determination method: Author determined
;
# 
_pdbx_validate_torsion.id              1 
_pdbx_validate_torsion.PDB_model_num   1 
_pdbx_validate_torsion.auth_comp_id    ASP 
_pdbx_validate_torsion.auth_asym_id    A 
_pdbx_validate_torsion.auth_seq_id     20 
_pdbx_validate_torsion.PDB_ins_code    ? 
_pdbx_validate_torsion.label_alt_id    ? 
_pdbx_validate_torsion.phi             -156.41 
_pdbx_validate_torsion.psi             70.06 
# 
loop_
_pdbx_unobs_or_zero_occ_residues.id 
_pdbx_unobs_or_zero_occ_residues.PDB_model_num 
_pdbx_unobs_or_zero_occ_residues.polymer_flag 
_pdbx_unobs_or_zero_occ_residues.occupancy_flag 
_pdbx_unobs_or_zero_occ_residues.auth_asym_id 
_pdbx_unobs_or_zero_occ_residues.auth_comp_id 
_pdbx_unobs_or_zero_occ_residues.auth_seq_id 
_pdbx_unobs_or_zero_occ_residues.PDB_ins_code 
_pdbx_unobs_or_zero_occ_residues.label_asym_id 
_pdbx_unobs_or_zero_occ_residues.label_comp_id 
_pdbx_unobs_or_zero_occ_residues.label_seq_id 
1 1 Y 1 A ALA 94 ? A ALA 95 
2 1 Y 1 A THR 95 ? A THR 96 
3 1 Y 1 A LYS 96 ? A LYS 97 
4 1 Y 1 A HIS 97 ? A HIS 98 
# 
loop_
_chem_comp_atom.comp_id 
_chem_comp_atom.atom_id 
_chem_comp_atom.type_symbol 
_chem_comp_atom.pdbx_aromatic_flag 
_chem_comp_atom.pdbx_stereo_config 
_chem_comp_atom.pdbx_ordinal 
ALA N    N  N N 1   
ALA CA   C  N S 2   
ALA C    C  N N 3   
ALA O    O  N N 4   
ALA CB   C  N N 5   
ALA OXT  O  N N 6   
ALA H    H  N N 7   
ALA H2   H  N N 8   
ALA HA   H  N N 9   
ALA HB1  H  N N 10  
ALA HB2  H  N N 11  
ALA HB3  H  N N 12  
ALA HXT  H  N N 13  
ARG N    N  N N 14  
ARG CA   C  N S 15  
ARG C    C  N N 16  
ARG O    O  N N 17  
ARG CB   C  N N 18  
ARG CG   C  N N 19  
ARG CD   C  N N 20  
ARG NE   N  N N 21  
ARG CZ   C  N N 22  
ARG NH1  N  N N 23  
ARG NH2  N  N N 24  
ARG OXT  O  N N 25  
ARG H    H  N N 26  
ARG H2   H  N N 27  
ARG HA   H  N N 28  
ARG HB2  H  N N 29  
ARG HB3  H  N N 30  
ARG HG2  H  N N 31  
ARG HG3  H  N N 32  
ARG HD2  H  N N 33  
ARG HD3  H  N N 34  
ARG HE   H  N N 35  
ARG HH11 H  N N 36  
ARG HH12 H  N N 37  
ARG HH21 H  N N 38  
ARG HH22 H  N N 39  
ARG HXT  H  N N 40  
ASN N    N  N N 41  
ASN CA   C  N S 42  
ASN C    C  N N 43  
ASN O    O  N N 44  
ASN CB   C  N N 45  
ASN CG   C  N N 46  
ASN OD1  O  N N 47  
ASN ND2  N  N N 48  
ASN OXT  O  N N 49  
ASN H    H  N N 50  
ASN H2   H  N N 51  
ASN HA   H  N N 52  
ASN HB2  H  N N 53  
ASN HB3  H  N N 54  
ASN HD21 H  N N 55  
ASN HD22 H  N N 56  
ASN HXT  H  N N 57  
ASP N    N  N N 58  
ASP CA   C  N S 59  
ASP C    C  N N 60  
ASP O    O  N N 61  
ASP CB   C  N N 62  
ASP CG   C  N N 63  
ASP OD1  O  N N 64  
ASP OD2  O  N N 65  
ASP OXT  O  N N 66  
ASP H    H  N N 67  
ASP H2   H  N N 68  
ASP HA   H  N N 69  
ASP HB2  H  N N 70  
ASP HB3  H  N N 71  
ASP HD2  H  N N 72  
ASP HXT  H  N N 73  
CUS O2   O  N N 74  
CUS C8   C  N N 75  
CUS O3   O  N N 76  
CUS C9   C  N S 77  
CUS C10  C  N N 78  
CUS C11  C  N N 79  
CUS C16  C  N N 80  
CUS C12  C  N N 81  
CUS N1   N  N N 82  
CUS CU1  CU N N 83  
CUS C1   C  N N 84  
CUS C2   C  Y N 85  
CUS C7   C  Y N 86  
CUS O1   O  N N 87  
CUS C6   C  Y N 88  
CUS C5   C  Y N 89  
CUS C4   C  Y N 90  
CUS C3   C  Y N 91  
CUS H5   H  N N 92  
CUS H4   H  N N 93  
CUS H3   H  N N 94  
CUS H1   H  N N 95  
CUS H9   H  N N 96  
CUS H101 H  N N 97  
CUS H102 H  N N 98  
CUS H11  H  N N 99  
CUS H161 H  N N 100 
CUS H162 H  N N 101 
CUS H163 H  N N 102 
CUS H121 H  N N 103 
CUS H122 H  N N 104 
CUS H123 H  N N 105 
CUS H6   H  N N 106 
GLN N    N  N N 107 
GLN CA   C  N S 108 
GLN C    C  N N 109 
GLN O    O  N N 110 
GLN CB   C  N N 111 
GLN CG   C  N N 112 
GLN CD   C  N N 113 
GLN OE1  O  N N 114 
GLN NE2  N  N N 115 
GLN OXT  O  N N 116 
GLN H    H  N N 117 
GLN H2   H  N N 118 
GLN HA   H  N N 119 
GLN HB2  H  N N 120 
GLN HB3  H  N N 121 
GLN HG2  H  N N 122 
GLN HG3  H  N N 123 
GLN HE21 H  N N 124 
GLN HE22 H  N N 125 
GLN HXT  H  N N 126 
GLU N    N  N N 127 
GLU CA   C  N S 128 
GLU C    C  N N 129 
GLU O    O  N N 130 
GLU CB   C  N N 131 
GLU CG   C  N N 132 
GLU CD   C  N N 133 
GLU OE1  O  N N 134 
GLU OE2  O  N N 135 
GLU OXT  O  N N 136 
GLU H    H  N N 137 
GLU H2   H  N N 138 
GLU HA   H  N N 139 
GLU HB2  H  N N 140 
GLU HB3  H  N N 141 
GLU HG2  H  N N 142 
GLU HG3  H  N N 143 
GLU HE2  H  N N 144 
GLU HXT  H  N N 145 
GLY N    N  N N 146 
GLY CA   C  N N 147 
GLY C    C  N N 148 
GLY O    O  N N 149 
GLY OXT  O  N N 150 
GLY H    H  N N 151 
GLY H2   H  N N 152 
GLY HA2  H  N N 153 
GLY HA3  H  N N 154 
GLY HXT  H  N N 155 
GOL C1   C  N N 156 
GOL O1   O  N N 157 
GOL C2   C  N N 158 
GOL O2   O  N N 159 
GOL C3   C  N N 160 
GOL O3   O  N N 161 
GOL H11  H  N N 162 
GOL H12  H  N N 163 
GOL HO1  H  N N 164 
GOL H2   H  N N 165 
GOL HO2  H  N N 166 
GOL H31  H  N N 167 
GOL H32  H  N N 168 
GOL HO3  H  N N 169 
HIS N    N  N N 170 
HIS CA   C  N S 171 
HIS C    C  N N 172 
HIS O    O  N N 173 
HIS CB   C  N N 174 
HIS CG   C  Y N 175 
HIS ND1  N  Y N 176 
HIS CD2  C  Y N 177 
HIS CE1  C  Y N 178 
HIS NE2  N  Y N 179 
HIS OXT  O  N N 180 
HIS H    H  N N 181 
HIS H2   H  N N 182 
HIS HA   H  N N 183 
HIS HB2  H  N N 184 
HIS HB3  H  N N 185 
HIS HD1  H  N N 186 
HIS HD2  H  N N 187 
HIS HE1  H  N N 188 
HIS HE2  H  N N 189 
HIS HXT  H  N N 190 
HOH O    O  N N 191 
HOH H1   H  N N 192 
HOH H2   H  N N 193 
ILE N    N  N N 194 
ILE CA   C  N S 195 
ILE C    C  N N 196 
ILE O    O  N N 197 
ILE CB   C  N S 198 
ILE CG1  C  N N 199 
ILE CG2  C  N N 200 
ILE CD1  C  N N 201 
ILE OXT  O  N N 202 
ILE H    H  N N 203 
ILE H2   H  N N 204 
ILE HA   H  N N 205 
ILE HB   H  N N 206 
ILE HG12 H  N N 207 
ILE HG13 H  N N 208 
ILE HG21 H  N N 209 
ILE HG22 H  N N 210 
ILE HG23 H  N N 211 
ILE HD11 H  N N 212 
ILE HD12 H  N N 213 
ILE HD13 H  N N 214 
ILE HXT  H  N N 215 
LEU N    N  N N 216 
LEU CA   C  N S 217 
LEU C    C  N N 218 
LEU O    O  N N 219 
LEU CB   C  N N 220 
LEU CG   C  N N 221 
LEU CD1  C  N N 222 
LEU CD2  C  N N 223 
LEU OXT  O  N N 224 
LEU H    H  N N 225 
LEU H2   H  N N 226 
LEU HA   H  N N 227 
LEU HB2  H  N N 228 
LEU HB3  H  N N 229 
LEU HG   H  N N 230 
LEU HD11 H  N N 231 
LEU HD12 H  N N 232 
LEU HD13 H  N N 233 
LEU HD21 H  N N 234 
LEU HD22 H  N N 235 
LEU HD23 H  N N 236 
LEU HXT  H  N N 237 
LYS N    N  N N 238 
LYS CA   C  N S 239 
LYS C    C  N N 240 
LYS O    O  N N 241 
LYS CB   C  N N 242 
LYS CG   C  N N 243 
LYS CD   C  N N 244 
LYS CE   C  N N 245 
LYS NZ   N  N N 246 
LYS OXT  O  N N 247 
LYS H    H  N N 248 
LYS H2   H  N N 249 
LYS HA   H  N N 250 
LYS HB2  H  N N 251 
LYS HB3  H  N N 252 
LYS HG2  H  N N 253 
LYS HG3  H  N N 254 
LYS HD2  H  N N 255 
LYS HD3  H  N N 256 
LYS HE2  H  N N 257 
LYS HE3  H  N N 258 
LYS HZ1  H  N N 259 
LYS HZ2  H  N N 260 
LYS HZ3  H  N N 261 
LYS HXT  H  N N 262 
MET N    N  N N 263 
MET CA   C  N S 264 
MET C    C  N N 265 
MET O    O  N N 266 
MET CB   C  N N 267 
MET CG   C  N N 268 
MET SD   S  N N 269 
MET CE   C  N N 270 
MET OXT  O  N N 271 
MET H    H  N N 272 
MET H2   H  N N 273 
MET HA   H  N N 274 
MET HB2  H  N N 275 
MET HB3  H  N N 276 
MET HG2  H  N N 277 
MET HG3  H  N N 278 
MET HE1  H  N N 279 
MET HE2  H  N N 280 
MET HE3  H  N N 281 
MET HXT  H  N N 282 
PHE N    N  N N 283 
PHE CA   C  N S 284 
PHE C    C  N N 285 
PHE O    O  N N 286 
PHE CB   C  N N 287 
PHE CG   C  Y N 288 
PHE CD1  C  Y N 289 
PHE CD2  C  Y N 290 
PHE CE1  C  Y N 291 
PHE CE2  C  Y N 292 
PHE CZ   C  Y N 293 
PHE OXT  O  N N 294 
PHE H    H  N N 295 
PHE H2   H  N N 296 
PHE HA   H  N N 297 
PHE HB2  H  N N 298 
PHE HB3  H  N N 299 
PHE HD1  H  N N 300 
PHE HD2  H  N N 301 
PHE HE1  H  N N 302 
PHE HE2  H  N N 303 
PHE HZ   H  N N 304 
PHE HXT  H  N N 305 
PO4 P    P  N N 306 
PO4 O1   O  N N 307 
PO4 O2   O  N N 308 
PO4 O3   O  N N 309 
PO4 O4   O  N N 310 
PRO N    N  N N 311 
PRO CA   C  N S 312 
PRO C    C  N N 313 
PRO O    O  N N 314 
PRO CB   C  N N 315 
PRO CG   C  N N 316 
PRO CD   C  N N 317 
PRO OXT  O  N N 318 
PRO H    H  N N 319 
PRO HA   H  N N 320 
PRO HB2  H  N N 321 
PRO HB3  H  N N 322 
PRO HG2  H  N N 323 
PRO HG3  H  N N 324 
PRO HD2  H  N N 325 
PRO HD3  H  N N 326 
PRO HXT  H  N N 327 
SER N    N  N N 328 
SER CA   C  N S 329 
SER C    C  N N 330 
SER O    O  N N 331 
SER CB   C  N N 332 
SER OG   O  N N 333 
SER OXT  O  N N 334 
SER H    H  N N 335 
SER H2   H  N N 336 
SER HA   H  N N 337 
SER HB2  H  N N 338 
SER HB3  H  N N 339 
SER HG   H  N N 340 
SER HXT  H  N N 341 
THR N    N  N N 342 
THR CA   C  N S 343 
THR C    C  N N 344 
THR O    O  N N 345 
THR CB   C  N R 346 
THR OG1  O  N N 347 
THR CG2  C  N N 348 
THR OXT  O  N N 349 
THR H    H  N N 350 
THR H2   H  N N 351 
THR HA   H  N N 352 
THR HB   H  N N 353 
THR HG1  H  N N 354 
THR HG21 H  N N 355 
THR HG22 H  N N 356 
THR HG23 H  N N 357 
THR HXT  H  N N 358 
TRP N    N  N N 359 
TRP CA   C  N S 360 
TRP C    C  N N 361 
TRP O    O  N N 362 
TRP CB   C  N N 363 
TRP CG   C  Y N 364 
TRP CD1  C  Y N 365 
TRP CD2  C  Y N 366 
TRP NE1  N  Y N 367 
TRP CE2  C  Y N 368 
TRP CE3  C  Y N 369 
TRP CZ2  C  Y N 370 
TRP CZ3  C  Y N 371 
TRP CH2  C  Y N 372 
TRP OXT  O  N N 373 
TRP H    H  N N 374 
TRP H2   H  N N 375 
TRP HA   H  N N 376 
TRP HB2  H  N N 377 
TRP HB3  H  N N 378 
TRP HD1  H  N N 379 
TRP HE1  H  N N 380 
TRP HE3  H  N N 381 
TRP HZ2  H  N N 382 
TRP HZ3  H  N N 383 
TRP HH2  H  N N 384 
TRP HXT  H  N N 385 
TYR N    N  N N 386 
TYR CA   C  N S 387 
TYR C    C  N N 388 
TYR O    O  N N 389 
TYR CB   C  N N 390 
TYR CG   C  Y N 391 
TYR CD1  C  Y N 392 
TYR CD2  C  Y N 393 
TYR CE1  C  Y N 394 
TYR CE2  C  Y N 395 
TYR CZ   C  Y N 396 
TYR OH   O  N N 397 
TYR OXT  O  N N 398 
TYR H    H  N N 399 
TYR H2   H  N N 400 
TYR HA   H  N N 401 
TYR HB2  H  N N 402 
TYR HB3  H  N N 403 
TYR HD1  H  N N 404 
TYR HD2  H  N N 405 
TYR HE1  H  N N 406 
TYR HE2  H  N N 407 
TYR HH   H  N N 408 
TYR HXT  H  N N 409 
VAL N    N  N N 410 
VAL CA   C  N S 411 
VAL C    C  N N 412 
VAL O    O  N N 413 
VAL CB   C  N N 414 
VAL CG1  C  N N 415 
VAL CG2  C  N N 416 
VAL OXT  O  N N 417 
VAL H    H  N N 418 
VAL H2   H  N N 419 
VAL HA   H  N N 420 
VAL HB   H  N N 421 
VAL HG11 H  N N 422 
VAL HG12 H  N N 423 
VAL HG13 H  N N 424 
VAL HG21 H  N N 425 
VAL HG22 H  N N 426 
VAL HG23 H  N N 427 
VAL HXT  H  N N 428 
# 
loop_
_chem_comp_bond.comp_id 
_chem_comp_bond.atom_id_1 
_chem_comp_bond.atom_id_2 
_chem_comp_bond.value_order 
_chem_comp_bond.pdbx_aromatic_flag 
_chem_comp_bond.pdbx_stereo_config 
_chem_comp_bond.pdbx_ordinal 
ALA N   CA   sing N N 1   
ALA N   H    sing N N 2   
ALA N   H2   sing N N 3   
ALA CA  C    sing N N 4   
ALA CA  CB   sing N N 5   
ALA CA  HA   sing N N 6   
ALA C   O    doub N N 7   
ALA C   OXT  sing N N 8   
ALA CB  HB1  sing N N 9   
ALA CB  HB2  sing N N 10  
ALA CB  HB3  sing N N 11  
ALA OXT HXT  sing N N 12  
ARG N   CA   sing N N 13  
ARG N   H    sing N N 14  
ARG N   H2   sing N N 15  
ARG CA  C    sing N N 16  
ARG CA  CB   sing N N 17  
ARG CA  HA   sing N N 18  
ARG C   O    doub N N 19  
ARG C   OXT  sing N N 20  
ARG CB  CG   sing N N 21  
ARG CB  HB2  sing N N 22  
ARG CB  HB3  sing N N 23  
ARG CG  CD   sing N N 24  
ARG CG  HG2  sing N N 25  
ARG CG  HG3  sing N N 26  
ARG CD  NE   sing N N 27  
ARG CD  HD2  sing N N 28  
ARG CD  HD3  sing N N 29  
ARG NE  CZ   sing N N 30  
ARG NE  HE   sing N N 31  
ARG CZ  NH1  sing N N 32  
ARG CZ  NH2  doub N N 33  
ARG NH1 HH11 sing N N 34  
ARG NH1 HH12 sing N N 35  
ARG NH2 HH21 sing N N 36  
ARG NH2 HH22 sing N N 37  
ARG OXT HXT  sing N N 38  
ASN N   CA   sing N N 39  
ASN N   H    sing N N 40  
ASN N   H2   sing N N 41  
ASN CA  C    sing N N 42  
ASN CA  CB   sing N N 43  
ASN CA  HA   sing N N 44  
ASN C   O    doub N N 45  
ASN C   OXT  sing N N 46  
ASN CB  CG   sing N N 47  
ASN CB  HB2  sing N N 48  
ASN CB  HB3  sing N N 49  
ASN CG  OD1  doub N N 50  
ASN CG  ND2  sing N N 51  
ASN ND2 HD21 sing N N 52  
ASN ND2 HD22 sing N N 53  
ASN OXT HXT  sing N N 54  
ASP N   CA   sing N N 55  
ASP N   H    sing N N 56  
ASP N   H2   sing N N 57  
ASP CA  C    sing N N 58  
ASP CA  CB   sing N N 59  
ASP CA  HA   sing N N 60  
ASP C   O    doub N N 61  
ASP C   OXT  sing N N 62  
ASP CB  CG   sing N N 63  
ASP CB  HB2  sing N N 64  
ASP CB  HB3  sing N N 65  
ASP CG  OD1  doub N N 66  
ASP CG  OD2  sing N N 67  
ASP OD2 HD2  sing N N 68  
ASP OXT HXT  sing N N 69  
CUS O2  CU1  sing N N 70  
CUS O2  C8   sing N N 71  
CUS C8  O3   doub N N 72  
CUS C8  C9   sing N N 73  
CUS C9  N1   sing N N 74  
CUS C9  H9   sing N N 75  
CUS C9  C10  sing N N 76  
CUS C10 H101 sing N N 77  
CUS C10 H102 sing N N 78  
CUS C10 C11  sing N N 79  
CUS C11 H11  sing N N 80  
CUS C11 C16  sing N N 81  
CUS C11 C12  sing N N 82  
CUS C16 H161 sing N N 83  
CUS C16 H162 sing N N 84  
CUS C16 H163 sing N N 85  
CUS C12 H121 sing N N 86  
CUS C12 H122 sing N N 87  
CUS C12 H123 sing N N 88  
CUS N1  C1   doub N N 89  
CUS N1  CU1  sing N N 90  
CUS CU1 O1   sing N N 91  
CUS C1  C2   sing N N 92  
CUS C1  H1   sing N N 93  
CUS C2  C3   doub Y N 94  
CUS C2  C7   sing Y N 95  
CUS C7  O1   sing N N 96  
CUS C7  C6   doub Y N 97  
CUS C6  C5   sing Y N 98  
CUS C6  H6   sing N N 99  
CUS C5  H5   sing N N 100 
CUS C5  C4   doub Y N 101 
CUS C4  H4   sing N N 102 
CUS C4  C3   sing Y N 103 
CUS C3  H3   sing N N 104 
GLN N   CA   sing N N 105 
GLN N   H    sing N N 106 
GLN N   H2   sing N N 107 
GLN CA  C    sing N N 108 
GLN CA  CB   sing N N 109 
GLN CA  HA   sing N N 110 
GLN C   O    doub N N 111 
GLN C   OXT  sing N N 112 
GLN CB  CG   sing N N 113 
GLN CB  HB2  sing N N 114 
GLN CB  HB3  sing N N 115 
GLN CG  CD   sing N N 116 
GLN CG  HG2  sing N N 117 
GLN CG  HG3  sing N N 118 
GLN CD  OE1  doub N N 119 
GLN CD  NE2  sing N N 120 
GLN NE2 HE21 sing N N 121 
GLN NE2 HE22 sing N N 122 
GLN OXT HXT  sing N N 123 
GLU N   CA   sing N N 124 
GLU N   H    sing N N 125 
GLU N   H2   sing N N 126 
GLU CA  C    sing N N 127 
GLU CA  CB   sing N N 128 
GLU CA  HA   sing N N 129 
GLU C   O    doub N N 130 
GLU C   OXT  sing N N 131 
GLU CB  CG   sing N N 132 
GLU CB  HB2  sing N N 133 
GLU CB  HB3  sing N N 134 
GLU CG  CD   sing N N 135 
GLU CG  HG2  sing N N 136 
GLU CG  HG3  sing N N 137 
GLU CD  OE1  doub N N 138 
GLU CD  OE2  sing N N 139 
GLU OE2 HE2  sing N N 140 
GLU OXT HXT  sing N N 141 
GLY N   CA   sing N N 142 
GLY N   H    sing N N 143 
GLY N   H2   sing N N 144 
GLY CA  C    sing N N 145 
GLY CA  HA2  sing N N 146 
GLY CA  HA3  sing N N 147 
GLY C   O    doub N N 148 
GLY C   OXT  sing N N 149 
GLY OXT HXT  sing N N 150 
GOL C1  O1   sing N N 151 
GOL C1  C2   sing N N 152 
GOL C1  H11  sing N N 153 
GOL C1  H12  sing N N 154 
GOL O1  HO1  sing N N 155 
GOL C2  O2   sing N N 156 
GOL C2  C3   sing N N 157 
GOL C2  H2   sing N N 158 
GOL O2  HO2  sing N N 159 
GOL C3  O3   sing N N 160 
GOL C3  H31  sing N N 161 
GOL C3  H32  sing N N 162 
GOL O3  HO3  sing N N 163 
HIS N   CA   sing N N 164 
HIS N   H    sing N N 165 
HIS N   H2   sing N N 166 
HIS CA  C    sing N N 167 
HIS CA  CB   sing N N 168 
HIS CA  HA   sing N N 169 
HIS C   O    doub N N 170 
HIS C   OXT  sing N N 171 
HIS CB  CG   sing N N 172 
HIS CB  HB2  sing N N 173 
HIS CB  HB3  sing N N 174 
HIS CG  ND1  sing Y N 175 
HIS CG  CD2  doub Y N 176 
HIS ND1 CE1  doub Y N 177 
HIS ND1 HD1  sing N N 178 
HIS CD2 NE2  sing Y N 179 
HIS CD2 HD2  sing N N 180 
HIS CE1 NE2  sing Y N 181 
HIS CE1 HE1  sing N N 182 
HIS NE2 HE2  sing N N 183 
HIS OXT HXT  sing N N 184 
HOH O   H1   sing N N 185 
HOH O   H2   sing N N 186 
ILE N   CA   sing N N 187 
ILE N   H    sing N N 188 
ILE N   H2   sing N N 189 
ILE CA  C    sing N N 190 
ILE CA  CB   sing N N 191 
ILE CA  HA   sing N N 192 
ILE C   O    doub N N 193 
ILE C   OXT  sing N N 194 
ILE CB  CG1  sing N N 195 
ILE CB  CG2  sing N N 196 
ILE CB  HB   sing N N 197 
ILE CG1 CD1  sing N N 198 
ILE CG1 HG12 sing N N 199 
ILE CG1 HG13 sing N N 200 
ILE CG2 HG21 sing N N 201 
ILE CG2 HG22 sing N N 202 
ILE CG2 HG23 sing N N 203 
ILE CD1 HD11 sing N N 204 
ILE CD1 HD12 sing N N 205 
ILE CD1 HD13 sing N N 206 
ILE OXT HXT  sing N N 207 
LEU N   CA   sing N N 208 
LEU N   H    sing N N 209 
LEU N   H2   sing N N 210 
LEU CA  C    sing N N 211 
LEU CA  CB   sing N N 212 
LEU CA  HA   sing N N 213 
LEU C   O    doub N N 214 
LEU C   OXT  sing N N 215 
LEU CB  CG   sing N N 216 
LEU CB  HB2  sing N N 217 
LEU CB  HB3  sing N N 218 
LEU CG  CD1  sing N N 219 
LEU CG  CD2  sing N N 220 
LEU CG  HG   sing N N 221 
LEU CD1 HD11 sing N N 222 
LEU CD1 HD12 sing N N 223 
LEU CD1 HD13 sing N N 224 
LEU CD2 HD21 sing N N 225 
LEU CD2 HD22 sing N N 226 
LEU CD2 HD23 sing N N 227 
LEU OXT HXT  sing N N 228 
LYS N   CA   sing N N 229 
LYS N   H    sing N N 230 
LYS N   H2   sing N N 231 
LYS CA  C    sing N N 232 
LYS CA  CB   sing N N 233 
LYS CA  HA   sing N N 234 
LYS C   O    doub N N 235 
LYS C   OXT  sing N N 236 
LYS CB  CG   sing N N 237 
LYS CB  HB2  sing N N 238 
LYS CB  HB3  sing N N 239 
LYS CG  CD   sing N N 240 
LYS CG  HG2  sing N N 241 
LYS CG  HG3  sing N N 242 
LYS CD  CE   sing N N 243 
LYS CD  HD2  sing N N 244 
LYS CD  HD3  sing N N 245 
LYS CE  NZ   sing N N 246 
LYS CE  HE2  sing N N 247 
LYS CE  HE3  sing N N 248 
LYS NZ  HZ1  sing N N 249 
LYS NZ  HZ2  sing N N 250 
LYS NZ  HZ3  sing N N 251 
LYS OXT HXT  sing N N 252 
MET N   CA   sing N N 253 
MET N   H    sing N N 254 
MET N   H2   sing N N 255 
MET CA  C    sing N N 256 
MET CA  CB   sing N N 257 
MET CA  HA   sing N N 258 
MET C   O    doub N N 259 
MET C   OXT  sing N N 260 
MET CB  CG   sing N N 261 
MET CB  HB2  sing N N 262 
MET CB  HB3  sing N N 263 
MET CG  SD   sing N N 264 
MET CG  HG2  sing N N 265 
MET CG  HG3  sing N N 266 
MET SD  CE   sing N N 267 
MET CE  HE1  sing N N 268 
MET CE  HE2  sing N N 269 
MET CE  HE3  sing N N 270 
MET OXT HXT  sing N N 271 
PHE N   CA   sing N N 272 
PHE N   H    sing N N 273 
PHE N   H2   sing N N 274 
PHE CA  C    sing N N 275 
PHE CA  CB   sing N N 276 
PHE CA  HA   sing N N 277 
PHE C   O    doub N N 278 
PHE C   OXT  sing N N 279 
PHE CB  CG   sing N N 280 
PHE CB  HB2  sing N N 281 
PHE CB  HB3  sing N N 282 
PHE CG  CD1  doub Y N 283 
PHE CG  CD2  sing Y N 284 
PHE CD1 CE1  sing Y N 285 
PHE CD1 HD1  sing N N 286 
PHE CD2 CE2  doub Y N 287 
PHE CD2 HD2  sing N N 288 
PHE CE1 CZ   doub Y N 289 
PHE CE1 HE1  sing N N 290 
PHE CE2 CZ   sing Y N 291 
PHE CE2 HE2  sing N N 292 
PHE CZ  HZ   sing N N 293 
PHE OXT HXT  sing N N 294 
PO4 P   O1   doub N N 295 
PO4 P   O2   sing N N 296 
PO4 P   O3   sing N N 297 
PO4 P   O4   sing N N 298 
PRO N   CA   sing N N 299 
PRO N   CD   sing N N 300 
PRO N   H    sing N N 301 
PRO CA  C    sing N N 302 
PRO CA  CB   sing N N 303 
PRO CA  HA   sing N N 304 
PRO C   O    doub N N 305 
PRO C   OXT  sing N N 306 
PRO CB  CG   sing N N 307 
PRO CB  HB2  sing N N 308 
PRO CB  HB3  sing N N 309 
PRO CG  CD   sing N N 310 
PRO CG  HG2  sing N N 311 
PRO CG  HG3  sing N N 312 
PRO CD  HD2  sing N N 313 
PRO CD  HD3  sing N N 314 
PRO OXT HXT  sing N N 315 
SER N   CA   sing N N 316 
SER N   H    sing N N 317 
SER N   H2   sing N N 318 
SER CA  C    sing N N 319 
SER CA  CB   sing N N 320 
SER CA  HA   sing N N 321 
SER C   O    doub N N 322 
SER C   OXT  sing N N 323 
SER CB  OG   sing N N 324 
SER CB  HB2  sing N N 325 
SER CB  HB3  sing N N 326 
SER OG  HG   sing N N 327 
SER OXT HXT  sing N N 328 
THR N   CA   sing N N 329 
THR N   H    sing N N 330 
THR N   H2   sing N N 331 
THR CA  C    sing N N 332 
THR CA  CB   sing N N 333 
THR CA  HA   sing N N 334 
THR C   O    doub N N 335 
THR C   OXT  sing N N 336 
THR CB  OG1  sing N N 337 
THR CB  CG2  sing N N 338 
THR CB  HB   sing N N 339 
THR OG1 HG1  sing N N 340 
THR CG2 HG21 sing N N 341 
THR CG2 HG22 sing N N 342 
THR CG2 HG23 sing N N 343 
THR OXT HXT  sing N N 344 
TRP N   CA   sing N N 345 
TRP N   H    sing N N 346 
TRP N   H2   sing N N 347 
TRP CA  C    sing N N 348 
TRP CA  CB   sing N N 349 
TRP CA  HA   sing N N 350 
TRP C   O    doub N N 351 
TRP C   OXT  sing N N 352 
TRP CB  CG   sing N N 353 
TRP CB  HB2  sing N N 354 
TRP CB  HB3  sing N N 355 
TRP CG  CD1  doub Y N 356 
TRP CG  CD2  sing Y N 357 
TRP CD1 NE1  sing Y N 358 
TRP CD1 HD1  sing N N 359 
TRP CD2 CE2  doub Y N 360 
TRP CD2 CE3  sing Y N 361 
TRP NE1 CE2  sing Y N 362 
TRP NE1 HE1  sing N N 363 
TRP CE2 CZ2  sing Y N 364 
TRP CE3 CZ3  doub Y N 365 
TRP CE3 HE3  sing N N 366 
TRP CZ2 CH2  doub Y N 367 
TRP CZ2 HZ2  sing N N 368 
TRP CZ3 CH2  sing Y N 369 
TRP CZ3 HZ3  sing N N 370 
TRP CH2 HH2  sing N N 371 
TRP OXT HXT  sing N N 372 
TYR N   CA   sing N N 373 
TYR N   H    sing N N 374 
TYR N   H2   sing N N 375 
TYR CA  C    sing N N 376 
TYR CA  CB   sing N N 377 
TYR CA  HA   sing N N 378 
TYR C   O    doub N N 379 
TYR C   OXT  sing N N 380 
TYR CB  CG   sing N N 381 
TYR CB  HB2  sing N N 382 
TYR CB  HB3  sing N N 383 
TYR CG  CD1  doub Y N 384 
TYR CG  CD2  sing Y N 385 
TYR CD1 CE1  sing Y N 386 
TYR CD1 HD1  sing N N 387 
TYR CD2 CE2  doub Y N 388 
TYR CD2 HD2  sing N N 389 
TYR CE1 CZ   doub Y N 390 
TYR CE1 HE1  sing N N 391 
TYR CE2 CZ   sing Y N 392 
TYR CE2 HE2  sing N N 393 
TYR CZ  OH   sing N N 394 
TYR OH  HH   sing N N 395 
TYR OXT HXT  sing N N 396 
VAL N   CA   sing N N 397 
VAL N   H    sing N N 398 
VAL N   H2   sing N N 399 
VAL CA  C    sing N N 400 
VAL CA  CB   sing N N 401 
VAL CA  HA   sing N N 402 
VAL C   O    doub N N 403 
VAL C   OXT  sing N N 404 
VAL CB  CG1  sing N N 405 
VAL CB  CG2  sing N N 406 
VAL CB  HB   sing N N 407 
VAL CG1 HG11 sing N N 408 
VAL CG1 HG12 sing N N 409 
VAL CG1 HG13 sing N N 410 
VAL CG2 HG21 sing N N 411 
VAL CG2 HG22 sing N N 412 
VAL CG2 HG23 sing N N 413 
VAL OXT HXT  sing N N 414 
# 
loop_
_pdbx_entity_nonpoly.entity_id 
_pdbx_entity_nonpoly.name 
_pdbx_entity_nonpoly.comp_id 
2 'PHOSPHATE ION'                          PO4 
3 '(N-SALICYLIDEN-L-LEUCINATO)-COPPER(II)' CUS 
4 GLYCEROL                                 GOL 
5 water                                    HOH 
# 
_pdbx_initial_refinement_model.id               1 
_pdbx_initial_refinement_model.entity_id_list   ? 
_pdbx_initial_refinement_model.type             'experimental model' 
_pdbx_initial_refinement_model.source_name      PDB 
_pdbx_initial_refinement_model.accession_code   1V9Q 
_pdbx_initial_refinement_model.details          ? 
# 
